data_4P9V
# 
_entry.id   4P9V 
# 
_audit_conform.dict_name       mmcif_pdbx.dic 
_audit_conform.dict_version    5.398 
_audit_conform.dict_location   http://mmcif.pdb.org/dictionaries/ascii/mmcif_pdbx.dic 
# 
loop_
_database_2.database_id 
_database_2.database_code 
_database_2.pdbx_database_accession 
_database_2.pdbx_DOI 
PDB   4P9V         pdb_00004p9v 10.2210/pdb4p9v/pdb 
WWPDB D_1000200998 ?            ?                   
# 
loop_
_pdbx_audit_revision_history.ordinal 
_pdbx_audit_revision_history.data_content_type 
_pdbx_audit_revision_history.major_revision 
_pdbx_audit_revision_history.minor_revision 
_pdbx_audit_revision_history.revision_date 
1 'Structure model' 1 0 2014-06-18 
2 'Structure model' 1 1 2014-07-16 
3 'Structure model' 1 2 2014-12-24 
4 'Structure model' 1 3 2017-08-09 
5 'Structure model' 1 4 2017-09-27 
6 'Structure model' 1 5 2019-11-27 
7 'Structure model' 1 6 2023-09-27 
8 'Structure model' 1 7 2023-11-15 
9 'Structure model' 1 8 2024-11-13 
# 
_pdbx_audit_revision_details.ordinal             1 
_pdbx_audit_revision_details.revision_ordinal    1 
_pdbx_audit_revision_details.data_content_type   'Structure model' 
_pdbx_audit_revision_details.provider            repository 
_pdbx_audit_revision_details.type                'Initial release' 
_pdbx_audit_revision_details.description         ? 
_pdbx_audit_revision_details.details             ? 
# 
loop_
_pdbx_audit_revision_group.ordinal 
_pdbx_audit_revision_group.revision_ordinal 
_pdbx_audit_revision_group.data_content_type 
_pdbx_audit_revision_group.group 
1  2 'Structure model' 'Database references'        
2  3 'Structure model' 'Database references'        
3  4 'Structure model' 'Database references'        
4  4 'Structure model' 'Derived calculations'       
5  4 'Structure model' Other                        
6  4 'Structure model' 'Source and taxonomy'        
7  5 'Structure model' 'Author supporting evidence' 
8  6 'Structure model' 'Author supporting evidence' 
9  7 'Structure model' 'Data collection'            
10 7 'Structure model' 'Database references'        
11 7 'Structure model' 'Refinement description'     
12 8 'Structure model' 'Data collection'            
13 9 'Structure model' 'Structure summary'          
# 
loop_
_pdbx_audit_revision_category.ordinal 
_pdbx_audit_revision_category.revision_ordinal 
_pdbx_audit_revision_category.data_content_type 
_pdbx_audit_revision_category.category 
1  4 'Structure model' citation                      
2  4 'Structure model' entity_src_gen                
3  4 'Structure model' pdbx_database_status          
4  4 'Structure model' pdbx_entity_src_syn           
5  4 'Structure model' pdbx_struct_oper_list         
6  5 'Structure model' pdbx_audit_support            
7  6 'Structure model' pdbx_audit_support            
8  7 'Structure model' chem_comp_atom                
9  7 'Structure model' chem_comp_bond                
10 7 'Structure model' database_2                    
11 7 'Structure model' pdbx_initial_refinement_model 
12 7 'Structure model' refine_hist                   
13 8 'Structure model' chem_comp_atom                
14 8 'Structure model' chem_comp_bond                
15 9 'Structure model' pdbx_entry_details            
16 9 'Structure model' pdbx_modification_feature     
# 
loop_
_pdbx_audit_revision_item.ordinal 
_pdbx_audit_revision_item.revision_ordinal 
_pdbx_audit_revision_item.data_content_type 
_pdbx_audit_revision_item.item 
1  4 'Structure model' '_citation.journal_id_CSD'                    
2  4 'Structure model' '_entity_src_gen.pdbx_alt_source_flag'        
3  4 'Structure model' '_pdbx_database_status.pdb_format_compatible' 
4  4 'Structure model' '_pdbx_entity_src_syn.pdbx_alt_source_flag'   
5  4 'Structure model' '_pdbx_struct_oper_list.symmetry_operation'   
6  5 'Structure model' '_pdbx_audit_support.funding_organization'    
7  6 'Structure model' '_pdbx_audit_support.funding_organization'    
8  7 'Structure model' '_database_2.pdbx_DOI'                        
9  7 'Structure model' '_database_2.pdbx_database_accession'         
10 7 'Structure model' '_refine_hist.number_atoms_solvent'           
11 7 'Structure model' '_refine_hist.number_atoms_total'             
12 7 'Structure model' '_refine_hist.pdbx_number_atoms_ligand'       
13 7 'Structure model' '_refine_hist.pdbx_number_atoms_nucleic_acid' 
14 7 'Structure model' '_refine_hist.pdbx_number_atoms_protein'      
15 8 'Structure model' '_chem_comp_atom.atom_id'                     
16 8 'Structure model' '_chem_comp_bond.atom_id_2'                   
# 
_pdbx_database_status.status_code                     REL 
_pdbx_database_status.status_code_sf                  REL 
_pdbx_database_status.status_code_mr                  . 
_pdbx_database_status.entry_id                        4P9V 
_pdbx_database_status.recvd_initial_deposition_date   2014-04-06 
_pdbx_database_status.SG_entry                        N 
_pdbx_database_status.deposit_site                    RCSB 
_pdbx_database_status.process_site                    RCSB 
_pdbx_database_status.status_code_cs                  . 
_pdbx_database_status.methods_development_category    . 
_pdbx_database_status.pdb_format_compatible           Y 
_pdbx_database_status.status_code_nmr_data            ? 
# 
loop_
_pdbx_database_related.db_name 
_pdbx_database_related.details 
_pdbx_database_related.db_id 
_pdbx_database_related.content_type 
PDB '3S8O contains the same protein complexed with a similar ligand' 3S8O unspecified 
PDB .                                                                4P9Z unspecified 
# 
loop_
_audit_author.name 
_audit_author.pdbx_ordinal 
'Clements, J.H.' 1 
'Martin, S.F.'   2 
# 
_citation.abstract                  . 
_citation.abstract_id_CAS           . 
_citation.book_id_ISBN              . 
_citation.book_publisher            ? 
_citation.book_publisher_city       . 
_citation.book_title                . 
_citation.coordinate_linkage        . 
_citation.country                   UK 
_citation.database_id_Medline       . 
_citation.details                   . 
_citation.id                        primary 
_citation.journal_abbrev            Bioorg.Med.Chem.Lett. 
_citation.journal_id_ASTM           BMCLE8 
_citation.journal_id_CSD            1127 
_citation.journal_id_ISSN           1464-3405 
_citation.journal_full              . 
_citation.journal_issue             . 
_citation.journal_volume            24 
_citation.language                  . 
_citation.page_first                3164 
_citation.page_last                 3167 
_citation.title                     'Protein-ligand interactions: Probing the energetics of a putative cation-pi interaction.' 
_citation.year                      2014 
_citation.database_id_CSD           . 
_citation.pdbx_database_id_DOI      10.1016/j.bmcl.2014.04.114 
_citation.pdbx_database_id_PubMed   24856058 
_citation.unpublished_flag          . 
# 
loop_
_citation_author.citation_id 
_citation_author.name 
_citation_author.ordinal 
_citation_author.identifier_ORCID 
primary 'Myslinski, J.M.' 1 ? 
primary 'Clements, J.H.'  2 ? 
primary 'Martin, S.F.'    3 ? 
# 
loop_
_entity.id 
_entity.type 
_entity.src_method 
_entity.pdbx_description 
_entity.formula_weight 
_entity.pdbx_number_of_molecules 
_entity.pdbx_ec 
_entity.pdbx_mutation 
_entity.pdbx_fragment 
_entity.details 
1 polymer     man 'Growth factor receptor-bound protein 2' 13758.543 1  ? ? 'UNP residues 53-163' ? 
2 polymer     syn PHQ-PTR-02K-ASN-NH2                      651.025   1  ? ? ?                     ? 
3 non-polymer syn 'CHLORIDE ION'                           35.453    1  ? ? ?                     ? 
4 water       nat water                                    18.015    56 ? ? ?                     ? 
# 
_entity_name_com.entity_id   1 
_entity_name_com.name        'Adapter protein GRB2,Protein Ash,SH2/SH3 adapter GRB2' 
# 
loop_
_entity_poly.entity_id 
_entity_poly.type 
_entity_poly.nstd_linkage 
_entity_poly.nstd_monomer 
_entity_poly.pdbx_seq_one_letter_code 
_entity_poly.pdbx_seq_one_letter_code_can 
_entity_poly.pdbx_strand_id 
_entity_poly.pdbx_target_identifier 
1 'polypeptide(L)' no no  
;IEMKPHPWFFGKIPRAKAEEMLSKQRHDGAFLIRESESAPGDFSLSVKFGNDVQHFKVLRDGAGKYFLWVVKFNSLNELV
DYHRSTSVSRNQQIFLRDIEQVPQQPTYVQAHHHHHH
;
;IEMKPHPWFFGKIPRAKAEEMLSKQRHDGAFLIRESESAPGDFSLSVKFGNDVQHFKVLRDGAGKYFLWVVKFNSLNELV
DYHRSTSVSRNQQIFLRDIEQVPQQPTYVQAHHHHHH
;
A ? 
2 'polypeptide(L)' no yes '(PHQ)(PTR)(02K)N(NH2)' XYANX B ? 
# 
loop_
_pdbx_entity_nonpoly.entity_id 
_pdbx_entity_nonpoly.name 
_pdbx_entity_nonpoly.comp_id 
3 'CHLORIDE ION' CL  
4 water          HOH 
# 
loop_
_entity_poly_seq.entity_id 
_entity_poly_seq.num 
_entity_poly_seq.mon_id 
_entity_poly_seq.hetero 
1 1   ILE n 
1 2   GLU n 
1 3   MET n 
1 4   LYS n 
1 5   PRO n 
1 6   HIS n 
1 7   PRO n 
1 8   TRP n 
1 9   PHE n 
1 10  PHE n 
1 11  GLY n 
1 12  LYS n 
1 13  ILE n 
1 14  PRO n 
1 15  ARG n 
1 16  ALA n 
1 17  LYS n 
1 18  ALA n 
1 19  GLU n 
1 20  GLU n 
1 21  MET n 
1 22  LEU n 
1 23  SER n 
1 24  LYS n 
1 25  GLN n 
1 26  ARG n 
1 27  HIS n 
1 28  ASP n 
1 29  GLY n 
1 30  ALA n 
1 31  PHE n 
1 32  LEU n 
1 33  ILE n 
1 34  ARG n 
1 35  GLU n 
1 36  SER n 
1 37  GLU n 
1 38  SER n 
1 39  ALA n 
1 40  PRO n 
1 41  GLY n 
1 42  ASP n 
1 43  PHE n 
1 44  SER n 
1 45  LEU n 
1 46  SER n 
1 47  VAL n 
1 48  LYS n 
1 49  PHE n 
1 50  GLY n 
1 51  ASN n 
1 52  ASP n 
1 53  VAL n 
1 54  GLN n 
1 55  HIS n 
1 56  PHE n 
1 57  LYS n 
1 58  VAL n 
1 59  LEU n 
1 60  ARG n 
1 61  ASP n 
1 62  GLY n 
1 63  ALA n 
1 64  GLY n 
1 65  LYS n 
1 66  TYR n 
1 67  PHE n 
1 68  LEU n 
1 69  TRP n 
1 70  VAL n 
1 71  VAL n 
1 72  LYS n 
1 73  PHE n 
1 74  ASN n 
1 75  SER n 
1 76  LEU n 
1 77  ASN n 
1 78  GLU n 
1 79  LEU n 
1 80  VAL n 
1 81  ASP n 
1 82  TYR n 
1 83  HIS n 
1 84  ARG n 
1 85  SER n 
1 86  THR n 
1 87  SER n 
1 88  VAL n 
1 89  SER n 
1 90  ARG n 
1 91  ASN n 
1 92  GLN n 
1 93  GLN n 
1 94  ILE n 
1 95  PHE n 
1 96  LEU n 
1 97  ARG n 
1 98  ASP n 
1 99  ILE n 
1 100 GLU n 
1 101 GLN n 
1 102 VAL n 
1 103 PRO n 
1 104 GLN n 
1 105 GLN n 
1 106 PRO n 
1 107 THR n 
1 108 TYR n 
1 109 VAL n 
1 110 GLN n 
1 111 ALA n 
1 112 HIS n 
1 113 HIS n 
1 114 HIS n 
1 115 HIS n 
1 116 HIS n 
1 117 HIS n 
2 1   PHQ n 
2 2   PTR n 
2 3   02K n 
2 4   ASN n 
2 5   NH2 n 
# 
_entity_src_gen.entity_id                          1 
_entity_src_gen.pdbx_src_id                        1 
_entity_src_gen.pdbx_alt_source_flag               sample 
_entity_src_gen.pdbx_seq_type                      'Biological sequence' 
_entity_src_gen.pdbx_beg_seq_num                   1 
_entity_src_gen.pdbx_end_seq_num                   117 
_entity_src_gen.gene_src_common_name               Human 
_entity_src_gen.gene_src_genus                     ? 
_entity_src_gen.pdbx_gene_src_gene                 'GRB2, ASH' 
_entity_src_gen.gene_src_species                   ? 
_entity_src_gen.gene_src_strain                    ? 
_entity_src_gen.gene_src_tissue                    ? 
_entity_src_gen.gene_src_tissue_fraction           ? 
_entity_src_gen.gene_src_details                   ? 
_entity_src_gen.pdbx_gene_src_fragment             ? 
_entity_src_gen.pdbx_gene_src_scientific_name      'Homo sapiens' 
_entity_src_gen.pdbx_gene_src_ncbi_taxonomy_id     9606 
_entity_src_gen.pdbx_gene_src_variant              ? 
_entity_src_gen.pdbx_gene_src_cell_line            ? 
_entity_src_gen.pdbx_gene_src_atcc                 ? 
_entity_src_gen.pdbx_gene_src_organ                ? 
_entity_src_gen.pdbx_gene_src_organelle            ? 
_entity_src_gen.pdbx_gene_src_cell                 ? 
_entity_src_gen.pdbx_gene_src_cellular_location    ? 
_entity_src_gen.host_org_common_name               ? 
_entity_src_gen.pdbx_host_org_scientific_name      'Escherichia coli' 
_entity_src_gen.pdbx_host_org_ncbi_taxonomy_id     562 
_entity_src_gen.host_org_genus                     ? 
_entity_src_gen.pdbx_host_org_gene                 ? 
_entity_src_gen.pdbx_host_org_organ                ? 
_entity_src_gen.host_org_species                   ? 
_entity_src_gen.pdbx_host_org_tissue               ? 
_entity_src_gen.pdbx_host_org_tissue_fraction      ? 
_entity_src_gen.pdbx_host_org_strain               SG13009 
_entity_src_gen.pdbx_host_org_variant              ? 
_entity_src_gen.pdbx_host_org_cell_line            ? 
_entity_src_gen.pdbx_host_org_atcc                 ? 
_entity_src_gen.pdbx_host_org_culture_collection   ? 
_entity_src_gen.pdbx_host_org_cell                 ? 
_entity_src_gen.pdbx_host_org_organelle            ? 
_entity_src_gen.pdbx_host_org_cellular_location    ? 
_entity_src_gen.pdbx_host_org_vector_type          Plasmid 
_entity_src_gen.pdbx_host_org_vector               ? 
_entity_src_gen.host_org_details                   ? 
_entity_src_gen.expression_system_id               ? 
_entity_src_gen.plasmid_name                       pQE-60 
_entity_src_gen.plasmid_details                    ? 
_entity_src_gen.pdbx_description                   ? 
# 
_pdbx_entity_src_syn.entity_id              2 
_pdbx_entity_src_syn.pdbx_src_id            1 
_pdbx_entity_src_syn.pdbx_alt_source_flag   sample 
_pdbx_entity_src_syn.pdbx_beg_seq_num       ? 
_pdbx_entity_src_syn.pdbx_end_seq_num       ? 
_pdbx_entity_src_syn.organism_scientific    'synthetic construct' 
_pdbx_entity_src_syn.organism_common_name   ? 
_pdbx_entity_src_syn.ncbi_taxonomy_id       32630 
_pdbx_entity_src_syn.details                ? 
# 
loop_
_chem_comp.id 
_chem_comp.type 
_chem_comp.mon_nstd_flag 
_chem_comp.name 
_chem_comp.pdbx_synonyms 
_chem_comp.formula 
_chem_comp.formula_weight 
02K 'peptide linking'   n '1-aminocyclohexanecarboxylic acid' ?                 'C7 H13 N O2'    143.184 
ALA 'L-peptide linking' y ALANINE                             ?                 'C3 H7 N O2'     89.093  
ARG 'L-peptide linking' y ARGININE                            ?                 'C6 H15 N4 O2 1' 175.209 
ASN 'L-peptide linking' y ASPARAGINE                          ?                 'C4 H8 N2 O3'    132.118 
ASP 'L-peptide linking' y 'ASPARTIC ACID'                     ?                 'C4 H7 N O4'     133.103 
CL  non-polymer         . 'CHLORIDE ION'                      ?                 'Cl -1'          35.453  
GLN 'L-peptide linking' y GLUTAMINE                           ?                 'C5 H10 N2 O3'   146.144 
GLU 'L-peptide linking' y 'GLUTAMIC ACID'                     ?                 'C5 H9 N O4'     147.129 
GLY 'peptide linking'   y GLYCINE                             ?                 'C2 H5 N O2'     75.067  
HIS 'L-peptide linking' y HISTIDINE                           ?                 'C6 H10 N3 O2 1' 156.162 
HOH non-polymer         . WATER                               ?                 'H2 O'           18.015  
ILE 'L-peptide linking' y ISOLEUCINE                          ?                 'C6 H13 N O2'    131.173 
LEU 'L-peptide linking' y LEUCINE                             ?                 'C6 H13 N O2'    131.173 
LYS 'L-peptide linking' y LYSINE                              ?                 'C6 H15 N2 O2 1' 147.195 
MET 'L-peptide linking' y METHIONINE                          ?                 'C5 H11 N O2 S'  149.211 
NH2 non-polymer         . 'AMINO GROUP'                       ?                 'H2 N'           16.023  
PHE 'L-peptide linking' y PHENYLALANINE                       ?                 'C9 H11 N O2'    165.189 
PHQ non-polymer         . 'benzyl chlorocarbonate'            ?                 'C8 H7 Cl O2'    170.593 
PRO 'L-peptide linking' y PROLINE                             ?                 'C5 H9 N O2'     115.130 
PTR 'L-peptide linking' n O-PHOSPHOTYROSINE                   PHOSPHONOTYROSINE 'C9 H12 N O6 P'  261.168 
SER 'L-peptide linking' y SERINE                              ?                 'C3 H7 N O3'     105.093 
THR 'L-peptide linking' y THREONINE                           ?                 'C4 H9 N O3'     119.119 
TRP 'L-peptide linking' y TRYPTOPHAN                          ?                 'C11 H12 N2 O2'  204.225 
TYR 'L-peptide linking' y TYROSINE                            ?                 'C9 H11 N O3'    181.189 
VAL 'L-peptide linking' y VALINE                              ?                 'C5 H11 N O2'    117.146 
# 
loop_
_pdbx_poly_seq_scheme.asym_id 
_pdbx_poly_seq_scheme.entity_id 
_pdbx_poly_seq_scheme.seq_id 
_pdbx_poly_seq_scheme.mon_id 
_pdbx_poly_seq_scheme.ndb_seq_num 
_pdbx_poly_seq_scheme.pdb_seq_num 
_pdbx_poly_seq_scheme.auth_seq_num 
_pdbx_poly_seq_scheme.pdb_mon_id 
_pdbx_poly_seq_scheme.auth_mon_id 
_pdbx_poly_seq_scheme.pdb_strand_id 
_pdbx_poly_seq_scheme.pdb_ins_code 
_pdbx_poly_seq_scheme.hetero 
A 1 1   ILE 1   53  ?   ?   ?   A . n 
A 1 2   GLU 2   54  54  GLU GLU A . n 
A 1 3   MET 3   55  55  MET MET A . n 
A 1 4   LYS 4   56  56  LYS LYS A . n 
A 1 5   PRO 5   57  57  PRO PRO A . n 
A 1 6   HIS 6   58  58  HIS HIS A . n 
A 1 7   PRO 7   59  59  PRO PRO A . n 
A 1 8   TRP 8   60  60  TRP TRP A . n 
A 1 9   PHE 9   61  61  PHE PHE A . n 
A 1 10  PHE 10  62  62  PHE PHE A . n 
A 1 11  GLY 11  63  63  GLY GLY A . n 
A 1 12  LYS 12  64  64  LYS LYS A . n 
A 1 13  ILE 13  65  65  ILE ILE A . n 
A 1 14  PRO 14  66  66  PRO PRO A . n 
A 1 15  ARG 15  67  67  ARG ARG A . n 
A 1 16  ALA 16  68  68  ALA ALA A . n 
A 1 17  LYS 17  69  69  LYS LYS A . n 
A 1 18  ALA 18  70  70  ALA ALA A . n 
A 1 19  GLU 19  71  71  GLU GLU A . n 
A 1 20  GLU 20  72  72  GLU GLU A . n 
A 1 21  MET 21  73  73  MET MET A . n 
A 1 22  LEU 22  74  74  LEU LEU A . n 
A 1 23  SER 23  75  75  SER SER A . n 
A 1 24  LYS 24  76  76  LYS LYS A . n 
A 1 25  GLN 25  77  77  GLN GLN A . n 
A 1 26  ARG 26  78  78  ARG ARG A . n 
A 1 27  HIS 27  79  79  HIS HIS A . n 
A 1 28  ASP 28  80  80  ASP ASP A . n 
A 1 29  GLY 29  81  81  GLY GLY A . n 
A 1 30  ALA 30  82  82  ALA ALA A . n 
A 1 31  PHE 31  83  83  PHE PHE A . n 
A 1 32  LEU 32  84  84  LEU LEU A . n 
A 1 33  ILE 33  85  85  ILE ILE A . n 
A 1 34  ARG 34  86  86  ARG ARG A . n 
A 1 35  GLU 35  87  87  GLU GLU A . n 
A 1 36  SER 36  88  88  SER SER A . n 
A 1 37  GLU 37  89  89  GLU GLU A . n 
A 1 38  SER 38  90  90  SER SER A . n 
A 1 39  ALA 39  91  91  ALA ALA A . n 
A 1 40  PRO 40  92  92  PRO PRO A . n 
A 1 41  GLY 41  93  93  GLY GLY A . n 
A 1 42  ASP 42  94  94  ASP ASP A . n 
A 1 43  PHE 43  95  95  PHE PHE A . n 
A 1 44  SER 44  96  96  SER SER A . n 
A 1 45  LEU 45  97  97  LEU LEU A . n 
A 1 46  SER 46  98  98  SER SER A . n 
A 1 47  VAL 47  99  99  VAL VAL A . n 
A 1 48  LYS 48  100 100 LYS LYS A . n 
A 1 49  PHE 49  101 101 PHE PHE A . n 
A 1 50  GLY 50  102 102 GLY GLY A . n 
A 1 51  ASN 51  103 103 ASN ASN A . n 
A 1 52  ASP 52  104 104 ASP ASP A . n 
A 1 53  VAL 53  105 105 VAL VAL A . n 
A 1 54  GLN 54  106 106 GLN GLN A . n 
A 1 55  HIS 55  107 107 HIS HIS A . n 
A 1 56  PHE 56  108 108 PHE PHE A . n 
A 1 57  LYS 57  109 109 LYS LYS A . n 
A 1 58  VAL 58  110 110 VAL VAL A . n 
A 1 59  LEU 59  111 111 LEU LEU A . n 
A 1 60  ARG 60  112 112 ARG ARG A . n 
A 1 61  ASP 61  113 113 ASP ASP A . n 
A 1 62  GLY 62  114 114 GLY GLY A . n 
A 1 63  ALA 63  115 115 ALA ALA A . n 
A 1 64  GLY 64  116 116 GLY GLY A . n 
A 1 65  LYS 65  117 117 LYS LYS A . n 
A 1 66  TYR 66  118 118 TYR TYR A . n 
A 1 67  PHE 67  119 119 PHE PHE A . n 
A 1 68  LEU 68  120 120 LEU LEU A . n 
A 1 69  TRP 69  121 121 TRP TRP A . n 
A 1 70  VAL 70  122 122 VAL VAL A . n 
A 1 71  VAL 71  123 123 VAL VAL A . n 
A 1 72  LYS 72  124 124 LYS LYS A . n 
A 1 73  PHE 73  125 125 PHE PHE A . n 
A 1 74  ASN 74  126 126 ASN ASN A . n 
A 1 75  SER 75  127 127 SER SER A . n 
A 1 76  LEU 76  128 128 LEU LEU A . n 
A 1 77  ASN 77  129 129 ASN ASN A . n 
A 1 78  GLU 78  130 130 GLU GLU A . n 
A 1 79  LEU 79  131 131 LEU LEU A . n 
A 1 80  VAL 80  132 132 VAL VAL A . n 
A 1 81  ASP 81  133 133 ASP ASP A . n 
A 1 82  TYR 82  134 134 TYR TYR A . n 
A 1 83  HIS 83  135 135 HIS HIS A . n 
A 1 84  ARG 84  136 136 ARG ARG A . n 
A 1 85  SER 85  137 137 SER SER A . n 
A 1 86  THR 86  138 138 THR THR A . n 
A 1 87  SER 87  139 139 SER SER A . n 
A 1 88  VAL 88  140 140 VAL VAL A . n 
A 1 89  SER 89  141 141 SER SER A . n 
A 1 90  ARG 90  142 142 ARG ARG A . n 
A 1 91  ASN 91  143 143 ASN ASN A . n 
A 1 92  GLN 92  144 144 GLN GLN A . n 
A 1 93  GLN 93  145 145 GLN GLN A . n 
A 1 94  ILE 94  146 146 ILE ILE A . n 
A 1 95  PHE 95  147 147 PHE PHE A . n 
A 1 96  LEU 96  148 148 LEU LEU A . n 
A 1 97  ARG 97  149 149 ARG ARG A . n 
A 1 98  ASP 98  150 150 ASP ASP A . n 
A 1 99  ILE 99  151 151 ILE ILE A . n 
A 1 100 GLU 100 152 152 GLU GLU A . n 
A 1 101 GLN 101 153 153 GLN GLN A . n 
A 1 102 VAL 102 154 ?   ?   ?   A . n 
A 1 103 PRO 103 155 ?   ?   ?   A . n 
A 1 104 GLN 104 156 ?   ?   ?   A . n 
A 1 105 GLN 105 157 ?   ?   ?   A . n 
A 1 106 PRO 106 158 ?   ?   ?   A . n 
A 1 107 THR 107 159 ?   ?   ?   A . n 
A 1 108 TYR 108 160 ?   ?   ?   A . n 
A 1 109 VAL 109 161 ?   ?   ?   A . n 
A 1 110 GLN 110 162 ?   ?   ?   A . n 
A 1 111 ALA 111 163 ?   ?   ?   A . n 
A 1 112 HIS 112 164 ?   ?   ?   A . n 
A 1 113 HIS 113 165 ?   ?   ?   A . n 
A 1 114 HIS 114 166 ?   ?   ?   A . n 
A 1 115 HIS 115 167 ?   ?   ?   A . n 
A 1 116 HIS 116 168 ?   ?   ?   A . n 
A 1 117 HIS 117 169 ?   ?   ?   A . n 
B 2 1   PHQ 1   1   1   PHQ DRG B . n 
B 2 2   PTR 2   2   1   PTR DRG B . n 
B 2 3   02K 3   3   1   02K DRG B . n 
B 2 4   ASN 4   4   1   ASN DRG B . n 
B 2 5   NH2 5   5   1   NH2 DRG B . n 
# 
loop_
_pdbx_nonpoly_scheme.asym_id 
_pdbx_nonpoly_scheme.entity_id 
_pdbx_nonpoly_scheme.mon_id 
_pdbx_nonpoly_scheme.ndb_seq_num 
_pdbx_nonpoly_scheme.pdb_seq_num 
_pdbx_nonpoly_scheme.auth_seq_num 
_pdbx_nonpoly_scheme.pdb_mon_id 
_pdbx_nonpoly_scheme.auth_mon_id 
_pdbx_nonpoly_scheme.pdb_strand_id 
_pdbx_nonpoly_scheme.pdb_ins_code 
C 3 CL  1  201 1  CL  CL  A . 
D 4 HOH 1  301 5  HOH HOH A . 
D 4 HOH 2  302 11 HOH HOH A . 
D 4 HOH 3  303 57 HOH HOH A . 
D 4 HOH 4  304 24 HOH HOH A . 
D 4 HOH 5  305 8  HOH HOH A . 
D 4 HOH 6  306 18 HOH HOH A . 
D 4 HOH 7  307 6  HOH HOH A . 
D 4 HOH 8  308 52 HOH HOH A . 
D 4 HOH 9  309 26 HOH HOH A . 
D 4 HOH 10 310 29 HOH HOH A . 
D 4 HOH 11 311 31 HOH HOH A . 
D 4 HOH 12 312 34 HOH HOH A . 
D 4 HOH 13 313 37 HOH HOH A . 
D 4 HOH 14 314 28 HOH HOH A . 
D 4 HOH 15 315 38 HOH HOH A . 
D 4 HOH 16 316 47 HOH HOH A . 
D 4 HOH 17 317 21 HOH HOH A . 
D 4 HOH 18 318 4  HOH HOH A . 
D 4 HOH 19 319 56 HOH HOH A . 
D 4 HOH 20 320 48 HOH HOH A . 
D 4 HOH 21 321 20 HOH HOH A . 
D 4 HOH 22 322 49 HOH HOH A . 
D 4 HOH 23 323 27 HOH HOH A . 
D 4 HOH 24 324 13 HOH HOH A . 
D 4 HOH 25 325 54 HOH HOH A . 
D 4 HOH 26 326 17 HOH HOH A . 
D 4 HOH 27 327 55 HOH HOH A . 
D 4 HOH 28 328 45 HOH HOH A . 
D 4 HOH 29 329 2  HOH HOH A . 
D 4 HOH 30 330 3  HOH HOH A . 
D 4 HOH 31 331 7  HOH HOH A . 
D 4 HOH 32 332 9  HOH HOH A . 
D 4 HOH 33 333 10 HOH HOH A . 
D 4 HOH 34 334 14 HOH HOH A . 
D 4 HOH 35 335 15 HOH HOH A . 
D 4 HOH 36 336 16 HOH HOH A . 
D 4 HOH 37 337 19 HOH HOH A . 
D 4 HOH 38 338 22 HOH HOH A . 
D 4 HOH 39 339 23 HOH HOH A . 
D 4 HOH 40 340 25 HOH HOH A . 
D 4 HOH 41 341 30 HOH HOH A . 
D 4 HOH 42 342 32 HOH HOH A . 
D 4 HOH 43 343 33 HOH HOH A . 
D 4 HOH 44 344 35 HOH HOH A . 
D 4 HOH 45 345 36 HOH HOH A . 
D 4 HOH 46 346 39 HOH HOH A . 
D 4 HOH 47 347 40 HOH HOH A . 
D 4 HOH 48 348 41 HOH HOH A . 
D 4 HOH 49 349 42 HOH HOH A . 
D 4 HOH 50 350 46 HOH HOH A . 
D 4 HOH 51 351 50 HOH HOH A . 
D 4 HOH 52 352 51 HOH HOH A . 
D 4 HOH 53 353 53 HOH HOH A . 
E 4 HOH 1  101 43 HOH HOH B . 
E 4 HOH 2  102 1  HOH HOH B . 
E 4 HOH 3  103 44 HOH HOH B . 
# 
loop_
_pdbx_unobs_or_zero_occ_atoms.id 
_pdbx_unobs_or_zero_occ_atoms.PDB_model_num 
_pdbx_unobs_or_zero_occ_atoms.polymer_flag 
_pdbx_unobs_or_zero_occ_atoms.occupancy_flag 
_pdbx_unobs_or_zero_occ_atoms.auth_asym_id 
_pdbx_unobs_or_zero_occ_atoms.auth_comp_id 
_pdbx_unobs_or_zero_occ_atoms.auth_seq_id 
_pdbx_unobs_or_zero_occ_atoms.PDB_ins_code 
_pdbx_unobs_or_zero_occ_atoms.auth_atom_id 
_pdbx_unobs_or_zero_occ_atoms.label_alt_id 
_pdbx_unobs_or_zero_occ_atoms.label_asym_id 
_pdbx_unobs_or_zero_occ_atoms.label_comp_id 
_pdbx_unobs_or_zero_occ_atoms.label_seq_id 
_pdbx_unobs_or_zero_occ_atoms.label_atom_id 
1  1 Y 1 A GLU 54  ? N   ? A GLU 2   N   
2  1 Y 1 A GLU 54  ? CG  ? A GLU 2   CG  
3  1 Y 1 A GLU 54  ? CD  ? A GLU 2   CD  
4  1 Y 1 A GLU 54  ? OE1 ? A GLU 2   OE1 
5  1 Y 1 A GLU 54  ? OE2 ? A GLU 2   OE2 
6  1 Y 1 A MET 55  ? SD  ? A MET 3   SD  
7  1 Y 1 A MET 55  ? CE  ? A MET 3   CE  
8  1 Y 1 A LYS 56  ? CD  ? A LYS 4   CD  
9  1 Y 1 A LYS 56  ? CE  ? A LYS 4   CE  
10 1 Y 1 A LYS 56  ? NZ  ? A LYS 4   NZ  
11 1 Y 1 A GLN 153 ? CD  ? A GLN 101 CD  
12 1 Y 1 A GLN 153 ? OE1 ? A GLN 101 OE1 
13 1 Y 1 A GLN 153 ? NE2 ? A GLN 101 NE2 
# 
_software.citation_id            ? 
_software.classification         refinement 
_software.compiler_name          . 
_software.compiler_version       . 
_software.contact_author         . 
_software.contact_author_email   . 
_software.date                   . 
_software.description            . 
_software.dependencies           . 
_software.hardware               . 
_software.language               . 
_software.location               . 
_software.mods                   . 
_software.name                   REFMAC 
_software.os                     . 
_software.os_version             . 
_software.type                   . 
_software.version                5.6.0117 
_software.pdbx_ordinal           1 
# 
_cell.entry_id           4P9V 
_cell.length_a           41.935 
_cell.length_b           41.935 
_cell.length_c           108.715 
_cell.angle_alpha        90.00 
_cell.angle_beta         90.00 
_cell.angle_gamma        90.00 
_cell.Z_PDB              8 
_cell.pdbx_unique_axis   ? 
# 
_symmetry.entry_id                         4P9V 
_symmetry.cell_setting                     . 
_symmetry.Int_Tables_number                96 
_symmetry.space_group_name_Hall            . 
_symmetry.space_group_name_H-M             'P 43 21 2' 
_symmetry.pdbx_full_space_group_name_H-M   . 
# 
_exptl.absorpt_coefficient_mu     . 
_exptl.absorpt_correction_T_max   . 
_exptl.absorpt_correction_T_min   . 
_exptl.absorpt_correction_type    . 
_exptl.absorpt_process_details    . 
_exptl.entry_id                   4P9V 
_exptl.crystals_number            1 
_exptl.details                    . 
_exptl.method                     'X-RAY DIFFRACTION' 
_exptl.method_details             . 
# 
_exptl_crystal.colour                      . 
_exptl_crystal.density_diffrn              . 
_exptl_crystal.density_Matthews            1.66 
_exptl_crystal.density_method              . 
_exptl_crystal.density_percent_sol         25.83 
_exptl_crystal.description                 . 
_exptl_crystal.F_000                       . 
_exptl_crystal.id                          1 
_exptl_crystal.preparation                 . 
_exptl_crystal.size_max                    . 
_exptl_crystal.size_mid                    . 
_exptl_crystal.size_min                    . 
_exptl_crystal.size_rad                    . 
_exptl_crystal.colour_lustre               . 
_exptl_crystal.colour_modifier             . 
_exptl_crystal.colour_primary              . 
_exptl_crystal.density_meas                . 
_exptl_crystal.density_meas_esd            . 
_exptl_crystal.density_meas_gt             . 
_exptl_crystal.density_meas_lt             . 
_exptl_crystal.density_meas_temp           . 
_exptl_crystal.density_meas_temp_esd       . 
_exptl_crystal.density_meas_temp_gt        . 
_exptl_crystal.density_meas_temp_lt        . 
_exptl_crystal.pdbx_crystal_image_url      . 
_exptl_crystal.pdbx_crystal_image_format   . 
_exptl_crystal.pdbx_mosaicity              . 
_exptl_crystal.pdbx_mosaicity_esd          . 
# 
_exptl_crystal_grow.apparatus       . 
_exptl_crystal_grow.atmosphere      . 
_exptl_crystal_grow.crystal_id      1 
_exptl_crystal_grow.details         . 
_exptl_crystal_grow.method          'VAPOR DIFFUSION, HANGING DROP' 
_exptl_crystal_grow.method_ref      . 
_exptl_crystal_grow.pH              8.5 
_exptl_crystal_grow.pressure        . 
_exptl_crystal_grow.pressure_esd    . 
_exptl_crystal_grow.seeding         . 
_exptl_crystal_grow.seeding_ref     . 
_exptl_crystal_grow.temp            296 
_exptl_crystal_grow.temp_details    . 
_exptl_crystal_grow.temp_esd        . 
_exptl_crystal_grow.time            . 
_exptl_crystal_grow.pdbx_details    
'0.2 M magnesium chloride hexahydrate, 0.1 M TRIS hydrochloride, 30% w/v polyethylene glycol 4000' 
_exptl_crystal_grow.pdbx_pH_range   . 
# 
_diffrn.ambient_environment    . 
_diffrn.ambient_temp           100 
_diffrn.ambient_temp_details   . 
_diffrn.ambient_temp_esd       . 
_diffrn.crystal_id             1 
_diffrn.crystal_support        . 
_diffrn.crystal_treatment      . 
_diffrn.details                . 
_diffrn.id                     1 
_diffrn.ambient_pressure       . 
_diffrn.ambient_pressure_esd   . 
_diffrn.ambient_pressure_gt    . 
_diffrn.ambient_pressure_lt    . 
_diffrn.ambient_temp_gt        . 
_diffrn.ambient_temp_lt        . 
# 
_diffrn_detector.details                      . 
_diffrn_detector.detector                     'IMAGE PLATE' 
_diffrn_detector.diffrn_id                    1 
_diffrn_detector.type                         'RIGAKU RAXIS IV++' 
_diffrn_detector.area_resol_mean              . 
_diffrn_detector.dtime                        . 
_diffrn_detector.pdbx_frames_total            . 
_diffrn_detector.pdbx_collection_time_total   . 
_diffrn_detector.pdbx_collection_date         2013-01-18 
# 
_diffrn_radiation.collimation                      . 
_diffrn_radiation.diffrn_id                        1 
_diffrn_radiation.filter_edge                      . 
_diffrn_radiation.inhomogeneity                    . 
_diffrn_radiation.monochromator                    . 
_diffrn_radiation.polarisn_norm                    . 
_diffrn_radiation.polarisn_ratio                   . 
_diffrn_radiation.probe                            . 
_diffrn_radiation.type                             . 
_diffrn_radiation.xray_symbol                      . 
_diffrn_radiation.wavelength_id                    1 
_diffrn_radiation.pdbx_monochromatic_or_laue_m_l   M 
_diffrn_radiation.pdbx_wavelength_list             . 
_diffrn_radiation.pdbx_wavelength                  . 
_diffrn_radiation.pdbx_diffrn_protocol             'SINGLE WAVELENGTH' 
_diffrn_radiation.pdbx_analyzer                    . 
_diffrn_radiation.pdbx_scattering_type             x-ray 
# 
_diffrn_radiation_wavelength.id           1 
_diffrn_radiation_wavelength.wavelength   1.5418 
_diffrn_radiation_wavelength.wt           1.0 
# 
_diffrn_source.current                     . 
_diffrn_source.details                     . 
_diffrn_source.diffrn_id                   1 
_diffrn_source.power                       . 
_diffrn_source.size                        . 
_diffrn_source.source                      'ROTATING ANODE' 
_diffrn_source.target                      . 
_diffrn_source.type                        'RIGAKU RU200' 
_diffrn_source.voltage                     . 
_diffrn_source.take-off_angle              . 
_diffrn_source.pdbx_wavelength_list        1.5418 
_diffrn_source.pdbx_wavelength             . 
_diffrn_source.pdbx_synchrotron_beamline   . 
_diffrn_source.pdbx_synchrotron_site       . 
# 
_reflns.B_iso_Wilson_estimate            . 
_reflns.entry_id                         4P9V 
_reflns.data_reduction_details           . 
_reflns.data_reduction_method            . 
_reflns.d_resolution_high                1.64 
_reflns.d_resolution_low                 50.00 
_reflns.details                          . 
_reflns.limit_h_max                      . 
_reflns.limit_h_min                      . 
_reflns.limit_k_max                      . 
_reflns.limit_k_min                      . 
_reflns.limit_l_max                      . 
_reflns.limit_l_min                      . 
_reflns.number_all                       . 
_reflns.number_obs                       11451 
_reflns.observed_criterion               . 
_reflns.observed_criterion_F_max         . 
_reflns.observed_criterion_F_min         . 
_reflns.observed_criterion_I_max         . 
_reflns.observed_criterion_I_min         . 
_reflns.observed_criterion_sigma_F       . 
_reflns.observed_criterion_sigma_I       . 
_reflns.percent_possible_obs             90.3 
_reflns.R_free_details                   . 
_reflns.Rmerge_F_all                     . 
_reflns.Rmerge_F_obs                     . 
_reflns.Friedel_coverage                 . 
_reflns.number_gt                        . 
_reflns.threshold_expression             . 
_reflns.pdbx_redundancy                  11.1 
_reflns.pdbx_Rmerge_I_obs                0.050 
_reflns.pdbx_Rmerge_I_all                . 
_reflns.pdbx_Rsym_value                  . 
_reflns.pdbx_netI_over_av_sigmaI         . 
_reflns.pdbx_netI_over_sigmaI            31.8 
_reflns.pdbx_res_netI_over_av_sigmaI_2   . 
_reflns.pdbx_res_netI_over_sigmaI_2      . 
_reflns.pdbx_chi_squared                 . 
_reflns.pdbx_scaling_rejects             . 
_reflns.pdbx_d_res_high_opt              . 
_reflns.pdbx_d_res_low_opt               . 
_reflns.pdbx_d_res_opt_method            . 
_reflns.phase_calculation_details        . 
_reflns.pdbx_Rrim_I_all                  . 
_reflns.pdbx_Rpim_I_all                  . 
_reflns.pdbx_d_opt                       . 
_reflns.pdbx_number_measured_all         . 
_reflns.pdbx_diffrn_id                   1 
_reflns.pdbx_ordinal                     1 
# 
_reflns_shell.d_res_high                  1.64 
_reflns_shell.d_res_low                   1.70 
_reflns_shell.meanI_over_sigI_all         . 
_reflns_shell.meanI_over_sigI_obs         19.2 
_reflns_shell.number_measured_all         . 
_reflns_shell.number_measured_obs         . 
_reflns_shell.number_possible             . 
_reflns_shell.number_unique_all           . 
_reflns_shell.number_unique_obs           . 
_reflns_shell.percent_possible_all        99.8 
_reflns_shell.percent_possible_obs        . 
_reflns_shell.Rmerge_F_all                . 
_reflns_shell.Rmerge_F_obs                . 
_reflns_shell.Rmerge_I_all                . 
_reflns_shell.Rmerge_I_obs                0.176 
_reflns_shell.meanI_over_sigI_gt          . 
_reflns_shell.meanI_over_uI_all           . 
_reflns_shell.meanI_over_uI_gt            . 
_reflns_shell.number_measured_gt          . 
_reflns_shell.number_unique_gt            . 
_reflns_shell.percent_possible_gt         . 
_reflns_shell.Rmerge_F_gt                 . 
_reflns_shell.Rmerge_I_gt                 . 
_reflns_shell.pdbx_redundancy             12.6 
_reflns_shell.pdbx_Rsym_value             . 
_reflns_shell.pdbx_chi_squared            . 
_reflns_shell.pdbx_netI_over_sigmaI_all   . 
_reflns_shell.pdbx_netI_over_sigmaI_obs   . 
_reflns_shell.pdbx_Rrim_I_all             . 
_reflns_shell.pdbx_Rpim_I_all             . 
_reflns_shell.pdbx_rejects                . 
_reflns_shell.pdbx_ordinal                1 
_reflns_shell.pdbx_diffrn_id              1 
# 
_refine.aniso_B[1][1]                            -0.72 
_refine.aniso_B[1][2]                            0.00 
_refine.aniso_B[1][3]                            0.00 
_refine.aniso_B[2][2]                            -0.72 
_refine.aniso_B[2][3]                            -0.00 
_refine.aniso_B[3][3]                            1.45 
_refine.B_iso_max                                . 
_refine.B_iso_mean                               20.403 
_refine.B_iso_min                                . 
_refine.correlation_coeff_Fo_to_Fc               0.941 
_refine.correlation_coeff_Fo_to_Fc_free          0.899 
_refine.details                                  'HYDROGENS HAVE BEEN USED IF PRESENT IN THE INPUT' 
_refine.diff_density_max                         . 
_refine.diff_density_max_esd                     . 
_refine.diff_density_min                         . 
_refine.diff_density_min_esd                     . 
_refine.diff_density_rms                         . 
_refine.diff_density_rms_esd                     . 
_refine.entry_id                                 4P9V 
_refine.pdbx_refine_id                           'X-RAY DIFFRACTION' 
_refine.ls_abs_structure_details                 . 
_refine.ls_abs_structure_Flack                   . 
_refine.ls_abs_structure_Flack_esd               . 
_refine.ls_abs_structure_Rogers                  . 
_refine.ls_abs_structure_Rogers_esd              . 
_refine.ls_d_res_high                            1.64 
_refine.ls_d_res_low                             39.13 
_refine.ls_extinction_coef                       . 
_refine.ls_extinction_coef_esd                   . 
_refine.ls_extinction_expression                 . 
_refine.ls_extinction_method                     . 
_refine.ls_goodness_of_fit_all                   . 
_refine.ls_goodness_of_fit_all_esd               . 
_refine.ls_goodness_of_fit_obs                   . 
_refine.ls_goodness_of_fit_obs_esd               . 
_refine.ls_hydrogen_treatment                    . 
_refine.ls_matrix_type                           . 
_refine.ls_number_constraints                    . 
_refine.ls_number_parameters                     . 
_refine.ls_number_reflns_all                     . 
_refine.ls_number_reflns_obs                     10836 
_refine.ls_number_reflns_R_free                  560 
_refine.ls_number_reflns_R_work                  . 
_refine.ls_number_restraints                     . 
_refine.ls_percent_reflns_obs                    90.17 
_refine.ls_percent_reflns_R_free                 4.9 
_refine.ls_R_factor_all                          . 
_refine.ls_R_factor_obs                          0.20614 
_refine.ls_R_factor_R_free                       0.25720 
_refine.ls_R_factor_R_free_error                 . 
_refine.ls_R_factor_R_free_error_details         . 
_refine.ls_R_factor_R_work                       0.20370 
_refine.ls_R_Fsqd_factor_obs                     . 
_refine.ls_R_I_factor_obs                        . 
_refine.ls_redundancy_reflns_all                 . 
_refine.ls_redundancy_reflns_obs                 . 
_refine.ls_restrained_S_all                      . 
_refine.ls_restrained_S_obs                      . 
_refine.ls_shift_over_esd_max                    . 
_refine.ls_shift_over_esd_mean                   . 
_refine.ls_structure_factor_coef                 . 
_refine.ls_weighting_details                     . 
_refine.ls_weighting_scheme                      . 
_refine.ls_wR_factor_all                         . 
_refine.ls_wR_factor_obs                         . 
_refine.ls_wR_factor_R_free                      . 
_refine.ls_wR_factor_R_work                      . 
_refine.occupancy_max                            . 
_refine.occupancy_min                            . 
_refine.overall_SU_B                             1.726 
_refine.overall_SU_ML                            0.061 
_refine.overall_SU_R_Cruickshank_DPI             . 
_refine.overall_SU_R_free                        . 
_refine.overall_FOM_free_R_set                   . 
_refine.overall_FOM_work_R_set                   . 
_refine.solvent_model_details                    MASK 
_refine.solvent_model_param_bsol                 . 
_refine.solvent_model_param_ksol                 . 
_refine.ls_R_factor_gt                           . 
_refine.ls_goodness_of_fit_gt                    . 
_refine.ls_goodness_of_fit_ref                   . 
_refine.ls_shift_over_su_max                     . 
_refine.ls_shift_over_su_max_lt                  . 
_refine.ls_shift_over_su_mean                    . 
_refine.ls_shift_over_su_mean_lt                 . 
_refine.pdbx_ls_sigma_I                          . 
_refine.pdbx_ls_sigma_F                          . 
_refine.pdbx_ls_sigma_Fsqd                       . 
_refine.pdbx_data_cutoff_high_absF               . 
_refine.pdbx_data_cutoff_high_rms_absF           . 
_refine.pdbx_data_cutoff_low_absF                . 
_refine.pdbx_isotropic_thermal_model             . 
_refine.pdbx_ls_cross_valid_method               THROUGHOUT 
_refine.pdbx_method_to_determine_struct          'MOLECULAR REPLACEMENT' 
_refine.pdbx_starting_model                      3S8O 
_refine.pdbx_stereochemistry_target_values       'MAXIMUM LIKELIHOOD' 
_refine.pdbx_R_Free_selection_details            RANDOM 
_refine.pdbx_stereochem_target_val_spec_case     . 
_refine.pdbx_overall_ESU_R                       0.126 
_refine.pdbx_overall_ESU_R_Free                  0.129 
_refine.pdbx_solvent_vdw_probe_radii             1.20 
_refine.pdbx_solvent_ion_probe_radii             0.80 
_refine.pdbx_solvent_shrinkage_radii             0.80 
_refine.pdbx_real_space_R                        . 
_refine.pdbx_density_correlation                 . 
_refine.pdbx_pd_number_of_powder_patterns        . 
_refine.pdbx_pd_number_of_points                 . 
_refine.pdbx_pd_meas_number_of_points            . 
_refine.pdbx_pd_proc_ls_prof_R_factor            . 
_refine.pdbx_pd_proc_ls_prof_wR_factor           . 
_refine.pdbx_pd_Marquardt_correlation_coeff      . 
_refine.pdbx_pd_Fsqrd_R_factor                   . 
_refine.pdbx_pd_ls_matrix_band_width             . 
_refine.pdbx_overall_phase_error                 . 
_refine.pdbx_overall_SU_R_free_Cruickshank_DPI   . 
_refine.pdbx_overall_SU_R_free_Blow_DPI          . 
_refine.pdbx_overall_SU_R_Blow_DPI               . 
_refine.pdbx_TLS_residual_ADP_flag               . 
_refine.pdbx_diffrn_id                           1 
# 
_refine_hist.pdbx_refine_id                   'X-RAY DIFFRACTION' 
_refine_hist.cycle_id                         1 
_refine_hist.pdbx_number_atoms_protein        858 
_refine_hist.pdbx_number_atoms_nucleic_acid   0 
_refine_hist.pdbx_number_atoms_ligand         1 
_refine_hist.number_atoms_solvent             56 
_refine_hist.number_atoms_total               915 
_refine_hist.d_res_high                       1.64 
_refine_hist.d_res_low                        39.13 
# 
loop_
_refine_ls_restr.pdbx_refine_id 
_refine_ls_restr.criterion 
_refine_ls_restr.dev_ideal 
_refine_ls_restr.dev_ideal_target 
_refine_ls_restr.number 
_refine_ls_restr.rejects 
_refine_ls_restr.type 
_refine_ls_restr.weight 
_refine_ls_restr.pdbx_restraint_function 
'X-RAY DIFFRACTION' . 0.022  0.020  891  . r_bond_refined_d             . . 
'X-RAY DIFFRACTION' . .      .      .    . r_bond_other_d               . . 
'X-RAY DIFFRACTION' . 2.192  1.979  1203 . r_angle_refined_deg          . . 
'X-RAY DIFFRACTION' . .      .      .    . r_angle_other_deg            . . 
'X-RAY DIFFRACTION' . 7.237  5.000  101  . r_dihedral_angle_1_deg       . . 
'X-RAY DIFFRACTION' . 30.668 22.955 44   . r_dihedral_angle_2_deg       . . 
'X-RAY DIFFRACTION' . 12.949 15.000 145  . r_dihedral_angle_3_deg       . . 
'X-RAY DIFFRACTION' . 18.635 15.000 7    . r_dihedral_angle_4_deg       . . 
'X-RAY DIFFRACTION' . 0.443  0.200  119  . r_chiral_restr               . . 
'X-RAY DIFFRACTION' . 0.013  0.021  700  . r_gen_planes_refined         . . 
'X-RAY DIFFRACTION' . .      .      .    . r_gen_planes_other           . . 
'X-RAY DIFFRACTION' . .      .      .    . r_nbd_refined                . . 
'X-RAY DIFFRACTION' . .      .      .    . r_nbd_other                  . . 
'X-RAY DIFFRACTION' . .      .      .    . r_nbtor_refined              . . 
'X-RAY DIFFRACTION' . .      .      .    . r_nbtor_other                . . 
'X-RAY DIFFRACTION' . .      .      .    . r_xyhbond_nbd_refined        . . 
'X-RAY DIFFRACTION' . .      .      .    . r_xyhbond_nbd_other          . . 
'X-RAY DIFFRACTION' . .      .      .    . r_metal_ion_refined          . . 
'X-RAY DIFFRACTION' . .      .      .    . r_metal_ion_other            . . 
'X-RAY DIFFRACTION' . .      .      .    . r_symmetry_vdw_refined       . . 
'X-RAY DIFFRACTION' . .      .      .    . r_symmetry_vdw_other         . . 
'X-RAY DIFFRACTION' . .      .      .    . r_symmetry_hbond_refined     . . 
'X-RAY DIFFRACTION' . .      .      .    . r_symmetry_hbond_other       . . 
'X-RAY DIFFRACTION' . .      .      .    . r_symmetry_metal_ion_refined . . 
'X-RAY DIFFRACTION' . .      .      .    . r_symmetry_metal_ion_other   . . 
'X-RAY DIFFRACTION' . .      .      .    . r_mcbond_it                  . . 
'X-RAY DIFFRACTION' . .      .      .    . r_mcbond_other               . . 
'X-RAY DIFFRACTION' . .      .      .    . r_mcangle_it                 . . 
'X-RAY DIFFRACTION' . .      .      .    . r_mcangle_other              . . 
'X-RAY DIFFRACTION' . .      .      .    . r_scbond_it                  . . 
'X-RAY DIFFRACTION' . .      .      .    . r_scbond_other               . . 
'X-RAY DIFFRACTION' . .      .      .    . r_scangle_it                 . . 
'X-RAY DIFFRACTION' . .      .      .    . r_scangle_other              . . 
'X-RAY DIFFRACTION' . .      .      .    . r_long_range_B_refined       . . 
'X-RAY DIFFRACTION' . .      .      .    . r_long_range_B_other         . . 
'X-RAY DIFFRACTION' . .      .      .    . r_rigid_bond_restr           . . 
'X-RAY DIFFRACTION' . .      .      .    . r_sphericity_free            . . 
'X-RAY DIFFRACTION' . .      .      .    . r_sphericity_bonded          . . 
# 
_refine_ls_shell.pdbx_refine_id                   'X-RAY DIFFRACTION' 
_refine_ls_shell.d_res_high                       1.64 
_refine_ls_shell.d_res_low                        1.681 
_refine_ls_shell.number_reflns_all                . 
_refine_ls_shell.number_reflns_obs                . 
_refine_ls_shell.number_reflns_R_free             50 
_refine_ls_shell.number_reflns_R_work             730 
_refine_ls_shell.percent_reflns_obs               97.62 
_refine_ls_shell.percent_reflns_R_free            . 
_refine_ls_shell.R_factor_all                     . 
_refine_ls_shell.R_factor_obs                     . 
_refine_ls_shell.R_factor_R_free                  0.370 
_refine_ls_shell.R_factor_R_free_error            . 
_refine_ls_shell.R_factor_R_work                  0.256 
_refine_ls_shell.redundancy_reflns_all            . 
_refine_ls_shell.redundancy_reflns_obs            . 
_refine_ls_shell.wR_factor_all                    . 
_refine_ls_shell.wR_factor_obs                    . 
_refine_ls_shell.wR_factor_R_free                 . 
_refine_ls_shell.wR_factor_R_work                 . 
_refine_ls_shell.pdbx_total_number_of_bins_used   20 
_refine_ls_shell.pdbx_phase_error                 . 
# 
_struct.entry_id                     4P9V 
_struct.title                        'Grb2 SH2 complexed with a pTyr-Ac6cN-Asn tripeptide' 
_struct.pdbx_model_details           . 
_struct.pdbx_formula_weight          . 
_struct.pdbx_formula_weight_method   . 
_struct.pdbx_model_type_details      . 
_struct.pdbx_CASP_flag               . 
# 
_struct_keywords.entry_id        4P9V 
_struct_keywords.text            'Grb2 SH2, Cation-Pi Interaction, Signaling Protein-Antagonist complex' 
_struct_keywords.pdbx_keywords   'Signaling Protein/Antagonist' 
# 
loop_
_struct_asym.id 
_struct_asym.pdbx_blank_PDB_chainid_flag 
_struct_asym.pdbx_modified 
_struct_asym.entity_id 
_struct_asym.details 
A N N 1 ? 
B N N 2 ? 
C N N 3 ? 
D N N 4 ? 
E N N 4 ? 
# 
loop_
_struct_ref.id 
_struct_ref.db_name 
_struct_ref.db_code 
_struct_ref.pdbx_db_accession 
_struct_ref.entity_id 
_struct_ref.pdbx_seq_one_letter_code 
_struct_ref.pdbx_align_begin 
_struct_ref.pdbx_db_isoform 
1 UNP GRB2_HUMAN P62993 1 
;IEMKPHPWFFGKIPRAKAEEMLSKQRHDGAFLIRESESAPGDFSLSVKFGNDVQHFKVLRDGAGKYFLWVVKFNSLNELV
DYHRSTSVSRNQQIFLRDIEQVPQQPTYVQA
;
53 ? 
2 PDB 4P9V       4P9V   2 ? ?  ? 
# 
loop_
_struct_ref_seq.align_id 
_struct_ref_seq.ref_id 
_struct_ref_seq.pdbx_PDB_id_code 
_struct_ref_seq.pdbx_strand_id 
_struct_ref_seq.seq_align_beg 
_struct_ref_seq.pdbx_seq_align_beg_ins_code 
_struct_ref_seq.seq_align_end 
_struct_ref_seq.pdbx_seq_align_end_ins_code 
_struct_ref_seq.pdbx_db_accession 
_struct_ref_seq.db_align_beg 
_struct_ref_seq.pdbx_db_align_beg_ins_code 
_struct_ref_seq.db_align_end 
_struct_ref_seq.pdbx_db_align_end_ins_code 
_struct_ref_seq.pdbx_auth_seq_align_beg 
_struct_ref_seq.pdbx_auth_seq_align_end 
1 1 4P9V A 1 ? 111 ? P62993 53 ? 163 ? 53 163 
2 2 4P9V B 1 ? 5   ? 4P9V   1  ? 5   ? 1  5   
# 
loop_
_struct_ref_seq_dif.align_id 
_struct_ref_seq_dif.pdbx_pdb_id_code 
_struct_ref_seq_dif.mon_id 
_struct_ref_seq_dif.pdbx_pdb_strand_id 
_struct_ref_seq_dif.seq_num 
_struct_ref_seq_dif.pdbx_pdb_ins_code 
_struct_ref_seq_dif.pdbx_seq_db_name 
_struct_ref_seq_dif.pdbx_seq_db_accession_code 
_struct_ref_seq_dif.db_mon_id 
_struct_ref_seq_dif.pdbx_seq_db_seq_num 
_struct_ref_seq_dif.details 
_struct_ref_seq_dif.pdbx_auth_seq_num 
_struct_ref_seq_dif.pdbx_ordinal 
1 4P9V HIS A 112 ? UNP P62993 ? ? 'expression tag' 164 1 
1 4P9V HIS A 113 ? UNP P62993 ? ? 'expression tag' 165 2 
1 4P9V HIS A 114 ? UNP P62993 ? ? 'expression tag' 166 3 
1 4P9V HIS A 115 ? UNP P62993 ? ? 'expression tag' 167 4 
1 4P9V HIS A 116 ? UNP P62993 ? ? 'expression tag' 168 5 
1 4P9V HIS A 117 ? UNP P62993 ? ? 'expression tag' 169 6 
# 
_pdbx_struct_assembly.id                   1 
_pdbx_struct_assembly.details              author_and_software_defined_assembly 
_pdbx_struct_assembly.method_details       PISA 
_pdbx_struct_assembly.oligomeric_details   dimeric 
_pdbx_struct_assembly.oligomeric_count     2 
# 
loop_
_pdbx_struct_assembly_prop.biol_id 
_pdbx_struct_assembly_prop.type 
_pdbx_struct_assembly_prop.value 
_pdbx_struct_assembly_prop.details 
1 'ABSA (A^2)' 1310 ? 
1 MORE         -10  ? 
1 'SSA (A^2)'  6080 ? 
# 
_pdbx_struct_assembly_gen.assembly_id       1 
_pdbx_struct_assembly_gen.oper_expression   1 
_pdbx_struct_assembly_gen.asym_id_list      A,B,C,D,E 
# 
_pdbx_struct_oper_list.id                   1 
_pdbx_struct_oper_list.type                 'identity operation' 
_pdbx_struct_oper_list.name                 1_555 
_pdbx_struct_oper_list.symmetry_operation   x,y,z 
_pdbx_struct_oper_list.matrix[1][1]         1.0000000000 
_pdbx_struct_oper_list.matrix[1][2]         0.0000000000 
_pdbx_struct_oper_list.matrix[1][3]         0.0000000000 
_pdbx_struct_oper_list.vector[1]            0.0000000000 
_pdbx_struct_oper_list.matrix[2][1]         0.0000000000 
_pdbx_struct_oper_list.matrix[2][2]         1.0000000000 
_pdbx_struct_oper_list.matrix[2][3]         0.0000000000 
_pdbx_struct_oper_list.vector[2]            0.0000000000 
_pdbx_struct_oper_list.matrix[3][1]         0.0000000000 
_pdbx_struct_oper_list.matrix[3][2]         0.0000000000 
_pdbx_struct_oper_list.matrix[3][3]         1.0000000000 
_pdbx_struct_oper_list.vector[3]            0.0000000000 
# 
loop_
_struct_conf.conf_type_id 
_struct_conf.id 
_struct_conf.pdbx_PDB_helix_id 
_struct_conf.beg_label_comp_id 
_struct_conf.beg_label_asym_id 
_struct_conf.beg_label_seq_id 
_struct_conf.pdbx_beg_PDB_ins_code 
_struct_conf.end_label_comp_id 
_struct_conf.end_label_asym_id 
_struct_conf.end_label_seq_id 
_struct_conf.pdbx_end_PDB_ins_code 
_struct_conf.beg_auth_comp_id 
_struct_conf.beg_auth_asym_id 
_struct_conf.beg_auth_seq_id 
_struct_conf.end_auth_comp_id 
_struct_conf.end_auth_asym_id 
_struct_conf.end_auth_seq_id 
_struct_conf.pdbx_PDB_helix_class 
_struct_conf.details 
_struct_conf.pdbx_PDB_helix_length 
HELX_P HELX_P1 AA1 PRO A 14 ? LYS A 24 ? PRO A 66  LYS A 76  1 ? 11 
HELX_P HELX_P2 AA2 SER A 75 ? HIS A 83 ? SER A 127 HIS A 135 1 ? 9  
# 
_struct_conf_type.id          HELX_P 
_struct_conf_type.criteria    ? 
_struct_conf_type.reference   ? 
# 
loop_
_struct_conn.id 
_struct_conn.conn_type_id 
_struct_conn.pdbx_leaving_atom_flag 
_struct_conn.pdbx_PDB_id 
_struct_conn.ptnr1_label_asym_id 
_struct_conn.ptnr1_label_comp_id 
_struct_conn.ptnr1_label_seq_id 
_struct_conn.ptnr1_label_atom_id 
_struct_conn.pdbx_ptnr1_label_alt_id 
_struct_conn.pdbx_ptnr1_PDB_ins_code 
_struct_conn.pdbx_ptnr1_standard_comp_id 
_struct_conn.ptnr1_symmetry 
_struct_conn.ptnr2_label_asym_id 
_struct_conn.ptnr2_label_comp_id 
_struct_conn.ptnr2_label_seq_id 
_struct_conn.ptnr2_label_atom_id 
_struct_conn.pdbx_ptnr2_label_alt_id 
_struct_conn.pdbx_ptnr2_PDB_ins_code 
_struct_conn.ptnr1_auth_asym_id 
_struct_conn.ptnr1_auth_comp_id 
_struct_conn.ptnr1_auth_seq_id 
_struct_conn.ptnr2_auth_asym_id 
_struct_conn.ptnr2_auth_comp_id 
_struct_conn.ptnr2_auth_seq_id 
_struct_conn.ptnr2_symmetry 
_struct_conn.pdbx_ptnr3_label_atom_id 
_struct_conn.pdbx_ptnr3_label_seq_id 
_struct_conn.pdbx_ptnr3_label_comp_id 
_struct_conn.pdbx_ptnr3_label_asym_id 
_struct_conn.pdbx_ptnr3_label_alt_id 
_struct_conn.pdbx_ptnr3_PDB_ins_code 
_struct_conn.details 
_struct_conn.pdbx_dist_value 
_struct_conn.pdbx_value_order 
_struct_conn.pdbx_role 
covale1 covale both ? B PHQ 1 C1 ? ? ? 1_555 B PTR 2 N ? ? B PHQ 1 B PTR 2 1_555 ? ? ? ? ? ? ? 1.347 ? ? 
covale2 covale both ? B PTR 2 C  ? ? ? 1_555 B 02K 3 N ? ? B PTR 2 B 02K 3 1_555 ? ? ? ? ? ? ? 1.341 ? ? 
covale3 covale both ? B 02K 3 C  ? ? ? 1_555 B ASN 4 N ? ? B 02K 3 B ASN 4 1_555 ? ? ? ? ? ? ? 1.387 ? ? 
covale4 covale both ? B ASN 4 C  ? ? ? 1_555 B NH2 5 N ? ? B ASN 4 B NH2 5 1_555 ? ? ? ? ? ? ? 1.303 ? ? 
# 
_struct_conn_type.id          covale 
_struct_conn_type.criteria    ? 
_struct_conn_type.reference   ? 
# 
loop_
_pdbx_modification_feature.ordinal 
_pdbx_modification_feature.label_comp_id 
_pdbx_modification_feature.label_asym_id 
_pdbx_modification_feature.label_seq_id 
_pdbx_modification_feature.label_alt_id 
_pdbx_modification_feature.modified_residue_label_comp_id 
_pdbx_modification_feature.modified_residue_label_asym_id 
_pdbx_modification_feature.modified_residue_label_seq_id 
_pdbx_modification_feature.modified_residue_label_alt_id 
_pdbx_modification_feature.auth_comp_id 
_pdbx_modification_feature.auth_asym_id 
_pdbx_modification_feature.auth_seq_id 
_pdbx_modification_feature.PDB_ins_code 
_pdbx_modification_feature.symmetry 
_pdbx_modification_feature.modified_residue_auth_comp_id 
_pdbx_modification_feature.modified_residue_auth_asym_id 
_pdbx_modification_feature.modified_residue_auth_seq_id 
_pdbx_modification_feature.modified_residue_PDB_ins_code 
_pdbx_modification_feature.modified_residue_symmetry 
_pdbx_modification_feature.comp_id_linking_atom 
_pdbx_modification_feature.modified_residue_id_linking_atom 
_pdbx_modification_feature.modified_residue_id 
_pdbx_modification_feature.ref_pcm_id 
_pdbx_modification_feature.ref_comp_id 
_pdbx_modification_feature.type 
_pdbx_modification_feature.category 
1 PTR B 2 ? .   . . . PTR B 2 ? 1_555 .   . . . .     . . TYR 1  PTR Phosphorylation 'Named protein modification' 
2 PHQ B 1 ? .   . . . PHQ B 1 ? 1_555 .   . . . .     . . ?   1  PHQ None            'Non-standard residue'       
3 02K B 3 ? .   . . . 02K B 3 ? 1_555 .   . . . .     . . ALA 1  02K None            'Non-standard residue'       
4 NH2 B 5 ? ASN B 4 ? NH2 B 5 ? 1_555 ASN B 4 ? 1_555 . . ASN 17 NH2 None            'Terminal amidation'         
# 
loop_
_struct_sheet.id 
_struct_sheet.type 
_struct_sheet.number_strands 
_struct_sheet.details 
AA1 ? 3 ? 
AA2 ? 3 ? 
# 
loop_
_struct_sheet_order.sheet_id 
_struct_sheet_order.range_id_1 
_struct_sheet_order.range_id_2 
_struct_sheet_order.offset 
_struct_sheet_order.sense 
AA1 1 2 ? anti-parallel 
AA1 2 3 ? anti-parallel 
AA2 1 2 ? anti-parallel 
AA2 2 3 ? anti-parallel 
# 
loop_
_struct_sheet_range.sheet_id 
_struct_sheet_range.id 
_struct_sheet_range.beg_label_comp_id 
_struct_sheet_range.beg_label_asym_id 
_struct_sheet_range.beg_label_seq_id 
_struct_sheet_range.pdbx_beg_PDB_ins_code 
_struct_sheet_range.end_label_comp_id 
_struct_sheet_range.end_label_asym_id 
_struct_sheet_range.end_label_seq_id 
_struct_sheet_range.pdbx_end_PDB_ins_code 
_struct_sheet_range.beg_auth_comp_id 
_struct_sheet_range.beg_auth_asym_id 
_struct_sheet_range.beg_auth_seq_id 
_struct_sheet_range.end_auth_comp_id 
_struct_sheet_range.end_auth_asym_id 
_struct_sheet_range.end_auth_seq_id 
AA1 1 PHE A 31 ? GLU A 35 ? PHE A 83  GLU A 87  
AA1 2 PHE A 43 ? PHE A 49 ? PHE A 95  PHE A 101 
AA1 3 ASP A 52 ? LYS A 57 ? ASP A 104 LYS A 109 
AA2 1 LEU A 59 ? ARG A 60 ? LEU A 111 ARG A 112 
AA2 2 TYR A 66 ? PHE A 67 ? TYR A 118 PHE A 119 
AA2 3 LYS A 72 ? PHE A 73 ? LYS A 124 PHE A 125 
# 
loop_
_pdbx_struct_sheet_hbond.sheet_id 
_pdbx_struct_sheet_hbond.range_id_1 
_pdbx_struct_sheet_hbond.range_id_2 
_pdbx_struct_sheet_hbond.range_1_label_atom_id 
_pdbx_struct_sheet_hbond.range_1_label_comp_id 
_pdbx_struct_sheet_hbond.range_1_label_asym_id 
_pdbx_struct_sheet_hbond.range_1_label_seq_id 
_pdbx_struct_sheet_hbond.range_1_PDB_ins_code 
_pdbx_struct_sheet_hbond.range_1_auth_atom_id 
_pdbx_struct_sheet_hbond.range_1_auth_comp_id 
_pdbx_struct_sheet_hbond.range_1_auth_asym_id 
_pdbx_struct_sheet_hbond.range_1_auth_seq_id 
_pdbx_struct_sheet_hbond.range_2_label_atom_id 
_pdbx_struct_sheet_hbond.range_2_label_comp_id 
_pdbx_struct_sheet_hbond.range_2_label_asym_id 
_pdbx_struct_sheet_hbond.range_2_label_seq_id 
_pdbx_struct_sheet_hbond.range_2_PDB_ins_code 
_pdbx_struct_sheet_hbond.range_2_auth_atom_id 
_pdbx_struct_sheet_hbond.range_2_auth_comp_id 
_pdbx_struct_sheet_hbond.range_2_auth_asym_id 
_pdbx_struct_sheet_hbond.range_2_auth_seq_id 
AA1 1 2 N LEU A 32 ? N LEU A 84  O SER A 46 ? O SER A 98  
AA1 2 3 N LEU A 45 ? N LEU A 97  O PHE A 56 ? O PHE A 108 
AA2 1 2 N LEU A 59 ? N LEU A 111 O PHE A 67 ? O PHE A 119 
AA2 2 3 N TYR A 66 ? N TYR A 118 O PHE A 73 ? O PHE A 125 
# 
loop_
_struct_site.id 
_struct_site.pdbx_evidence_code 
_struct_site.pdbx_auth_asym_id 
_struct_site.pdbx_auth_comp_id 
_struct_site.pdbx_auth_seq_id 
_struct_site.pdbx_auth_ins_code 
_struct_site.pdbx_num_residues 
_struct_site.details 
AC1 Software A CL  201 ? 3  'binding site for residue CL A 201'    
AC2 Software B PHQ 1   ? 16 'binding site for PHQ-PTR-02K-ASN-NH2' 
# 
loop_
_struct_site_gen.id 
_struct_site_gen.site_id 
_struct_site_gen.pdbx_num_res 
_struct_site_gen.label_comp_id 
_struct_site_gen.label_asym_id 
_struct_site_gen.label_seq_id 
_struct_site_gen.pdbx_auth_ins_code 
_struct_site_gen.auth_comp_id 
_struct_site_gen.auth_asym_id 
_struct_site_gen.auth_seq_id 
_struct_site_gen.label_atom_id 
_struct_site_gen.label_alt_id 
_struct_site_gen.symmetry 
_struct_site_gen.details 
1  AC1 3  SER A 87 ? SER A 139 . ? 1_555 ? 
2  AC1 3  GLN A 93 ? GLN A 145 . ? 1_555 ? 
3  AC1 3  HOH D .  ? HOH A 327 . ? 6_445 ? 
4  AC2 16 ARG A 15 ? ARG A 67  . ? 1_555 ? 
5  AC2 16 ARG A 26 ? ARG A 78  . ? 7_655 ? 
6  AC2 16 ARG A 34 ? ARG A 86  . ? 1_555 ? 
7  AC2 16 SER A 36 ? SER A 88  . ? 1_555 ? 
8  AC2 16 SER A 38 ? SER A 90  . ? 1_555 ? 
9  AC2 16 SER A 44 ? SER A 96  . ? 1_555 ? 
10 AC2 16 HIS A 55 ? HIS A 107 . ? 1_555 ? 
11 AC2 16 PHE A 56 ? PHE A 108 . ? 1_555 ? 
12 AC2 16 LYS A 57 ? LYS A 109 . ? 1_555 ? 
13 AC2 16 LEU A 68 ? LEU A 120 . ? 1_555 ? 
14 AC2 16 TRP A 69 ? TRP A 121 . ? 1_555 ? 
15 AC2 16 HOH D .  ? HOH A 301 . ? 7_655 ? 
16 AC2 16 HOH D .  ? HOH A 307 . ? 1_555 ? 
17 AC2 16 HOH E .  ? HOH B 101 . ? 1_555 ? 
18 AC2 16 HOH E .  ? HOH B 102 . ? 1_555 ? 
19 AC2 16 HOH E .  ? HOH B 103 . ? 1_555 ? 
# 
_pdbx_entry_details.entry_id                   4P9V 
_pdbx_entry_details.compound_details           ? 
_pdbx_entry_details.source_details             ? 
_pdbx_entry_details.nonpolymer_details         ? 
_pdbx_entry_details.sequence_details           ? 
_pdbx_entry_details.has_ligand_of_interest     ? 
_pdbx_entry_details.has_protein_modification   Y 
# 
_pdbx_validate_rmsd_angle.id                         1 
_pdbx_validate_rmsd_angle.PDB_model_num              1 
_pdbx_validate_rmsd_angle.auth_atom_id_1             CB 
_pdbx_validate_rmsd_angle.auth_asym_id_1             A 
_pdbx_validate_rmsd_angle.auth_comp_id_1             ASP 
_pdbx_validate_rmsd_angle.auth_seq_id_1              80 
_pdbx_validate_rmsd_angle.PDB_ins_code_1             ? 
_pdbx_validate_rmsd_angle.label_alt_id_1             ? 
_pdbx_validate_rmsd_angle.auth_atom_id_2             CG 
_pdbx_validate_rmsd_angle.auth_asym_id_2             A 
_pdbx_validate_rmsd_angle.auth_comp_id_2             ASP 
_pdbx_validate_rmsd_angle.auth_seq_id_2              80 
_pdbx_validate_rmsd_angle.PDB_ins_code_2             ? 
_pdbx_validate_rmsd_angle.label_alt_id_2             ? 
_pdbx_validate_rmsd_angle.auth_atom_id_3             OD1 
_pdbx_validate_rmsd_angle.auth_asym_id_3             A 
_pdbx_validate_rmsd_angle.auth_comp_id_3             ASP 
_pdbx_validate_rmsd_angle.auth_seq_id_3              80 
_pdbx_validate_rmsd_angle.PDB_ins_code_3             ? 
_pdbx_validate_rmsd_angle.label_alt_id_3             ? 
_pdbx_validate_rmsd_angle.angle_value                123.92 
_pdbx_validate_rmsd_angle.angle_target_value         118.30 
_pdbx_validate_rmsd_angle.angle_deviation            5.62 
_pdbx_validate_rmsd_angle.angle_standard_deviation   0.90 
_pdbx_validate_rmsd_angle.linker_flag                N 
# 
loop_
_pdbx_validate_torsion.id 
_pdbx_validate_torsion.PDB_model_num 
_pdbx_validate_torsion.auth_comp_id 
_pdbx_validate_torsion.auth_asym_id 
_pdbx_validate_torsion.auth_seq_id 
_pdbx_validate_torsion.PDB_ins_code 
_pdbx_validate_torsion.label_alt_id 
_pdbx_validate_torsion.phi 
_pdbx_validate_torsion.psi 
1 1 MET A 55  ? ? -26.39  99.55  
2 1 TRP A 121 ? ? -127.43 -67.10 
3 1 VAL A 122 ? ? -135.67 -45.17 
# 
loop_
_pdbx_unobs_or_zero_occ_residues.id 
_pdbx_unobs_or_zero_occ_residues.PDB_model_num 
_pdbx_unobs_or_zero_occ_residues.polymer_flag 
_pdbx_unobs_or_zero_occ_residues.occupancy_flag 
_pdbx_unobs_or_zero_occ_residues.auth_asym_id 
_pdbx_unobs_or_zero_occ_residues.auth_comp_id 
_pdbx_unobs_or_zero_occ_residues.auth_seq_id 
_pdbx_unobs_or_zero_occ_residues.PDB_ins_code 
_pdbx_unobs_or_zero_occ_residues.label_asym_id 
_pdbx_unobs_or_zero_occ_residues.label_comp_id 
_pdbx_unobs_or_zero_occ_residues.label_seq_id 
1  1 Y 1 A ILE 53  ? A ILE 1   
2  1 Y 1 A VAL 154 ? A VAL 102 
3  1 Y 1 A PRO 155 ? A PRO 103 
4  1 Y 1 A GLN 156 ? A GLN 104 
5  1 Y 1 A GLN 157 ? A GLN 105 
6  1 Y 1 A PRO 158 ? A PRO 106 
7  1 Y 1 A THR 159 ? A THR 107 
8  1 Y 1 A TYR 160 ? A TYR 108 
9  1 Y 1 A VAL 161 ? A VAL 109 
10 1 Y 1 A GLN 162 ? A GLN 110 
11 1 Y 1 A ALA 163 ? A ALA 111 
12 1 Y 1 A HIS 164 ? A HIS 112 
13 1 Y 1 A HIS 165 ? A HIS 113 
14 1 Y 1 A HIS 166 ? A HIS 114 
15 1 Y 1 A HIS 167 ? A HIS 115 
16 1 Y 1 A HIS 168 ? A HIS 116 
17 1 Y 1 A HIS 169 ? A HIS 117 
# 
loop_
_chem_comp_atom.comp_id 
_chem_comp_atom.atom_id 
_chem_comp_atom.type_symbol 
_chem_comp_atom.pdbx_aromatic_flag 
_chem_comp_atom.pdbx_stereo_config 
_chem_comp_atom.pdbx_ordinal 
02K O    O  N N 1   
02K CD   C  N N 2   
02K CG   C  N N 3   
02K CE   C  N N 4   
02K CB   C  N N 5   
02K CH   C  N N 6   
02K N    N  N N 7   
02K C    C  N N 8   
02K CA   C  N N 9   
02K HAP  H  N N 10  
02K HAPA H  N N 11  
02K HAQ  H  N N 12  
02K HAQA H  N N 13  
02K HAR  H  N N 14  
02K HARA H  N N 15  
02K HB1  H  N N 16  
02K HB2  H  N N 17  
02K HAT  H  N N 18  
02K HATA H  N N 19  
02K H    H  N N 20  
02K OXT  O  N N 21  
02K HXT  H  N N 22  
02K H2   H  N N 23  
ALA N    N  N N 24  
ALA CA   C  N S 25  
ALA C    C  N N 26  
ALA O    O  N N 27  
ALA CB   C  N N 28  
ALA OXT  O  N N 29  
ALA H    H  N N 30  
ALA H2   H  N N 31  
ALA HA   H  N N 32  
ALA HB1  H  N N 33  
ALA HB2  H  N N 34  
ALA HB3  H  N N 35  
ALA HXT  H  N N 36  
ARG N    N  N N 37  
ARG CA   C  N S 38  
ARG C    C  N N 39  
ARG O    O  N N 40  
ARG CB   C  N N 41  
ARG CG   C  N N 42  
ARG CD   C  N N 43  
ARG NE   N  N N 44  
ARG CZ   C  N N 45  
ARG NH1  N  N N 46  
ARG NH2  N  N N 47  
ARG OXT  O  N N 48  
ARG H    H  N N 49  
ARG H2   H  N N 50  
ARG HA   H  N N 51  
ARG HB2  H  N N 52  
ARG HB3  H  N N 53  
ARG HG2  H  N N 54  
ARG HG3  H  N N 55  
ARG HD2  H  N N 56  
ARG HD3  H  N N 57  
ARG HE   H  N N 58  
ARG HH11 H  N N 59  
ARG HH12 H  N N 60  
ARG HH21 H  N N 61  
ARG HH22 H  N N 62  
ARG HXT  H  N N 63  
ASN N    N  N N 64  
ASN CA   C  N S 65  
ASN C    C  N N 66  
ASN O    O  N N 67  
ASN CB   C  N N 68  
ASN CG   C  N N 69  
ASN OD1  O  N N 70  
ASN ND2  N  N N 71  
ASN OXT  O  N N 72  
ASN H    H  N N 73  
ASN H2   H  N N 74  
ASN HA   H  N N 75  
ASN HB2  H  N N 76  
ASN HB3  H  N N 77  
ASN HD21 H  N N 78  
ASN HD22 H  N N 79  
ASN HXT  H  N N 80  
ASP N    N  N N 81  
ASP CA   C  N S 82  
ASP C    C  N N 83  
ASP O    O  N N 84  
ASP CB   C  N N 85  
ASP CG   C  N N 86  
ASP OD1  O  N N 87  
ASP OD2  O  N N 88  
ASP OXT  O  N N 89  
ASP H    H  N N 90  
ASP H2   H  N N 91  
ASP HA   H  N N 92  
ASP HB2  H  N N 93  
ASP HB3  H  N N 94  
ASP HD2  H  N N 95  
ASP HXT  H  N N 96  
CL  CL   CL N N 97  
GLN N    N  N N 98  
GLN CA   C  N S 99  
GLN C    C  N N 100 
GLN O    O  N N 101 
GLN CB   C  N N 102 
GLN CG   C  N N 103 
GLN CD   C  N N 104 
GLN OE1  O  N N 105 
GLN NE2  N  N N 106 
GLN OXT  O  N N 107 
GLN H    H  N N 108 
GLN H2   H  N N 109 
GLN HA   H  N N 110 
GLN HB2  H  N N 111 
GLN HB3  H  N N 112 
GLN HG2  H  N N 113 
GLN HG3  H  N N 114 
GLN HE21 H  N N 115 
GLN HE22 H  N N 116 
GLN HXT  H  N N 117 
GLU N    N  N N 118 
GLU CA   C  N S 119 
GLU C    C  N N 120 
GLU O    O  N N 121 
GLU CB   C  N N 122 
GLU CG   C  N N 123 
GLU CD   C  N N 124 
GLU OE1  O  N N 125 
GLU OE2  O  N N 126 
GLU OXT  O  N N 127 
GLU H    H  N N 128 
GLU H2   H  N N 129 
GLU HA   H  N N 130 
GLU HB2  H  N N 131 
GLU HB3  H  N N 132 
GLU HG2  H  N N 133 
GLU HG3  H  N N 134 
GLU HE2  H  N N 135 
GLU HXT  H  N N 136 
GLY N    N  N N 137 
GLY CA   C  N N 138 
GLY C    C  N N 139 
GLY O    O  N N 140 
GLY OXT  O  N N 141 
GLY H    H  N N 142 
GLY H2   H  N N 143 
GLY HA2  H  N N 144 
GLY HA3  H  N N 145 
GLY HXT  H  N N 146 
HIS N    N  N N 147 
HIS CA   C  N S 148 
HIS C    C  N N 149 
HIS O    O  N N 150 
HIS CB   C  N N 151 
HIS CG   C  Y N 152 
HIS ND1  N  Y N 153 
HIS CD2  C  Y N 154 
HIS CE1  C  Y N 155 
HIS NE2  N  Y N 156 
HIS OXT  O  N N 157 
HIS H    H  N N 158 
HIS H2   H  N N 159 
HIS HA   H  N N 160 
HIS HB2  H  N N 161 
HIS HB3  H  N N 162 
HIS HD1  H  N N 163 
HIS HD2  H  N N 164 
HIS HE1  H  N N 165 
HIS HE2  H  N N 166 
HIS HXT  H  N N 167 
HOH O    O  N N 168 
HOH H1   H  N N 169 
HOH H2   H  N N 170 
ILE N    N  N N 171 
ILE CA   C  N S 172 
ILE C    C  N N 173 
ILE O    O  N N 174 
ILE CB   C  N S 175 
ILE CG1  C  N N 176 
ILE CG2  C  N N 177 
ILE CD1  C  N N 178 
ILE OXT  O  N N 179 
ILE H    H  N N 180 
ILE H2   H  N N 181 
ILE HA   H  N N 182 
ILE HB   H  N N 183 
ILE HG12 H  N N 184 
ILE HG13 H  N N 185 
ILE HG21 H  N N 186 
ILE HG22 H  N N 187 
ILE HG23 H  N N 188 
ILE HD11 H  N N 189 
ILE HD12 H  N N 190 
ILE HD13 H  N N 191 
ILE HXT  H  N N 192 
LEU N    N  N N 193 
LEU CA   C  N S 194 
LEU C    C  N N 195 
LEU O    O  N N 196 
LEU CB   C  N N 197 
LEU CG   C  N N 198 
LEU CD1  C  N N 199 
LEU CD2  C  N N 200 
LEU OXT  O  N N 201 
LEU H    H  N N 202 
LEU H2   H  N N 203 
LEU HA   H  N N 204 
LEU HB2  H  N N 205 
LEU HB3  H  N N 206 
LEU HG   H  N N 207 
LEU HD11 H  N N 208 
LEU HD12 H  N N 209 
LEU HD13 H  N N 210 
LEU HD21 H  N N 211 
LEU HD22 H  N N 212 
LEU HD23 H  N N 213 
LEU HXT  H  N N 214 
LYS N    N  N N 215 
LYS CA   C  N S 216 
LYS C    C  N N 217 
LYS O    O  N N 218 
LYS CB   C  N N 219 
LYS CG   C  N N 220 
LYS CD   C  N N 221 
LYS CE   C  N N 222 
LYS NZ   N  N N 223 
LYS OXT  O  N N 224 
LYS H    H  N N 225 
LYS H2   H  N N 226 
LYS HA   H  N N 227 
LYS HB2  H  N N 228 
LYS HB3  H  N N 229 
LYS HG2  H  N N 230 
LYS HG3  H  N N 231 
LYS HD2  H  N N 232 
LYS HD3  H  N N 233 
LYS HE2  H  N N 234 
LYS HE3  H  N N 235 
LYS HZ1  H  N N 236 
LYS HZ2  H  N N 237 
LYS HZ3  H  N N 238 
LYS HXT  H  N N 239 
MET N    N  N N 240 
MET CA   C  N S 241 
MET C    C  N N 242 
MET O    O  N N 243 
MET CB   C  N N 244 
MET CG   C  N N 245 
MET SD   S  N N 246 
MET CE   C  N N 247 
MET OXT  O  N N 248 
MET H    H  N N 249 
MET H2   H  N N 250 
MET HA   H  N N 251 
MET HB2  H  N N 252 
MET HB3  H  N N 253 
MET HG2  H  N N 254 
MET HG3  H  N N 255 
MET HE1  H  N N 256 
MET HE2  H  N N 257 
MET HE3  H  N N 258 
MET HXT  H  N N 259 
NH2 N    N  N N 260 
NH2 HN1  H  N N 261 
NH2 HN2  H  N N 262 
PHE N    N  N N 263 
PHE CA   C  N S 264 
PHE C    C  N N 265 
PHE O    O  N N 266 
PHE CB   C  N N 267 
PHE CG   C  Y N 268 
PHE CD1  C  Y N 269 
PHE CD2  C  Y N 270 
PHE CE1  C  Y N 271 
PHE CE2  C  Y N 272 
PHE CZ   C  Y N 273 
PHE OXT  O  N N 274 
PHE H    H  N N 275 
PHE H2   H  N N 276 
PHE HA   H  N N 277 
PHE HB2  H  N N 278 
PHE HB3  H  N N 279 
PHE HD1  H  N N 280 
PHE HD2  H  N N 281 
PHE HE1  H  N N 282 
PHE HE2  H  N N 283 
PHE HZ   H  N N 284 
PHE HXT  H  N N 285 
PHQ C1   C  N N 286 
PHQ O1   O  N N 287 
PHQ O2   O  N N 288 
PHQ C2   C  N N 289 
PHQ C3   C  Y N 290 
PHQ C4   C  Y N 291 
PHQ C5   C  Y N 292 
PHQ C6   C  Y N 293 
PHQ C7   C  Y N 294 
PHQ C8   C  Y N 295 
PHQ CL1  CL N N 296 
PHQ H21  H  N N 297 
PHQ H22  H  N N 298 
PHQ H41  H  N N 299 
PHQ H51  H  N N 300 
PHQ H61  H  N N 301 
PHQ H71  H  N N 302 
PHQ H81  H  N N 303 
PRO N    N  N N 304 
PRO CA   C  N S 305 
PRO C    C  N N 306 
PRO O    O  N N 307 
PRO CB   C  N N 308 
PRO CG   C  N N 309 
PRO CD   C  N N 310 
PRO OXT  O  N N 311 
PRO H    H  N N 312 
PRO HA   H  N N 313 
PRO HB2  H  N N 314 
PRO HB3  H  N N 315 
PRO HG2  H  N N 316 
PRO HG3  H  N N 317 
PRO HD2  H  N N 318 
PRO HD3  H  N N 319 
PRO HXT  H  N N 320 
PTR N    N  N N 321 
PTR CA   C  N S 322 
PTR C    C  N N 323 
PTR O    O  N N 324 
PTR OXT  O  N N 325 
PTR CB   C  N N 326 
PTR CG   C  Y N 327 
PTR CD1  C  Y N 328 
PTR CD2  C  Y N 329 
PTR CE1  C  Y N 330 
PTR CE2  C  Y N 331 
PTR CZ   C  Y N 332 
PTR OH   O  N N 333 
PTR P    P  N N 334 
PTR O1P  O  N N 335 
PTR O2P  O  N N 336 
PTR O3P  O  N N 337 
PTR H    H  N N 338 
PTR H2   H  N N 339 
PTR HA   H  N N 340 
PTR HXT  H  N N 341 
PTR HB2  H  N N 342 
PTR HB3  H  N N 343 
PTR HD1  H  N N 344 
PTR HD2  H  N N 345 
PTR HE1  H  N N 346 
PTR HE2  H  N N 347 
PTR HO2P H  N N 348 
PTR HO3P H  N N 349 
SER N    N  N N 350 
SER CA   C  N S 351 
SER C    C  N N 352 
SER O    O  N N 353 
SER CB   C  N N 354 
SER OG   O  N N 355 
SER OXT  O  N N 356 
SER H    H  N N 357 
SER H2   H  N N 358 
SER HA   H  N N 359 
SER HB2  H  N N 360 
SER HB3  H  N N 361 
SER HG   H  N N 362 
SER HXT  H  N N 363 
THR N    N  N N 364 
THR CA   C  N S 365 
THR C    C  N N 366 
THR O    O  N N 367 
THR CB   C  N R 368 
THR OG1  O  N N 369 
THR CG2  C  N N 370 
THR OXT  O  N N 371 
THR H    H  N N 372 
THR H2   H  N N 373 
THR HA   H  N N 374 
THR HB   H  N N 375 
THR HG1  H  N N 376 
THR HG21 H  N N 377 
THR HG22 H  N N 378 
THR HG23 H  N N 379 
THR HXT  H  N N 380 
TRP N    N  N N 381 
TRP CA   C  N S 382 
TRP C    C  N N 383 
TRP O    O  N N 384 
TRP CB   C  N N 385 
TRP CG   C  Y N 386 
TRP CD1  C  Y N 387 
TRP CD2  C  Y N 388 
TRP NE1  N  Y N 389 
TRP CE2  C  Y N 390 
TRP CE3  C  Y N 391 
TRP CZ2  C  Y N 392 
TRP CZ3  C  Y N 393 
TRP CH2  C  Y N 394 
TRP OXT  O  N N 395 
TRP H    H  N N 396 
TRP H2   H  N N 397 
TRP HA   H  N N 398 
TRP HB2  H  N N 399 
TRP HB3  H  N N 400 
TRP HD1  H  N N 401 
TRP HE1  H  N N 402 
TRP HE3  H  N N 403 
TRP HZ2  H  N N 404 
TRP HZ3  H  N N 405 
TRP HH2  H  N N 406 
TRP HXT  H  N N 407 
TYR N    N  N N 408 
TYR CA   C  N S 409 
TYR C    C  N N 410 
TYR O    O  N N 411 
TYR CB   C  N N 412 
TYR CG   C  Y N 413 
TYR CD1  C  Y N 414 
TYR CD2  C  Y N 415 
TYR CE1  C  Y N 416 
TYR CE2  C  Y N 417 
TYR CZ   C  Y N 418 
TYR OH   O  N N 419 
TYR OXT  O  N N 420 
TYR H    H  N N 421 
TYR H2   H  N N 422 
TYR HA   H  N N 423 
TYR HB2  H  N N 424 
TYR HB3  H  N N 425 
TYR HD1  H  N N 426 
TYR HD2  H  N N 427 
TYR HE1  H  N N 428 
TYR HE2  H  N N 429 
TYR HH   H  N N 430 
TYR HXT  H  N N 431 
VAL N    N  N N 432 
VAL CA   C  N S 433 
VAL C    C  N N 434 
VAL O    O  N N 435 
VAL CB   C  N N 436 
VAL CG1  C  N N 437 
VAL CG2  C  N N 438 
VAL OXT  O  N N 439 
VAL H    H  N N 440 
VAL H2   H  N N 441 
VAL HA   H  N N 442 
VAL HB   H  N N 443 
VAL HG11 H  N N 444 
VAL HG12 H  N N 445 
VAL HG13 H  N N 446 
VAL HG21 H  N N 447 
VAL HG22 H  N N 448 
VAL HG23 H  N N 449 
VAL HXT  H  N N 450 
# 
loop_
_chem_comp_bond.comp_id 
_chem_comp_bond.atom_id_1 
_chem_comp_bond.atom_id_2 
_chem_comp_bond.value_order 
_chem_comp_bond.pdbx_aromatic_flag 
_chem_comp_bond.pdbx_stereo_config 
_chem_comp_bond.pdbx_ordinal 
02K C   O    doub N N 1   
02K CE  CD   sing N N 2   
02K CD  CG   sing N N 3   
02K CD  HAP  sing N N 4   
02K CD  HAPA sing N N 5   
02K CG  CB   sing N N 6   
02K CG  HAQ  sing N N 7   
02K CG  HAQA sing N N 8   
02K CE  CH   sing N N 9   
02K CE  HAR  sing N N 10  
02K CE  HARA sing N N 11  
02K CA  CB   sing N N 12  
02K CB  HB1  sing N N 13  
02K CB  HB2  sing N N 14  
02K CH  CA   sing N N 15  
02K CH  HAT  sing N N 16  
02K CH  HATA sing N N 17  
02K N   CA   sing N N 18  
02K N   H    sing N N 19  
02K CA  C    sing N N 20  
02K C   OXT  sing N N 21  
02K OXT HXT  sing N N 22  
02K N   H2   sing N N 23  
ALA N   CA   sing N N 24  
ALA N   H    sing N N 25  
ALA N   H2   sing N N 26  
ALA CA  C    sing N N 27  
ALA CA  CB   sing N N 28  
ALA CA  HA   sing N N 29  
ALA C   O    doub N N 30  
ALA C   OXT  sing N N 31  
ALA CB  HB1  sing N N 32  
ALA CB  HB2  sing N N 33  
ALA CB  HB3  sing N N 34  
ALA OXT HXT  sing N N 35  
ARG N   CA   sing N N 36  
ARG N   H    sing N N 37  
ARG N   H2   sing N N 38  
ARG CA  C    sing N N 39  
ARG CA  CB   sing N N 40  
ARG CA  HA   sing N N 41  
ARG C   O    doub N N 42  
ARG C   OXT  sing N N 43  
ARG CB  CG   sing N N 44  
ARG CB  HB2  sing N N 45  
ARG CB  HB3  sing N N 46  
ARG CG  CD   sing N N 47  
ARG CG  HG2  sing N N 48  
ARG CG  HG3  sing N N 49  
ARG CD  NE   sing N N 50  
ARG CD  HD2  sing N N 51  
ARG CD  HD3  sing N N 52  
ARG NE  CZ   sing N N 53  
ARG NE  HE   sing N N 54  
ARG CZ  NH1  sing N N 55  
ARG CZ  NH2  doub N N 56  
ARG NH1 HH11 sing N N 57  
ARG NH1 HH12 sing N N 58  
ARG NH2 HH21 sing N N 59  
ARG NH2 HH22 sing N N 60  
ARG OXT HXT  sing N N 61  
ASN N   CA   sing N N 62  
ASN N   H    sing N N 63  
ASN N   H2   sing N N 64  
ASN CA  C    sing N N 65  
ASN CA  CB   sing N N 66  
ASN CA  HA   sing N N 67  
ASN C   O    doub N N 68  
ASN C   OXT  sing N N 69  
ASN CB  CG   sing N N 70  
ASN CB  HB2  sing N N 71  
ASN CB  HB3  sing N N 72  
ASN CG  OD1  doub N N 73  
ASN CG  ND2  sing N N 74  
ASN ND2 HD21 sing N N 75  
ASN ND2 HD22 sing N N 76  
ASN OXT HXT  sing N N 77  
ASP N   CA   sing N N 78  
ASP N   H    sing N N 79  
ASP N   H2   sing N N 80  
ASP CA  C    sing N N 81  
ASP CA  CB   sing N N 82  
ASP CA  HA   sing N N 83  
ASP C   O    doub N N 84  
ASP C   OXT  sing N N 85  
ASP CB  CG   sing N N 86  
ASP CB  HB2  sing N N 87  
ASP CB  HB3  sing N N 88  
ASP CG  OD1  doub N N 89  
ASP CG  OD2  sing N N 90  
ASP OD2 HD2  sing N N 91  
ASP OXT HXT  sing N N 92  
GLN N   CA   sing N N 93  
GLN N   H    sing N N 94  
GLN N   H2   sing N N 95  
GLN CA  C    sing N N 96  
GLN CA  CB   sing N N 97  
GLN CA  HA   sing N N 98  
GLN C   O    doub N N 99  
GLN C   OXT  sing N N 100 
GLN CB  CG   sing N N 101 
GLN CB  HB2  sing N N 102 
GLN CB  HB3  sing N N 103 
GLN CG  CD   sing N N 104 
GLN CG  HG2  sing N N 105 
GLN CG  HG3  sing N N 106 
GLN CD  OE1  doub N N 107 
GLN CD  NE2  sing N N 108 
GLN NE2 HE21 sing N N 109 
GLN NE2 HE22 sing N N 110 
GLN OXT HXT  sing N N 111 
GLU N   CA   sing N N 112 
GLU N   H    sing N N 113 
GLU N   H2   sing N N 114 
GLU CA  C    sing N N 115 
GLU CA  CB   sing N N 116 
GLU CA  HA   sing N N 117 
GLU C   O    doub N N 118 
GLU C   OXT  sing N N 119 
GLU CB  CG   sing N N 120 
GLU CB  HB2  sing N N 121 
GLU CB  HB3  sing N N 122 
GLU CG  CD   sing N N 123 
GLU CG  HG2  sing N N 124 
GLU CG  HG3  sing N N 125 
GLU CD  OE1  doub N N 126 
GLU CD  OE2  sing N N 127 
GLU OE2 HE2  sing N N 128 
GLU OXT HXT  sing N N 129 
GLY N   CA   sing N N 130 
GLY N   H    sing N N 131 
GLY N   H2   sing N N 132 
GLY CA  C    sing N N 133 
GLY CA  HA2  sing N N 134 
GLY CA  HA3  sing N N 135 
GLY C   O    doub N N 136 
GLY C   OXT  sing N N 137 
GLY OXT HXT  sing N N 138 
HIS N   CA   sing N N 139 
HIS N   H    sing N N 140 
HIS N   H2   sing N N 141 
HIS CA  C    sing N N 142 
HIS CA  CB   sing N N 143 
HIS CA  HA   sing N N 144 
HIS C   O    doub N N 145 
HIS C   OXT  sing N N 146 
HIS CB  CG   sing N N 147 
HIS CB  HB2  sing N N 148 
HIS CB  HB3  sing N N 149 
HIS CG  ND1  sing Y N 150 
HIS CG  CD2  doub Y N 151 
HIS ND1 CE1  doub Y N 152 
HIS ND1 HD1  sing N N 153 
HIS CD2 NE2  sing Y N 154 
HIS CD2 HD2  sing N N 155 
HIS CE1 NE2  sing Y N 156 
HIS CE1 HE1  sing N N 157 
HIS NE2 HE2  sing N N 158 
HIS OXT HXT  sing N N 159 
HOH O   H1   sing N N 160 
HOH O   H2   sing N N 161 
ILE N   CA   sing N N 162 
ILE N   H    sing N N 163 
ILE N   H2   sing N N 164 
ILE CA  C    sing N N 165 
ILE CA  CB   sing N N 166 
ILE CA  HA   sing N N 167 
ILE C   O    doub N N 168 
ILE C   OXT  sing N N 169 
ILE CB  CG1  sing N N 170 
ILE CB  CG2  sing N N 171 
ILE CB  HB   sing N N 172 
ILE CG1 CD1  sing N N 173 
ILE CG1 HG12 sing N N 174 
ILE CG1 HG13 sing N N 175 
ILE CG2 HG21 sing N N 176 
ILE CG2 HG22 sing N N 177 
ILE CG2 HG23 sing N N 178 
ILE CD1 HD11 sing N N 179 
ILE CD1 HD12 sing N N 180 
ILE CD1 HD13 sing N N 181 
ILE OXT HXT  sing N N 182 
LEU N   CA   sing N N 183 
LEU N   H    sing N N 184 
LEU N   H2   sing N N 185 
LEU CA  C    sing N N 186 
LEU CA  CB   sing N N 187 
LEU CA  HA   sing N N 188 
LEU C   O    doub N N 189 
LEU C   OXT  sing N N 190 
LEU CB  CG   sing N N 191 
LEU CB  HB2  sing N N 192 
LEU CB  HB3  sing N N 193 
LEU CG  CD1  sing N N 194 
LEU CG  CD2  sing N N 195 
LEU CG  HG   sing N N 196 
LEU CD1 HD11 sing N N 197 
LEU CD1 HD12 sing N N 198 
LEU CD1 HD13 sing N N 199 
LEU CD2 HD21 sing N N 200 
LEU CD2 HD22 sing N N 201 
LEU CD2 HD23 sing N N 202 
LEU OXT HXT  sing N N 203 
LYS N   CA   sing N N 204 
LYS N   H    sing N N 205 
LYS N   H2   sing N N 206 
LYS CA  C    sing N N 207 
LYS CA  CB   sing N N 208 
LYS CA  HA   sing N N 209 
LYS C   O    doub N N 210 
LYS C   OXT  sing N N 211 
LYS CB  CG   sing N N 212 
LYS CB  HB2  sing N N 213 
LYS CB  HB3  sing N N 214 
LYS CG  CD   sing N N 215 
LYS CG  HG2  sing N N 216 
LYS CG  HG3  sing N N 217 
LYS CD  CE   sing N N 218 
LYS CD  HD2  sing N N 219 
LYS CD  HD3  sing N N 220 
LYS CE  NZ   sing N N 221 
LYS CE  HE2  sing N N 222 
LYS CE  HE3  sing N N 223 
LYS NZ  HZ1  sing N N 224 
LYS NZ  HZ2  sing N N 225 
LYS NZ  HZ3  sing N N 226 
LYS OXT HXT  sing N N 227 
MET N   CA   sing N N 228 
MET N   H    sing N N 229 
MET N   H2   sing N N 230 
MET CA  C    sing N N 231 
MET CA  CB   sing N N 232 
MET CA  HA   sing N N 233 
MET C   O    doub N N 234 
MET C   OXT  sing N N 235 
MET CB  CG   sing N N 236 
MET CB  HB2  sing N N 237 
MET CB  HB3  sing N N 238 
MET CG  SD   sing N N 239 
MET CG  HG2  sing N N 240 
MET CG  HG3  sing N N 241 
MET SD  CE   sing N N 242 
MET CE  HE1  sing N N 243 
MET CE  HE2  sing N N 244 
MET CE  HE3  sing N N 245 
MET OXT HXT  sing N N 246 
NH2 N   HN1  sing N N 247 
NH2 N   HN2  sing N N 248 
PHE N   CA   sing N N 249 
PHE N   H    sing N N 250 
PHE N   H2   sing N N 251 
PHE CA  C    sing N N 252 
PHE CA  CB   sing N N 253 
PHE CA  HA   sing N N 254 
PHE C   O    doub N N 255 
PHE C   OXT  sing N N 256 
PHE CB  CG   sing N N 257 
PHE CB  HB2  sing N N 258 
PHE CB  HB3  sing N N 259 
PHE CG  CD1  doub Y N 260 
PHE CG  CD2  sing Y N 261 
PHE CD1 CE1  sing Y N 262 
PHE CD1 HD1  sing N N 263 
PHE CD2 CE2  doub Y N 264 
PHE CD2 HD2  sing N N 265 
PHE CE1 CZ   doub Y N 266 
PHE CE1 HE1  sing N N 267 
PHE CE2 CZ   sing Y N 268 
PHE CE2 HE2  sing N N 269 
PHE CZ  HZ   sing N N 270 
PHE OXT HXT  sing N N 271 
PHQ C1  O1   doub N N 272 
PHQ C1  O2   sing N N 273 
PHQ C1  CL1  sing N N 274 
PHQ O2  C2   sing N N 275 
PHQ C2  C3   sing N N 276 
PHQ C2  H21  sing N N 277 
PHQ C2  H22  sing N N 278 
PHQ C3  C4   doub Y N 279 
PHQ C3  C8   sing Y N 280 
PHQ C4  C5   sing Y N 281 
PHQ C4  H41  sing N N 282 
PHQ C5  C6   doub Y N 283 
PHQ C5  H51  sing N N 284 
PHQ C6  C7   sing Y N 285 
PHQ C6  H61  sing N N 286 
PHQ C7  C8   doub Y N 287 
PHQ C7  H71  sing N N 288 
PHQ C8  H81  sing N N 289 
PRO N   CA   sing N N 290 
PRO N   CD   sing N N 291 
PRO N   H    sing N N 292 
PRO CA  C    sing N N 293 
PRO CA  CB   sing N N 294 
PRO CA  HA   sing N N 295 
PRO C   O    doub N N 296 
PRO C   OXT  sing N N 297 
PRO CB  CG   sing N N 298 
PRO CB  HB2  sing N N 299 
PRO CB  HB3  sing N N 300 
PRO CG  CD   sing N N 301 
PRO CG  HG2  sing N N 302 
PRO CG  HG3  sing N N 303 
PRO CD  HD2  sing N N 304 
PRO CD  HD3  sing N N 305 
PRO OXT HXT  sing N N 306 
PTR N   CA   sing N N 307 
PTR N   H    sing N N 308 
PTR N   H2   sing N N 309 
PTR CA  C    sing N N 310 
PTR CA  CB   sing N N 311 
PTR CA  HA   sing N N 312 
PTR C   O    doub N N 313 
PTR C   OXT  sing N N 314 
PTR OXT HXT  sing N N 315 
PTR CB  CG   sing N N 316 
PTR CB  HB2  sing N N 317 
PTR CB  HB3  sing N N 318 
PTR CG  CD1  doub Y N 319 
PTR CG  CD2  sing Y N 320 
PTR CD1 CE1  sing Y N 321 
PTR CD1 HD1  sing N N 322 
PTR CD2 CE2  doub Y N 323 
PTR CD2 HD2  sing N N 324 
PTR CE1 CZ   doub Y N 325 
PTR CE1 HE1  sing N N 326 
PTR CE2 CZ   sing Y N 327 
PTR CE2 HE2  sing N N 328 
PTR CZ  OH   sing N N 329 
PTR OH  P    sing N N 330 
PTR P   O1P  doub N N 331 
PTR P   O2P  sing N N 332 
PTR P   O3P  sing N N 333 
PTR O2P HO2P sing N N 334 
PTR O3P HO3P sing N N 335 
SER N   CA   sing N N 336 
SER N   H    sing N N 337 
SER N   H2   sing N N 338 
SER CA  C    sing N N 339 
SER CA  CB   sing N N 340 
SER CA  HA   sing N N 341 
SER C   O    doub N N 342 
SER C   OXT  sing N N 343 
SER CB  OG   sing N N 344 
SER CB  HB2  sing N N 345 
SER CB  HB3  sing N N 346 
SER OG  HG   sing N N 347 
SER OXT HXT  sing N N 348 
THR N   CA   sing N N 349 
THR N   H    sing N N 350 
THR N   H2   sing N N 351 
THR CA  C    sing N N 352 
THR CA  CB   sing N N 353 
THR CA  HA   sing N N 354 
THR C   O    doub N N 355 
THR C   OXT  sing N N 356 
THR CB  OG1  sing N N 357 
THR CB  CG2  sing N N 358 
THR CB  HB   sing N N 359 
THR OG1 HG1  sing N N 360 
THR CG2 HG21 sing N N 361 
THR CG2 HG22 sing N N 362 
THR CG2 HG23 sing N N 363 
THR OXT HXT  sing N N 364 
TRP N   CA   sing N N 365 
TRP N   H    sing N N 366 
TRP N   H2   sing N N 367 
TRP CA  C    sing N N 368 
TRP CA  CB   sing N N 369 
TRP CA  HA   sing N N 370 
TRP C   O    doub N N 371 
TRP C   OXT  sing N N 372 
TRP CB  CG   sing N N 373 
TRP CB  HB2  sing N N 374 
TRP CB  HB3  sing N N 375 
TRP CG  CD1  doub Y N 376 
TRP CG  CD2  sing Y N 377 
TRP CD1 NE1  sing Y N 378 
TRP CD1 HD1  sing N N 379 
TRP CD2 CE2  doub Y N 380 
TRP CD2 CE3  sing Y N 381 
TRP NE1 CE2  sing Y N 382 
TRP NE1 HE1  sing N N 383 
TRP CE2 CZ2  sing Y N 384 
TRP CE3 CZ3  doub Y N 385 
TRP CE3 HE3  sing N N 386 
TRP CZ2 CH2  doub Y N 387 
TRP CZ2 HZ2  sing N N 388 
TRP CZ3 CH2  sing Y N 389 
TRP CZ3 HZ3  sing N N 390 
TRP CH2 HH2  sing N N 391 
TRP OXT HXT  sing N N 392 
TYR N   CA   sing N N 393 
TYR N   H    sing N N 394 
TYR N   H2   sing N N 395 
TYR CA  C    sing N N 396 
TYR CA  CB   sing N N 397 
TYR CA  HA   sing N N 398 
TYR C   O    doub N N 399 
TYR C   OXT  sing N N 400 
TYR CB  CG   sing N N 401 
TYR CB  HB2  sing N N 402 
TYR CB  HB3  sing N N 403 
TYR CG  CD1  doub Y N 404 
TYR CG  CD2  sing Y N 405 
TYR CD1 CE1  sing Y N 406 
TYR CD1 HD1  sing N N 407 
TYR CD2 CE2  doub Y N 408 
TYR CD2 HD2  sing N N 409 
TYR CE1 CZ   doub Y N 410 
TYR CE1 HE1  sing N N 411 
TYR CE2 CZ   sing Y N 412 
TYR CE2 HE2  sing N N 413 
TYR CZ  OH   sing N N 414 
TYR OH  HH   sing N N 415 
TYR OXT HXT  sing N N 416 
VAL N   CA   sing N N 417 
VAL N   H    sing N N 418 
VAL N   H2   sing N N 419 
VAL CA  C    sing N N 420 
VAL CA  CB   sing N N 421 
VAL CA  HA   sing N N 422 
VAL C   O    doub N N 423 
VAL C   OXT  sing N N 424 
VAL CB  CG1  sing N N 425 
VAL CB  CG2  sing N N 426 
VAL CB  HB   sing N N 427 
VAL CG1 HG11 sing N N 428 
VAL CG1 HG12 sing N N 429 
VAL CG1 HG13 sing N N 430 
VAL CG2 HG21 sing N N 431 
VAL CG2 HG22 sing N N 432 
VAL CG2 HG23 sing N N 433 
VAL OXT HXT  sing N N 434 
# 
loop_
_pdbx_audit_support.funding_organization 
_pdbx_audit_support.country 
_pdbx_audit_support.grant_number 
_pdbx_audit_support.ordinal 
'National Institutes of Health/National Institute of General Medical Sciences (NIH/NIGMS)' 'United States' 'GM 84965'    1 
'National Science Foundation (NSF, United States)'                                         'United States' 'CHE 0750329' 2 
'Robert A. Welch Foundation'                                                               'United States' F-652         3 
# 
_pdbx_initial_refinement_model.id               1 
_pdbx_initial_refinement_model.entity_id_list   ? 
_pdbx_initial_refinement_model.type             'experimental model' 
_pdbx_initial_refinement_model.source_name      PDB 
_pdbx_initial_refinement_model.accession_code   3S8O 
_pdbx_initial_refinement_model.details          ? 
# 
_atom_sites.entry_id                    4P9V 
_atom_sites.fract_transf_matrix[1][1]   0.01798568 
_atom_sites.fract_transf_matrix[1][2]   0.00422027 
_atom_sites.fract_transf_matrix[1][3]   -0.01507768 
_atom_sites.fract_transf_matrix[2][1]   -0.00260983 
_atom_sites.fract_transf_matrix[2][2]   -0.02183410 
_atom_sites.fract_transf_matrix[2][3]   -0.00922457 
_atom_sites.fract_transf_matrix[3][1]   -0.00595488 
_atom_sites.fract_transf_matrix[3][2]   0.00332022 
_atom_sites.fract_transf_matrix[3][3]   -0.00617404 
_atom_sites.fract_transf_vector[1]      0.203215 
_atom_sites.fract_transf_vector[2]      -0.445465 
_atom_sites.fract_transf_vector[3]      0.030457 
# 
loop_
_atom_type.symbol 
C  
CL 
N  
O  
P  
S  
# 
loop_
_atom_site.group_PDB 
_atom_site.id 
_atom_site.type_symbol 
_atom_site.label_atom_id 
_atom_site.label_alt_id 
_atom_site.label_comp_id 
_atom_site.label_asym_id 
_atom_site.label_entity_id 
_atom_site.label_seq_id 
_atom_site.pdbx_PDB_ins_code 
_atom_site.Cartn_x 
_atom_site.Cartn_y 
_atom_site.Cartn_z 
_atom_site.occupancy 
_atom_site.B_iso_or_equiv 
_atom_site.pdbx_formal_charge 
_atom_site.auth_seq_id 
_atom_site.auth_comp_id 
_atom_site.auth_asym_id 
_atom_site.auth_atom_id 
_atom_site.pdbx_PDB_model_num 
ATOM   1   C  CA  . GLU A 1 2   ? 0.433   23.643  1.485   1.00 56.38 ? 54  GLU A CA  1 
ATOM   2   C  C   . GLU A 1 2   ? 1.192   22.323  1.803   1.00 55.68 ? 54  GLU A C   1 
ATOM   3   O  O   . GLU A 1 2   ? 0.745   21.539  2.644   1.00 56.77 ? 54  GLU A O   1 
ATOM   4   C  CB  . GLU A 1 2   ? -0.441  23.551  0.213   1.00 50.22 ? 54  GLU A CB  1 
ATOM   5   N  N   . MET A 1 3   ? 2.341   22.126  1.139   1.00 56.55 ? 55  MET A N   1 
ATOM   6   C  CA  . MET A 1 3   ? 3.305   21.012  1.345   1.00 51.30 ? 55  MET A CA  1 
ATOM   7   C  C   . MET A 1 3   ? 3.377   20.320  2.735   1.00 48.36 ? 55  MET A C   1 
ATOM   8   O  O   . MET A 1 3   ? 4.026   20.816  3.667   1.00 50.23 ? 55  MET A O   1 
ATOM   9   C  CB  . MET A 1 3   ? 4.722   21.466  0.942   1.00 51.56 ? 55  MET A CB  1 
ATOM   10  C  CG  . MET A 1 3   ? 4.957   21.572  -0.545  1.00 51.90 ? 55  MET A CG  1 
ATOM   11  N  N   . LYS A 1 4   ? 2.723   19.163  2.845   1.00 41.81 ? 56  LYS A N   1 
ATOM   12  C  CA  . LYS A 1 4   ? 2.822   18.255  4.008   1.00 37.80 ? 56  LYS A CA  1 
ATOM   13  C  C   . LYS A 1 4   ? 3.388   16.892  3.554   1.00 28.30 ? 56  LYS A C   1 
ATOM   14  O  O   . LYS A 1 4   ? 3.125   16.444  2.425   1.00 31.32 ? 56  LYS A O   1 
ATOM   15  C  CB  . LYS A 1 4   ? 1.444   18.004  4.625   1.00 37.71 ? 56  LYS A CB  1 
ATOM   16  C  CG  . LYS A 1 4   ? 0.848   19.142  5.447   1.00 43.17 ? 56  LYS A CG  1 
ATOM   17  N  N   . PRO A 1 5   ? 4.147   16.208  4.422   1.00 26.18 ? 57  PRO A N   1 
ATOM   18  C  CA  . PRO A 1 5   ? 4.562   14.840  4.029   1.00 22.46 ? 57  PRO A CA  1 
ATOM   19  C  C   . PRO A 1 5   ? 3.333   13.931  3.948   1.00 19.74 ? 57  PRO A C   1 
ATOM   20  O  O   . PRO A 1 5   ? 2.266   14.239  4.528   1.00 21.98 ? 57  PRO A O   1 
ATOM   21  C  CB  . PRO A 1 5   ? 5.495   14.407  5.155   1.00 23.15 ? 57  PRO A CB  1 
ATOM   22  C  CG  . PRO A 1 5   ? 5.212   15.354  6.314   1.00 27.29 ? 57  PRO A CG  1 
ATOM   23  C  CD  . PRO A 1 5   ? 4.640   16.619  5.751   1.00 26.50 ? 57  PRO A CD  1 
ATOM   24  N  N   . HIS A 1 6   ? 3.464   12.819  3.248   1.00 18.22 ? 58  HIS A N   1 
ATOM   25  C  CA  . HIS A 1 6   ? 2.352   11.866  3.100   1.00 18.69 ? 58  HIS A CA  1 
ATOM   26  C  C   . HIS A 1 6   ? 2.188   11.055  4.313   1.00 21.76 ? 58  HIS A C   1 
ATOM   27  O  O   . HIS A 1 6   ? 3.179   10.541  4.835   1.00 27.30 ? 58  HIS A O   1 
ATOM   28  C  CB  . HIS A 1 6   ? 2.637   10.941  1.917   1.00 18.76 ? 58  HIS A CB  1 
ATOM   29  C  CG  . HIS A 1 6   ? 2.491   11.632  0.623   1.00 18.21 ? 58  HIS A CG  1 
ATOM   30  N  ND1 . HIS A 1 6   ? 1.330   12.244  0.265   1.00 19.55 ? 58  HIS A ND1 1 
ATOM   31  C  CD2 . HIS A 1 6   ? 3.393   11.879  -0.397  1.00 19.76 ? 58  HIS A CD2 1 
ATOM   32  C  CE1 . HIS A 1 6   ? 1.475   12.777  -0.959  1.00 23.70 ? 58  HIS A CE1 1 
ATOM   33  N  NE2 . HIS A 1 6   ? 2.741   12.611  -1.336  1.00 21.13 ? 58  HIS A NE2 1 
ATOM   34  N  N   . PRO A 1 7   ? 0.939   10.869  4.763   1.00 17.81 ? 59  PRO A N   1 
ATOM   35  C  CA  . PRO A 1 7   ? 0.664   10.123  5.970   1.00 20.53 ? 59  PRO A CA  1 
ATOM   36  C  C   . PRO A 1 7   ? 0.798   8.595   5.795   1.00 18.65 ? 59  PRO A C   1 
ATOM   37  O  O   . PRO A 1 7   ? 0.578   7.828   6.730   1.00 22.80 ? 59  PRO A O   1 
ATOM   38  C  CB  . PRO A 1 7   ? -0.820  10.478  6.234   1.00 23.41 ? 59  PRO A CB  1 
ATOM   39  C  CG  . PRO A 1 7   ? -1.390  10.593  4.839   1.00 22.48 ? 59  PRO A CG  1 
ATOM   40  C  CD  . PRO A 1 7   ? -0.305  11.409  4.147   1.00 21.10 ? 59  PRO A CD  1 
ATOM   41  N  N   . TRP A 1 8   ? 1.236   8.194   4.628   1.00 17.55 ? 60  TRP A N   1 
ATOM   42  C  CA  . TRP A 1 8   ? 1.214   6.776   4.317   1.00 16.39 ? 60  TRP A CA  1 
ATOM   43  C  C   . TRP A 1 8   ? 2.561   6.110   4.119   1.00 15.96 ? 60  TRP A C   1 
ATOM   44  O  O   . TRP A 1 8   ? 2.626   4.899   3.890   1.00 16.11 ? 60  TRP A O   1 
ATOM   45  C  CB  . TRP A 1 8   ? 0.303   6.542   3.112   1.00 17.38 ? 60  TRP A CB  1 
ATOM   46  C  CG  . TRP A 1 8   ? 0.504   7.423   1.909   1.00 15.97 ? 60  TRP A CG  1 
ATOM   47  C  CD1 . TRP A 1 8   ? -0.316  8.484   1.507   1.00 16.42 ? 60  TRP A CD1 1 
ATOM   48  C  CD2 . TRP A 1 8   ? 1.569   7.346   0.899   1.00 15.64 ? 60  TRP A CD2 1 
ATOM   49  N  NE1 . TRP A 1 8   ? 0.134   9.038   0.356   1.00 16.53 ? 60  TRP A NE1 1 
ATOM   50  C  CE2 . TRP A 1 8   ? 1.253   8.377   -0.100  1.00 15.40 ? 60  TRP A CE2 1 
ATOM   51  C  CE3 . TRP A 1 8   ? 2.678   6.485   0.652   1.00 16.05 ? 60  TRP A CE3 1 
ATOM   52  C  CZ2 . TRP A 1 8   ? 2.061   8.619   -1.211  1.00 15.59 ? 60  TRP A CZ2 1 
ATOM   53  C  CZ3 . TRP A 1 8   ? 3.473   6.718   -0.540  1.00 15.84 ? 60  TRP A CZ3 1 
ATOM   54  C  CH2 . TRP A 1 8   ? 3.164   7.754   -1.457  1.00 15.60 ? 60  TRP A CH2 1 
ATOM   55  N  N   . PHE A 1 9   ? 3.656   6.895   4.248   1.00 15.13 ? 61  PHE A N   1 
ATOM   56  C  CA  . PHE A 1 9   ? 4.968   6.318   4.047   1.00 16.71 ? 61  PHE A CA  1 
ATOM   57  C  C   . PHE A 1 9   ? 5.617   5.991   5.349   1.00 15.99 ? 61  PHE A C   1 
ATOM   58  O  O   . PHE A 1 9   ? 5.958   6.922   6.115   1.00 17.34 ? 61  PHE A O   1 
ATOM   59  C  CB  . PHE A 1 9   ? 5.867   7.254   3.185   1.00 15.60 ? 61  PHE A CB  1 
ATOM   60  C  CG  . PHE A 1 9   ? 7.110   6.565   2.799   1.00 18.74 ? 61  PHE A CG  1 
ATOM   61  C  CD1 . PHE A 1 9   ? 7.169   5.741   1.651   1.00 17.74 ? 61  PHE A CD1 1 
ATOM   62  C  CD2 . PHE A 1 9   ? 8.234   6.686   3.614   1.00 18.49 ? 61  PHE A CD2 1 
ATOM   63  C  CE1 . PHE A 1 9   ? 8.297   5.046   1.277   1.00 18.54 ? 61  PHE A CE1 1 
ATOM   64  C  CE2 . PHE A 1 9   ? 9.383   5.981   3.225   1.00 18.21 ? 61  PHE A CE2 1 
ATOM   65  C  CZ  . PHE A 1 9   ? 9.425   5.162   2.104   1.00 18.91 ? 61  PHE A CZ  1 
ATOM   66  N  N   . PHE A 1 10  ? 5.789   4.684   5.608   1.00 14.36 ? 62  PHE A N   1 
ATOM   67  C  CA  . PHE A 1 10  ? 6.329   4.225   6.859   1.00 17.62 ? 62  PHE A CA  1 
ATOM   68  C  C   . PHE A 1 10  ? 7.749   3.680   6.769   1.00 15.88 ? 62  PHE A C   1 
ATOM   69  O  O   . PHE A 1 10  ? 8.265   3.239   7.845   1.00 18.09 ? 62  PHE A O   1 
ATOM   70  C  CB  . PHE A 1 10  ? 5.393   3.195   7.531   1.00 16.78 ? 62  PHE A CB  1 
ATOM   71  C  CG  . PHE A 1 10  ? 4.220   3.812   8.215   1.00 17.34 ? 62  PHE A CG  1 
ATOM   72  C  CD1 . PHE A 1 10  ? 3.197   4.435   7.461   1.00 16.80 ? 62  PHE A CD1 1 
ATOM   73  C  CD2 . PHE A 1 10  ? 4.069   3.684   9.621   1.00 18.68 ? 62  PHE A CD2 1 
ATOM   74  C  CE1 . PHE A 1 10  ? 2.113   5.015   8.134   1.00 18.70 ? 62  PHE A CE1 1 
ATOM   75  C  CE2 . PHE A 1 10  ? 2.990   4.237   10.287  1.00 22.00 ? 62  PHE A CE2 1 
ATOM   76  C  CZ  . PHE A 1 10  ? 1.976   4.919   9.516   1.00 19.68 ? 62  PHE A CZ  1 
ATOM   77  N  N   . GLY A 1 11  ? 8.409   3.715   5.595   1.00 14.40 ? 63  GLY A N   1 
ATOM   78  C  CA  . GLY A 1 11  ? 9.812   3.286   5.523   1.00 15.31 ? 63  GLY A CA  1 
ATOM   79  C  C   . GLY A 1 11  ? 9.916   1.833   5.821   1.00 16.60 ? 63  GLY A C   1 
ATOM   80  O  O   . GLY A 1 11  ? 9.023   1.024   5.481   1.00 15.45 ? 63  GLY A O   1 
ATOM   81  N  N   . LYS A 1 12  ? 10.970  1.478   6.550   1.00 16.47 ? 64  LYS A N   1 
ATOM   82  C  CA  . LYS A 1 12  ? 11.294  0.062   6.796   1.00 17.59 ? 64  LYS A CA  1 
ATOM   83  C  C   . LYS A 1 12  ? 10.628  -0.414  8.048   1.00 23.15 ? 64  LYS A C   1 
ATOM   84  O  O   . LYS A 1 12  ? 11.307  -0.726  9.035   1.00 29.72 ? 64  LYS A O   1 
ATOM   85  C  CB  . LYS A 1 12  ? 12.814  -0.130  6.870   1.00 21.19 ? 64  LYS A CB  1 
ATOM   86  C  CG  . LYS A 1 12  ? 13.221  -1.518  6.403   1.00 26.38 ? 64  LYS A CG  1 
ATOM   87  C  CD  . LYS A 1 12  ? 14.612  -1.927  6.862   1.00 35.72 ? 64  LYS A CD  1 
ATOM   88  C  CE  . LYS A 1 12  ? 15.190  -2.744  5.719   1.00 41.90 ? 64  LYS A CE  1 
ATOM   89  N  NZ  . LYS A 1 12  ? 16.153  -3.827  6.073   1.00 46.49 ? 64  LYS A NZ  1 
ATOM   90  N  N   A ILE A 1 13  ? 9.308   -0.419  8.071   0.50 21.87 ? 65  ILE A N   1 
ATOM   91  N  N   B ILE A 1 13  ? 9.297   -0.393  8.080   0.50 21.32 ? 65  ILE A N   1 
ATOM   92  C  CA  A ILE A 1 13  ? 8.684   -1.157  9.181   0.50 22.04 ? 65  ILE A CA  1 
ATOM   93  C  CA  B ILE A 1 13  ? 8.521   -1.028  9.199   0.50 20.87 ? 65  ILE A CA  1 
ATOM   94  C  C   A ILE A 1 13  ? 8.464   -2.600  8.767   0.50 22.49 ? 65  ILE A C   1 
ATOM   95  C  C   B ILE A 1 13  ? 8.330   -2.518  8.811   0.50 22.31 ? 65  ILE A C   1 
ATOM   96  O  O   A ILE A 1 13  ? 8.122   -2.910  7.614   0.50 22.85 ? 65  ILE A O   1 
ATOM   97  O  O   B ILE A 1 13  ? 7.907   -2.782  7.674   0.50 22.06 ? 65  ILE A O   1 
ATOM   98  C  CB  A ILE A 1 13  ? 7.386   -0.537  9.691   0.50 21.94 ? 65  ILE A CB  1 
ATOM   99  C  CB  B ILE A 1 13  ? 7.163   -0.289  9.351   0.50 20.66 ? 65  ILE A CB  1 
ATOM   100 C  CG1 A ILE A 1 13  ? 6.266   -0.654  8.645   0.50 22.57 ? 65  ILE A CG1 1 
ATOM   101 C  CG1 B ILE A 1 13  ? 6.220   -0.950  10.368  0.50 18.34 ? 65  ILE A CG1 1 
ATOM   102 C  CG2 A ILE A 1 13  ? 7.650   0.892   10.151  0.50 22.62 ? 65  ILE A CG2 1 
ATOM   103 C  CG2 B ILE A 1 13  ? 6.493   -0.115  7.980   0.50 20.58 ? 65  ILE A CG2 1 
ATOM   104 C  CD1 A ILE A 1 13  ? 4.918   -0.196  9.131   0.50 22.54 ? 65  ILE A CD1 1 
ATOM   105 C  CD1 B ILE A 1 13  ? 4.975   -0.152  10.672  0.50 20.40 ? 65  ILE A CD1 1 
ATOM   106 N  N   . PRO A 1 14  ? 8.614   -3.505  9.702   1.00 20.45 ? 66  PRO A N   1 
ATOM   107 C  CA  . PRO A 1 14  ? 8.346   -4.929  9.308   1.00 20.21 ? 66  PRO A CA  1 
ATOM   108 C  C   . PRO A 1 14  ? 6.897   -5.211  8.919   1.00 17.21 ? 66  PRO A C   1 
ATOM   109 O  O   . PRO A 1 14  ? 5.995   -4.517  9.391   1.00 20.16 ? 66  PRO A O   1 
ATOM   110 C  CB  . PRO A 1 14  ? 8.741   -5.749  10.555  1.00 23.26 ? 66  PRO A CB  1 
ATOM   111 C  CG  . PRO A 1 14  ? 9.652   -4.790  11.281  1.00 21.31 ? 66  PRO A CG  1 
ATOM   112 C  CD  . PRO A 1 14  ? 9.232   -3.384  11.037  1.00 20.57 ? 66  PRO A CD  1 
ATOM   113 N  N   . ARG A 1 15  ? 6.724   -6.198  8.051   1.00 19.08 ? 67  ARG A N   1 
ATOM   114 C  CA  . ARG A 1 15  ? 5.399   -6.634  7.645   1.00 15.89 ? 67  ARG A CA  1 
ATOM   115 C  C   . ARG A 1 15  ? 4.500   -6.813  8.837   1.00 17.61 ? 67  ARG A C   1 
ATOM   116 O  O   . ARG A 1 15  ? 3.340   -6.391  8.814   1.00 16.90 ? 67  ARG A O   1 
ATOM   117 C  CB  . ARG A 1 15  ? 5.505   -7.951  6.883   1.00 17.16 ? 67  ARG A CB  1 
ATOM   118 C  CG  . ARG A 1 15  ? 4.169   -8.532  6.432   1.00 16.09 ? 67  ARG A CG  1 
ATOM   119 C  CD  . ARG A 1 15  ? 4.470   -9.923  5.895   1.00 19.37 ? 67  ARG A CD  1 
ATOM   120 N  NE  . ARG A 1 15  ? 3.222   -10.601 5.525   1.00 19.33 ? 67  ARG A NE  1 
ATOM   121 C  CZ  . ARG A 1 15  ? 2.776   -10.788 4.270   1.00 19.39 ? 67  ARG A CZ  1 
ATOM   122 N  NH1 . ARG A 1 15  ? 3.465   -10.381 3.207   1.00 19.75 ? 67  ARG A NH1 1 
ATOM   123 N  NH2 . ARG A 1 15  ? 1.627   -11.436 4.088   1.00 23.51 ? 67  ARG A NH2 1 
ATOM   124 N  N   . ALA A 1 16  ? 5.009   -7.471  9.878   1.00 17.19 ? 68  ALA A N   1 
ATOM   125 C  CA  . ALA A 1 16  ? 4.159   -7.704  11.019  1.00 16.18 ? 68  ALA A CA  1 
ATOM   126 C  C   . ALA A 1 16  ? 3.766   -6.434  11.745  1.00 15.42 ? 68  ALA A C   1 
ATOM   127 O  O   . ALA A 1 16  ? 2.661   -6.416  12.294  1.00 16.79 ? 68  ALA A O   1 
ATOM   128 C  CB  . ALA A 1 16  ? 4.895   -8.645  12.004  1.00 15.49 ? 68  ALA A CB  1 
ATOM   129 N  N   . LYS A 1 17  ? 4.669   -5.407  11.774  1.00 15.32 ? 69  LYS A N   1 
ATOM   130 C  CA  . LYS A 1 17  ? 4.403   -4.184  12.493  1.00 16.61 ? 69  LYS A CA  1 
ATOM   131 C  C   . LYS A 1 17  ? 3.333   -3.404  11.676  1.00 16.89 ? 69  LYS A C   1 
ATOM   132 O  O   . LYS A 1 17  ? 2.461   -2.786  12.257  1.00 18.46 ? 69  LYS A O   1 
ATOM   133 C  CB  . LYS A 1 17  ? 5.705   -3.367  12.676  1.00 19.59 ? 69  LYS A CB  1 
ATOM   134 C  CG  . LYS A 1 17  ? 6.556   -3.847  13.870  1.00 23.73 ? 69  LYS A CG  1 
ATOM   135 C  CD  . LYS A 1 17  ? 5.913   -3.391  15.204  1.00 30.04 ? 69  LYS A CD  1 
ATOM   136 C  CE  . LYS A 1 17  ? 5.908   -1.894  15.387  1.00 42.83 ? 69  LYS A CE  1 
ATOM   137 N  NZ  . LYS A 1 17  ? 5.064   -1.262  14.326  1.00 53.88 ? 69  LYS A NZ  1 
ATOM   138 N  N   . ALA A 1 18  ? 3.419   -3.495  10.361  1.00 17.53 ? 70  ALA A N   1 
ATOM   139 C  CA  . ALA A 1 18  ? 2.355   -2.927  9.504   1.00 17.25 ? 70  ALA A CA  1 
ATOM   140 C  C   . ALA A 1 18  ? 0.993   -3.590  9.835   1.00 19.64 ? 70  ALA A C   1 
ATOM   141 O  O   . ALA A 1 18  ? -0.029  -2.878  9.935   1.00 18.80 ? 70  ALA A O   1 
ATOM   142 C  CB  . ALA A 1 18  ? 2.742   -3.008  8.012   1.00 20.26 ? 70  ALA A CB  1 
ATOM   143 N  N   . GLU A 1 19  ? 0.956   -4.912  10.041  1.00 17.43 ? 71  GLU A N   1 
ATOM   144 C  CA  . GLU A 1 19  ? -0.297  -5.597  10.388  1.00 18.00 ? 71  GLU A CA  1 
ATOM   145 C  C   . GLU A 1 19  ? -0.763  -5.125  11.728  1.00 18.36 ? 71  GLU A C   1 
ATOM   146 O  O   . GLU A 1 19  ? -1.897  -4.828  11.924  1.00 16.94 ? 71  GLU A O   1 
ATOM   147 C  CB  . GLU A 1 19  ? -0.115  -7.110  10.420  1.00 20.07 ? 71  GLU A CB  1 
ATOM   148 C  CG  . GLU A 1 19  ? 0.079   -7.728  9.059   1.00 24.88 ? 71  GLU A CG  1 
ATOM   149 C  CD  . GLU A 1 19  ? -0.525  -9.112  8.911   1.00 25.17 ? 71  GLU A CD  1 
ATOM   150 O  OE1 . GLU A 1 19  ? -1.297  -9.646  9.800   1.00 32.66 ? 71  GLU A OE1 1 
ATOM   151 O  OE2 . GLU A 1 19  ? -0.217  -9.678  7.858   1.00 25.02 ? 71  GLU A OE2 1 
ATOM   152 N  N   . GLU A 1 20  ? 0.139   -5.048  12.687  1.00 17.51 ? 72  GLU A N   1 
ATOM   153 C  CA  . GLU A 1 20  ? -0.194  -4.578  14.027  1.00 20.57 ? 72  GLU A CA  1 
ATOM   154 C  C   . GLU A 1 20  ? -0.835  -3.184  14.003  1.00 17.53 ? 72  GLU A C   1 
ATOM   155 O  O   . GLU A 1 20  ? -1.935  -2.953  14.598  1.00 19.62 ? 72  GLU A O   1 
ATOM   156 C  CB  . GLU A 1 20  ? 1.065   -4.578  14.883  1.00 17.04 ? 72  GLU A CB  1 
ATOM   157 C  CG  . GLU A 1 20  ? 0.754   -3.907  16.253  1.00 19.84 ? 72  GLU A CG  1 
ATOM   158 C  CD  . GLU A 1 20  ? 1.945   -3.764  17.176  1.00 20.41 ? 72  GLU A CD  1 
ATOM   159 O  OE1 . GLU A 1 20  ? 2.981   -4.349  16.803  1.00 23.72 ? 72  GLU A OE1 1 
ATOM   160 O  OE2 . GLU A 1 20  ? 1.832   -3.062  18.213  1.00 22.17 ? 72  GLU A OE2 1 
ATOM   161 N  N   . MET A 1 21  ? -0.259  -2.276  13.206  1.00 17.32 ? 73  MET A N   1 
ATOM   162 C  CA  . MET A 1 21  ? -0.736  -0.915  13.151  1.00 17.28 ? 73  MET A CA  1 
ATOM   163 C  C   . MET A 1 21  ? -2.101  -0.931  12.463  1.00 17.13 ? 73  MET A C   1 
ATOM   164 O  O   . MET A 1 21  ? -3.081  -0.271  12.983  1.00 18.06 ? 73  MET A O   1 
ATOM   165 C  CB  . MET A 1 21  ? 0.273   0.012   12.382  1.00 18.72 ? 73  MET A CB  1 
ATOM   166 C  CG  . MET A 1 21  ? -0.048  1.490   12.531  1.00 22.86 ? 73  MET A CG  1 
ATOM   167 S  SD  . MET A 1 21  ? -1.109  1.876   11.077  1.00 31.05 ? 73  MET A SD  1 
ATOM   168 C  CE  . MET A 1 21  ? 0.050   2.701   10.017  1.00 32.44 ? 73  MET A CE  1 
ATOM   169 N  N   . LEU A 1 22  ? -2.162  -1.559  11.281  1.00 17.03 ? 74  LEU A N   1 
ATOM   170 C  CA  . LEU A 1 22  ? -3.372  -1.426  10.495  1.00 18.07 ? 74  LEU A CA  1 
ATOM   171 C  C   . LEU A 1 22  ? -4.579  -2.117  11.074  1.00 19.02 ? 74  LEU A C   1 
ATOM   172 O  O   . LEU A 1 22  ? -5.712  -1.725  10.793  1.00 18.56 ? 74  LEU A O   1 
ATOM   173 C  CB  . LEU A 1 22  ? -3.139  -1.849  9.052   1.00 18.36 ? 74  LEU A CB  1 
ATOM   174 C  CG  . LEU A 1 22  ? -2.238  -0.908  8.272   1.00 18.57 ? 74  LEU A CG  1 
ATOM   175 C  CD1 . LEU A 1 22  ? -1.895  -1.588  6.948   1.00 18.11 ? 74  LEU A CD1 1 
ATOM   176 C  CD2 . LEU A 1 22  ? -2.861  0.479   7.989   1.00 17.80 ? 74  LEU A CD2 1 
ATOM   177 N  N   . SER A 1 23  ? -4.348  -3.123  11.902  1.00 17.97 ? 75  SER A N   1 
ATOM   178 C  CA  . SER A 1 23  ? -5.428  -3.853  12.508  1.00 19.88 ? 75  SER A CA  1 
ATOM   179 C  C   . SER A 1 23  ? -6.213  -2.963  13.456  1.00 20.67 ? 75  SER A C   1 
ATOM   180 O  O   . SER A 1 23  ? -7.381  -3.282  13.722  1.00 23.64 ? 75  SER A O   1 
ATOM   181 C  CB  . SER A 1 23  ? -4.844  -5.038  13.269  1.00 20.11 ? 75  SER A CB  1 
ATOM   182 O  OG  . SER A 1 23  ? -4.465  -6.067  12.337  1.00 23.99 ? 75  SER A OG  1 
ATOM   183 N  N   . LYS A 1 24  ? -5.630  -1.865  13.933  1.00 19.23 ? 76  LYS A N   1 
ATOM   184 C  CA  . LYS A 1 24  ? -6.306  -0.929  14.856  1.00 19.46 ? 76  LYS A CA  1 
ATOM   185 C  C   . LYS A 1 24  ? -7.077  0.127   14.118  1.00 21.52 ? 76  LYS A C   1 
ATOM   186 O  O   . LYS A 1 24  ? -7.816  0.892   14.709  1.00 23.25 ? 76  LYS A O   1 
ATOM   187 C  CB  . LYS A 1 24  ? -5.329  -0.280  15.807  1.00 19.16 ? 76  LYS A CB  1 
ATOM   188 C  CG  . LYS A 1 24  ? -4.645  -1.316  16.752  1.00 20.20 ? 76  LYS A CG  1 
ATOM   189 C  CD  . LYS A 1 24  ? -3.679  -0.603  17.671  1.00 21.95 ? 76  LYS A CD  1 
ATOM   190 C  CE  . LYS A 1 24  ? -2.426  -0.186  16.920  1.00 25.12 ? 76  LYS A CE  1 
ATOM   191 N  NZ  . LYS A 1 24  ? -1.391  0.280   17.929  1.00 28.52 ? 76  LYS A NZ  1 
ATOM   192 N  N   . GLN A 1 25  ? -6.892  0.169   12.819  1.00 20.73 ? 77  GLN A N   1 
ATOM   193 C  CA  . GLN A 1 25  ? -7.614  1.162   12.034  1.00 18.06 ? 77  GLN A CA  1 
ATOM   194 C  C   . GLN A 1 25  ? -9.041  0.691   11.918  1.00 18.18 ? 77  GLN A C   1 
ATOM   195 O  O   . GLN A 1 25  ? -9.313  -0.482  11.784  1.00 21.85 ? 77  GLN A O   1 
ATOM   196 C  CB  . GLN A 1 25  ? -6.940  1.221   10.670  1.00 17.62 ? 77  GLN A CB  1 
ATOM   197 C  CG  . GLN A 1 25  ? -5.608  1.922   10.674  1.00 18.96 ? 77  GLN A CG  1 
ATOM   198 C  CD  . GLN A 1 25  ? -5.723  3.416   11.024  1.00 18.61 ? 77  GLN A CD  1 
ATOM   199 O  OE1 . GLN A 1 25  ? -6.370  4.221   10.308  1.00 18.53 ? 77  GLN A OE1 1 
ATOM   200 N  NE2 . GLN A 1 25  ? -5.055  3.810   12.090  1.00 21.33 ? 77  GLN A NE2 1 
ATOM   201 N  N   . ARG A 1 26  ? -9.991  1.639   11.938  1.00 17.52 ? 78  ARG A N   1 
ATOM   202 C  CA  . ARG A 1 26  ? -11.431 1.252   11.799  1.00 18.93 ? 78  ARG A CA  1 
ATOM   203 C  C   . ARG A 1 26  ? -11.957 1.023   10.392  1.00 20.63 ? 78  ARG A C   1 
ATOM   204 O  O   . ARG A 1 26  ? -12.956 0.278   10.217  1.00 20.88 ? 78  ARG A O   1 
ATOM   205 C  CB  . ARG A 1 26  ? -12.320 2.313   12.448  1.00 19.43 ? 78  ARG A CB  1 
ATOM   206 C  CG  . ARG A 1 26  ? -12.171 2.333   13.965  1.00 19.24 ? 78  ARG A CG  1 
ATOM   207 C  CD  . ARG A 1 26  ? -12.905 3.522   14.487  1.00 17.24 ? 78  ARG A CD  1 
ATOM   208 N  NE  . ARG A 1 26  ? -13.303 3.334   15.892  1.00 18.75 ? 78  ARG A NE  1 
ATOM   209 C  CZ  . ARG A 1 26  ? -14.091 4.178   16.534  1.00 19.58 ? 78  ARG A CZ  1 
ATOM   210 N  NH1 . ARG A 1 26  ? -14.522 5.290   15.920  1.00 16.98 ? 78  ARG A NH1 1 
ATOM   211 N  NH2 . ARG A 1 26  ? -14.434 3.946   17.776  1.00 16.43 ? 78  ARG A NH2 1 
ATOM   212 N  N   . HIS A 1 27  ? -11.299 1.649   9.395   1.00 19.06 ? 79  HIS A N   1 
ATOM   213 C  CA  . HIS A 1 27  ? -11.915 1.782   8.096   1.00 17.98 ? 79  HIS A CA  1 
ATOM   214 C  C   . HIS A 1 27  ? -11.212 0.984   7.042   1.00 18.08 ? 79  HIS A C   1 
ATOM   215 O  O   . HIS A 1 27  ? -10.008 1.201   6.816   1.00 19.61 ? 79  HIS A O   1 
ATOM   216 C  CB  . HIS A 1 27  ? -11.984 3.233   7.717   1.00 20.02 ? 79  HIS A CB  1 
ATOM   217 C  CG  . HIS A 1 27  ? -12.773 4.024   8.719   1.00 22.48 ? 79  HIS A CG  1 
ATOM   218 N  ND1 . HIS A 1 27  ? -14.107 3.811   8.888   1.00 21.99 ? 79  HIS A ND1 1 
ATOM   219 C  CD2 . HIS A 1 27  ? -12.392 5.004   9.645   1.00 23.98 ? 79  HIS A CD2 1 
ATOM   220 C  CE1 . HIS A 1 27  ? -14.565 4.612   9.886   1.00 24.33 ? 79  HIS A CE1 1 
ATOM   221 N  NE2 . HIS A 1 27  ? -13.531 5.341   10.356  1.00 23.02 ? 79  HIS A NE2 1 
ATOM   222 N  N   . ASP A 1 28  ? -11.972 0.120   6.347   1.00 17.97 ? 80  ASP A N   1 
ATOM   223 C  CA  . ASP A 1 28  ? -11.356 -0.674  5.296   1.00 17.80 ? 80  ASP A CA  1 
ATOM   224 C  C   . ASP A 1 28  ? -10.712 0.261   4.269   1.00 17.34 ? 80  ASP A C   1 
ATOM   225 O  O   . ASP A 1 28  ? -11.326 1.293   3.843   1.00 18.46 ? 80  ASP A O   1 
ATOM   226 C  CB  . ASP A 1 28  ? -12.402 -1.581  4.643   1.00 19.58 ? 80  ASP A CB  1 
ATOM   227 C  CG  . ASP A 1 28  ? -12.878 -2.679  5.616   1.00 20.11 ? 80  ASP A CG  1 
ATOM   228 O  OD1 . ASP A 1 28  ? -12.298 -2.964  6.675   1.00 19.46 ? 80  ASP A OD1 1 
ATOM   229 O  OD2 . ASP A 1 28  ? -13.902 -3.281  5.310   1.00 26.26 ? 80  ASP A OD2 1 
ATOM   230 N  N   . GLY A 1 29  ? -9.550  -0.194  3.768   1.00 15.63 ? 81  GLY A N   1 
ATOM   231 C  CA  . GLY A 1 29  ? -8.752  0.606   2.831   1.00 16.69 ? 81  GLY A CA  1 
ATOM   232 C  C   . GLY A 1 29  ? -7.678  1.446   3.525   1.00 17.28 ? 81  GLY A C   1 
ATOM   233 O  O   . GLY A 1 29  ? -6.785  1.999   2.845   1.00 14.09 ? 81  GLY A O   1 
ATOM   234 N  N   . ALA A 1 30  ? -7.726  1.565   4.866   1.00 16.59 ? 82  ALA A N   1 
ATOM   235 C  CA  . ALA A 1 30  ? -6.611  2.323   5.525   1.00 14.54 ? 82  ALA A CA  1 
ATOM   236 C  C   . ALA A 1 30  ? -5.319  1.547   5.188   1.00 13.83 ? 82  ALA A C   1 
ATOM   237 O  O   . ALA A 1 30  ? -5.308  0.337   5.175   1.00 16.10 ? 82  ALA A O   1 
ATOM   238 C  CB  . ALA A 1 30  ? -6.835  2.383   7.075   1.00 15.49 ? 82  ALA A CB  1 
ATOM   239 N  N   . PHE A 1 31  ? -4.256  2.269   4.899   1.00 14.12 ? 83  PHE A N   1 
ATOM   240 C  CA  . PHE A 1 31  ? -3.127  1.651   4.249   1.00 13.58 ? 83  PHE A CA  1 
ATOM   241 C  C   . PHE A 1 31  ? -1.798  2.412   4.557   1.00 14.42 ? 83  PHE A C   1 
ATOM   242 O  O   . PHE A 1 31  ? -1.778  3.575   5.001   1.00 14.97 ? 83  PHE A O   1 
ATOM   243 C  CB  . PHE A 1 31  ? -3.315  1.674   2.683   1.00 14.12 ? 83  PHE A CB  1 
ATOM   244 C  CG  . PHE A 1 31  ? -3.028  2.990   2.066   1.00 14.62 ? 83  PHE A CG  1 
ATOM   245 C  CD1 . PHE A 1 31  ? -3.981  3.973   2.115   1.00 13.61 ? 83  PHE A CD1 1 
ATOM   246 C  CD2 . PHE A 1 31  ? -1.751  3.285   1.481   1.00 15.29 ? 83  PHE A CD2 1 
ATOM   247 C  CE1 . PHE A 1 31  ? -3.726  5.211   1.610   1.00 14.27 ? 83  PHE A CE1 1 
ATOM   248 C  CE2 . PHE A 1 31  ? -1.503  4.560   0.924   1.00 14.82 ? 83  PHE A CE2 1 
ATOM   249 C  CZ  . PHE A 1 31  ? -2.501  5.524   1.005   1.00 15.26 ? 83  PHE A CZ  1 
ATOM   250 N  N   . LEU A 1 32  ? -0.759  1.669   4.252   1.00 13.56 ? 84  LEU A N   1 
ATOM   251 C  CA  . LEU A 1 32  ? 0.562   2.246   4.239   1.00 12.55 ? 84  LEU A CA  1 
ATOM   252 C  C   . LEU A 1 32  ? 1.429   1.620   3.142   1.00 13.64 ? 84  LEU A C   1 
ATOM   253 O  O   . LEU A 1 32  ? 1.175   0.436   2.720   1.00 13.97 ? 84  LEU A O   1 
ATOM   254 C  CB  . LEU A 1 32  ? 1.234   2.134   5.612   1.00 14.22 ? 84  LEU A CB  1 
ATOM   255 C  CG  . LEU A 1 32  ? 1.437   0.737   6.159   1.00 14.97 ? 84  LEU A CG  1 
ATOM   256 C  CD1 . LEU A 1 32  ? 2.744   0.096   5.708   1.00 16.76 ? 84  LEU A CD1 1 
ATOM   257 C  CD2 . LEU A 1 32  ? 1.469   0.742   7.691   1.00 14.91 ? 84  LEU A CD2 1 
ATOM   258 N  N   . ILE A 1 33  ? 2.492   2.343   2.778   1.00 13.33 ? 85  ILE A N   1 
ATOM   259 C  CA  . ILE A 1 33  ? 3.582   1.805   1.929   1.00 12.86 ? 85  ILE A CA  1 
ATOM   260 C  C   . ILE A 1 33  ? 4.802   1.666   2.820   1.00 13.75 ? 85  ILE A C   1 
ATOM   261 O  O   . ILE A 1 33  ? 5.079   2.551   3.635   1.00 16.05 ? 85  ILE A O   1 
ATOM   262 C  CB  . ILE A 1 33  ? 3.954   2.838   0.853   1.00 16.23 ? 85  ILE A CB  1 
ATOM   263 C  CG1 . ILE A 1 33  ? 2.811   2.928   -0.196  1.00 16.26 ? 85  ILE A CG1 1 
ATOM   264 C  CG2 . ILE A 1 33  ? 5.265   2.427   0.161   1.00 16.64 ? 85  ILE A CG2 1 
ATOM   265 C  CD1 . ILE A 1 33  ? 2.650   1.768   -1.209  1.00 14.91 ? 85  ILE A CD1 1 
ATOM   266 N  N   . ARG A 1 34  ? 5.417   0.507   2.713   1.00 13.32 ? 86  ARG A N   1 
ATOM   267 C  CA  . ARG A 1 34  ? 6.621   0.229   3.470   1.00 13.60 ? 86  ARG A CA  1 
ATOM   268 C  C   . ARG A 1 34  ? 7.681   -0.373  2.529   1.00 14.77 ? 86  ARG A C   1 
ATOM   269 O  O   . ARG A 1 34  ? 7.419   -0.774  1.354   1.00 15.59 ? 86  ARG A O   1 
ATOM   270 C  CB  . ARG A 1 34  ? 6.323   -0.800  4.590   1.00 14.21 ? 86  ARG A CB  1 
ATOM   271 C  CG  . ARG A 1 34  ? 5.698   -2.115  4.101   1.00 12.63 ? 86  ARG A CG  1 
ATOM   272 C  CD  . ARG A 1 34  ? 5.260   -3.027  5.253   1.00 14.25 ? 86  ARG A CD  1 
ATOM   273 N  NE  . ARG A 1 34  ? 4.520   -4.170  4.756   1.00 13.99 ? 86  ARG A NE  1 
ATOM   274 C  CZ  . ARG A 1 34  ? 5.054   -5.254  4.175   1.00 14.48 ? 86  ARG A CZ  1 
ATOM   275 N  NH1 . ARG A 1 34  ? 6.381   -5.423  4.107   1.00 16.31 ? 86  ARG A NH1 1 
ATOM   276 N  NH2 . ARG A 1 34  ? 4.298   -6.226  3.672   1.00 14.48 ? 86  ARG A NH2 1 
ATOM   277 N  N   . GLU A 1 35  ? 8.895   -0.391  3.041   1.00 14.11 ? 87  GLU A N   1 
ATOM   278 C  CA  . GLU A 1 35  ? 10.028  -0.903  2.283   1.00 14.71 ? 87  GLU A CA  1 
ATOM   279 C  C   . GLU A 1 35  ? 10.217  -2.331  2.707   1.00 15.19 ? 87  GLU A C   1 
ATOM   280 O  O   . GLU A 1 35  ? 10.446  -2.567  3.915   1.00 16.51 ? 87  GLU A O   1 
ATOM   281 C  CB  . GLU A 1 35  ? 11.236  0.014   2.625   1.00 15.44 ? 87  GLU A CB  1 
ATOM   282 C  CG  . GLU A 1 35  ? 11.000  1.437   2.168   1.00 15.64 ? 87  GLU A CG  1 
ATOM   283 C  CD  . GLU A 1 35  ? 12.249  2.249   2.182   1.00 14.67 ? 87  GLU A CD  1 
ATOM   284 O  OE1 . GLU A 1 35  ? 12.984  2.151   1.222   1.00 16.27 ? 87  GLU A OE1 1 
ATOM   285 O  OE2 . GLU A 1 35  ? 12.433  2.991   3.169   1.00 16.96 ? 87  GLU A OE2 1 
ATOM   286 N  N   . SER A 1 36  ? 10.046  -3.279  1.783   1.00 15.09 ? 88  SER A N   1 
ATOM   287 C  CA  . SER A 1 36  ? 10.071  -4.721  2.106   1.00 15.50 ? 88  SER A CA  1 
ATOM   288 C  C   . SER A 1 36  ? 11.396  -5.085  2.765   1.00 16.49 ? 88  SER A C   1 
ATOM   289 O  O   . SER A 1 36  ? 12.439  -4.614  2.306   1.00 16.98 ? 88  SER A O   1 
ATOM   290 C  CB  . SER A 1 36  ? 9.947   -5.550  0.851   1.00 14.01 ? 88  SER A CB  1 
ATOM   291 O  OG  . SER A 1 36  ? 9.877   -6.907  1.174   1.00 16.94 ? 88  SER A OG  1 
ATOM   292 N  N   . GLU A 1 37  ? 11.310  -5.860  3.823   1.00 16.63 ? 89  GLU A N   1 
ATOM   293 C  CA  . GLU A 1 37  ? 12.497  -6.502  4.378   1.00 18.36 ? 89  GLU A CA  1 
ATOM   294 C  C   . GLU A 1 37  ? 12.900  -7.783  3.616   1.00 19.90 ? 89  GLU A C   1 
ATOM   295 O  O   . GLU A 1 37  ? 14.115  -8.109  3.522   1.00 21.43 ? 89  GLU A O   1 
ATOM   296 C  CB  . GLU A 1 37  ? 12.208  -6.778  5.827   1.00 19.22 ? 89  GLU A CB  1 
ATOM   297 C  CG  . GLU A 1 37  ? 12.068  -5.487  6.592   1.00 20.12 ? 89  GLU A CG  1 
ATOM   298 C  CD  . GLU A 1 37  ? 12.082  -5.701  8.075   1.00 23.55 ? 89  GLU A CD  1 
ATOM   299 O  OE1 . GLU A 1 37  ? 12.891  -5.052  8.729   1.00 26.33 ? 89  GLU A OE1 1 
ATOM   300 O  OE2 . GLU A 1 37  ? 11.364  -6.558  8.611   1.00 24.93 ? 89  GLU A OE2 1 
ATOM   301 N  N   . SER A 1 38  ? 11.933  -8.519  3.123   1.00 18.19 ? 90  SER A N   1 
ATOM   302 C  CA  . SER A 1 38  ? 12.204  -9.799  2.452   1.00 19.49 ? 90  SER A CA  1 
ATOM   303 C  C   . SER A 1 38  ? 12.741  -9.555  1.054   1.00 21.69 ? 90  SER A C   1 
ATOM   304 O  O   . SER A 1 38  ? 13.449  -10.402 0.491   1.00 22.74 ? 90  SER A O   1 
ATOM   305 C  CB  . SER A 1 38  ? 10.967  -10.698 2.444   1.00 19.85 ? 90  SER A CB  1 
ATOM   306 O  OG  . SER A 1 38  ? 9.969   -10.131 1.622   1.00 20.19 ? 90  SER A OG  1 
ATOM   307 N  N   . ALA A 1 39  ? 12.448  -8.397  0.472   1.00 21.09 ? 91  ALA A N   1 
ATOM   308 C  CA  . ALA A 1 39  ? 12.908  -8.069  -0.860  1.00 20.62 ? 91  ALA A CA  1 
ATOM   309 C  C   . ALA A 1 39  ? 13.481  -6.674  -0.816  1.00 24.08 ? 91  ALA A C   1 
ATOM   310 O  O   . ALA A 1 39  ? 12.843  -5.679  -1.215  1.00 20.47 ? 91  ALA A O   1 
ATOM   311 C  CB  . ALA A 1 39  ? 11.686  -8.144  -1.809  1.00 19.85 ? 91  ALA A CB  1 
ATOM   312 N  N   . PRO A 1 40  ? 14.683  -6.523  -0.265  1.00 22.35 ? 92  PRO A N   1 
ATOM   313 C  CA  . PRO A 1 40  ? 15.295  -5.202  -0.183  1.00 20.86 ? 92  PRO A CA  1 
ATOM   314 C  C   . PRO A 1 40  ? 15.336  -4.451  -1.507  1.00 18.86 ? 92  PRO A C   1 
ATOM   315 O  O   . PRO A 1 40  ? 15.604  -5.034  -2.615  1.00 20.86 ? 92  PRO A O   1 
ATOM   316 C  CB  . PRO A 1 40  ? 16.707  -5.481  0.365   1.00 24.02 ? 92  PRO A CB  1 
ATOM   317 C  CG  . PRO A 1 40  ? 16.548  -6.745  1.085   1.00 26.94 ? 92  PRO A CG  1 
ATOM   318 C  CD  . PRO A 1 40  ? 15.509  -7.568  0.399   1.00 23.11 ? 92  PRO A CD  1 
ATOM   319 N  N   . GLY A 1 41  ? 14.891  -3.184  -1.418  1.00 18.73 ? 93  GLY A N   1 
ATOM   320 C  CA  . GLY A 1 41  ? 14.863  -2.259  -2.560  1.00 18.27 ? 93  GLY A CA  1 
ATOM   321 C  C   . GLY A 1 41  ? 13.479  -2.287  -3.237  1.00 18.77 ? 93  GLY A C   1 
ATOM   322 O  O   . GLY A 1 41  ? 13.189  -1.495  -4.154  1.00 21.00 ? 93  GLY A O   1 
ATOM   323 N  N   . ASP A 1 42  ? 12.599  -3.156  -2.732  1.00 17.38 ? 94  ASP A N   1 
ATOM   324 C  CA  . ASP A 1 42  ? 11.179  -3.228  -3.251  1.00 16.60 ? 94  ASP A CA  1 
ATOM   325 C  C   . ASP A 1 42  ? 10.208  -2.688  -2.185  1.00 15.48 ? 94  ASP A C   1 
ATOM   326 O  O   . ASP A 1 42  ? 10.435  -2.757  -0.961  1.00 16.36 ? 94  ASP A O   1 
ATOM   327 C  CB  . ASP A 1 42  ? 10.735  -4.646  -3.593  1.00 19.25 ? 94  ASP A CB  1 
ATOM   328 C  CG  . ASP A 1 42  ? 11.455  -5.227  -4.780  1.00 22.74 ? 94  ASP A CG  1 
ATOM   329 O  OD1 . ASP A 1 42  ? 12.009  -4.453  -5.618  1.00 26.77 ? 94  ASP A OD1 1 
ATOM   330 O  OD2 . ASP A 1 42  ? 11.499  -6.479  -4.847  1.00 34.06 ? 94  ASP A OD2 1 
ATOM   331 N  N   . PHE A 1 43  ? 9.105   -2.119  -2.672  1.00 14.04 ? 95  PHE A N   1 
ATOM   332 C  CA  . PHE A 1 43  ? 8.061   -1.665  -1.757  1.00 14.79 ? 95  PHE A CA  1 
ATOM   333 C  C   . PHE A 1 43  ? 6.928   -2.629  -1.687  1.00 13.37 ? 95  PHE A C   1 
ATOM   334 O  O   . PHE A 1 43  ? 6.688   -3.399  -2.607  1.00 14.19 ? 95  PHE A O   1 
ATOM   335 C  CB  . PHE A 1 43  ? 7.539   -0.312  -2.250  1.00 14.12 ? 95  PHE A CB  1 
ATOM   336 C  CG  . PHE A 1 43  ? 8.616   0.769   -2.262  1.00 13.81 ? 95  PHE A CG  1 
ATOM   337 C  CD1 . PHE A 1 43  ? 8.917   1.503   -1.125  1.00 14.69 ? 95  PHE A CD1 1 
ATOM   338 C  CD2 . PHE A 1 43  ? 9.345   1.009   -3.451  1.00 16.15 ? 95  PHE A CD2 1 
ATOM   339 C  CE1 . PHE A 1 43  ? 9.905   2.465   -1.145  1.00 13.51 ? 95  PHE A CE1 1 
ATOM   340 C  CE2 . PHE A 1 43  ? 10.363  1.999   -3.462  1.00 16.10 ? 95  PHE A CE2 1 
ATOM   341 C  CZ  . PHE A 1 43  ? 10.614  2.716   -2.318  1.00 12.71 ? 95  PHE A CZ  1 
ATOM   342 N  N   . SER A 1 44  ? 6.223   -2.571  -0.555  1.00 12.87 ? 96  SER A N   1 
ATOM   343 C  CA  . SER A 1 44  ? 4.999   -3.333  -0.311  1.00 14.12 ? 96  SER A CA  1 
ATOM   344 C  C   . SER A 1 44  ? 3.920   -2.406  0.168   1.00 14.33 ? 96  SER A C   1 
ATOM   345 O  O   . SER A 1 44  ? 4.191   -1.408  0.862   1.00 13.58 ? 96  SER A O   1 
ATOM   346 C  CB  . SER A 1 44  ? 5.262   -4.385  0.771   1.00 15.85 ? 96  SER A CB  1 
ATOM   347 O  OG  . SER A 1 44  ? 6.265   -5.321  0.289   1.00 15.49 ? 96  SER A OG  1 
ATOM   348 N  N   . LEU A 1 45  ? 2.686   -2.739  -0.172  1.00 14.01 ? 97  LEU A N   1 
ATOM   349 C  CA  . LEU A 1 45  ? 1.507   -1.965  0.229   1.00 14.34 ? 97  LEU A CA  1 
ATOM   350 C  C   . LEU A 1 45  ? 0.689   -2.867  1.167   1.00 14.47 ? 97  LEU A C   1 
ATOM   351 O  O   . LEU A 1 45  ? 0.379   -4.034  0.851   1.00 14.56 ? 97  LEU A O   1 
ATOM   352 C  CB  . LEU A 1 45  ? 0.695   -1.646  -1.062  1.00 13.65 ? 97  LEU A CB  1 
ATOM   353 C  CG  . LEU A 1 45  ? -0.717  -1.104  -0.837  1.00 15.32 ? 97  LEU A CG  1 
ATOM   354 C  CD1 . LEU A 1 45  ? -0.652  0.220   -0.129  1.00 15.97 ? 97  LEU A CD1 1 
ATOM   355 C  CD2 . LEU A 1 45  ? -1.463  -1.033  -2.221  1.00 18.23 ? 97  LEU A CD2 1 
ATOM   356 N  N   . SER A 1 46  ? 0.398   -2.340  2.364   1.00 13.47 ? 98  SER A N   1 
ATOM   357 C  CA  . SER A 1 46  ? -0.425  -3.072  3.332   1.00 14.08 ? 98  SER A CA  1 
ATOM   358 C  C   . SER A 1 46  ? -1.735  -2.336  3.582   1.00 14.40 ? 98  SER A C   1 
ATOM   359 O  O   . SER A 1 46  ? -1.731  -1.109  3.702   1.00 13.59 ? 98  SER A O   1 
ATOM   360 C  CB  . SER A 1 46  ? 0.406   -3.130  4.647   1.00 13.85 ? 98  SER A CB  1 
ATOM   361 O  OG  . SER A 1 46  ? 1.557   -3.927  4.360   1.00 15.08 ? 98  SER A OG  1 
ATOM   362 N  N   . VAL A 1 47  ? -2.845  -3.094  3.641   1.00 15.09 ? 99  VAL A N   1 
ATOM   363 C  CA  . VAL A 1 47  ? -4.168  -2.473  3.604   1.00 14.01 ? 99  VAL A CA  1 
ATOM   364 C  C   . VAL A 1 47  ? -5.126  -3.187  4.527   1.00 13.66 ? 99  VAL A C   1 
ATOM   365 O  O   . VAL A 1 47  ? -5.211  -4.433  4.495   1.00 15.65 ? 99  VAL A O   1 
ATOM   366 C  CB  . VAL A 1 47  ? -4.734  -2.484  2.179   1.00 14.20 ? 99  VAL A CB  1 
ATOM   367 C  CG1 . VAL A 1 47  ? -6.031  -1.617  2.117   1.00 16.18 ? 99  VAL A CG1 1 
ATOM   368 C  CG2 . VAL A 1 47  ? -3.689  -2.045  1.137   1.00 18.51 ? 99  VAL A CG2 1 
ATOM   369 N  N   . LYS A 1 48  ? -5.788  -2.404  5.412   1.00 14.08 ? 100 LYS A N   1 
ATOM   370 C  CA  . LYS A 1 48  ? -6.840  -2.964  6.310   1.00 14.53 ? 100 LYS A CA  1 
ATOM   371 C  C   . LYS A 1 48  ? -8.037  -3.471  5.494   1.00 16.62 ? 100 LYS A C   1 
ATOM   372 O  O   . LYS A 1 48  ? -8.569  -2.721  4.645   1.00 17.03 ? 100 LYS A O   1 
ATOM   373 C  CB  . LYS A 1 48  ? -7.260  -1.946  7.310   1.00 16.59 ? 100 LYS A CB  1 
ATOM   374 C  CG  . LYS A 1 48  ? -8.294  -2.553  8.261   1.00 20.18 ? 100 LYS A CG  1 
ATOM   375 C  CD  . LYS A 1 48  ? -9.102  -1.576  9.025   1.00 26.70 ? 100 LYS A CD  1 
ATOM   376 C  CE  . LYS A 1 48  ? -10.137 -2.322  9.898   1.00 28.51 ? 100 LYS A CE  1 
ATOM   377 N  NZ  . LYS A 1 48  ? -9.623  -3.319  10.883  1.00 26.08 ? 100 LYS A NZ  1 
ATOM   378 N  N   . PHE A 1 49  ? -8.451  -4.711  5.780   1.00 17.67 ? 101 PHE A N   1 
ATOM   379 C  CA  . PHE A 1 49  ? -9.733  -5.182  5.253   1.00 19.13 ? 101 PHE A CA  1 
ATOM   380 C  C   . PHE A 1 49  ? -10.393 -6.108  6.275   1.00 20.29 ? 101 PHE A C   1 
ATOM   381 O  O   . PHE A 1 49  ? -9.998  -7.281  6.446   1.00 19.06 ? 101 PHE A O   1 
ATOM   382 C  CB  . PHE A 1 49  ? -9.619  -5.875  3.889   1.00 20.78 ? 101 PHE A CB  1 
ATOM   383 C  CG  . PHE A 1 49  ? -10.987 -6.254  3.348   1.00 20.75 ? 101 PHE A CG  1 
ATOM   384 C  CD1 . PHE A 1 49  ? -11.856 -5.229  2.983   1.00 20.94 ? 101 PHE A CD1 1 
ATOM   385 C  CD2 . PHE A 1 49  ? -11.397 -7.596  3.290   1.00 23.63 ? 101 PHE A CD2 1 
ATOM   386 C  CE1 . PHE A 1 49  ? -13.146 -5.521  2.547   1.00 22.59 ? 101 PHE A CE1 1 
ATOM   387 C  CE2 . PHE A 1 49  ? -12.684 -7.908  2.838   1.00 23.36 ? 101 PHE A CE2 1 
ATOM   388 C  CZ  . PHE A 1 49  ? -13.528 -6.870  2.422   1.00 21.12 ? 101 PHE A CZ  1 
ATOM   389 N  N   . GLY A 1 50  ? -11.411 -5.567  6.940   1.00 22.97 ? 102 GLY A N   1 
ATOM   390 C  CA  . GLY A 1 50  ? -12.123 -6.337  7.958   1.00 25.31 ? 102 GLY A CA  1 
ATOM   391 C  C   . GLY A 1 50  ? -11.167 -6.773  9.047   1.00 27.16 ? 102 GLY A C   1 
ATOM   392 O  O   . GLY A 1 50  ? -10.403 -5.950  9.604   1.00 30.00 ? 102 GLY A O   1 
ATOM   393 N  N   . ASN A 1 51  ? -11.116 -8.091  9.292   1.00 27.73 ? 103 ASN A N   1 
ATOM   394 C  CA  . ASN A 1 51  ? -10.281 -8.552  10.393  1.00 33.00 ? 103 ASN A CA  1 
ATOM   395 C  C   . ASN A 1 51  ? -8.933  -9.000  9.863   1.00 31.19 ? 103 ASN A C   1 
ATOM   396 O  O   . ASN A 1 51  ? -8.107  -9.596  10.586  1.00 32.55 ? 103 ASN A O   1 
ATOM   397 C  CB  . ASN A 1 51  ? -11.032 -9.673  11.146  1.00 36.25 ? 103 ASN A CB  1 
ATOM   398 C  CG  . ASN A 1 51  ? -12.437 -9.232  11.557  1.00 47.46 ? 103 ASN A CG  1 
ATOM   399 O  OD1 . ASN A 1 51  ? -12.614 -8.525  12.564  1.00 56.07 ? 103 ASN A OD1 1 
ATOM   400 N  ND2 . ASN A 1 51  ? -13.438 -9.587  10.738  1.00 53.23 ? 103 ASN A ND2 1 
ATOM   401 N  N   . ASP A 1 52  ? -8.673  -8.660  8.597   1.00 25.47 ? 104 ASP A N   1 
ATOM   402 C  CA  . ASP A 1 52  ? -7.440  -9.008  7.960   1.00 24.16 ? 104 ASP A CA  1 
ATOM   403 C  C   . ASP A 1 52  ? -6.634  -7.731  7.644   1.00 22.16 ? 104 ASP A C   1 
ATOM   404 O  O   . ASP A 1 52  ? -7.135  -6.585  7.685   1.00 20.69 ? 104 ASP A O   1 
ATOM   405 C  CB  . ASP A 1 52  ? -7.709  -9.763  6.641   1.00 29.48 ? 104 ASP A CB  1 
ATOM   406 C  CG  . ASP A 1 52  ? -8.318  -11.157 6.844   1.00 42.79 ? 104 ASP A CG  1 
ATOM   407 O  OD1 . ASP A 1 52  ? -7.907  -11.883 7.789   1.00 42.77 ? 104 ASP A OD1 1 
ATOM   408 O  OD2 . ASP A 1 52  ? -9.201  -11.545 6.029   1.00 44.62 ? 104 ASP A OD2 1 
ATOM   409 N  N   . VAL A 1 53  ? -5.367  -7.952  7.346   1.00 19.92 ? 105 VAL A N   1 
ATOM   410 C  CA  . VAL A 1 53  ? -4.591  -6.927  6.579   1.00 16.10 ? 105 VAL A CA  1 
ATOM   411 C  C   . VAL A 1 53  ? -4.059  -7.627  5.337   1.00 16.37 ? 105 VAL A C   1 
ATOM   412 O  O   . VAL A 1 53  ? -3.475  -8.797  5.419   1.00 21.20 ? 105 VAL A O   1 
ATOM   413 C  CB  . VAL A 1 53  ? -3.374  -6.403  7.470   1.00 16.58 ? 105 VAL A CB  1 
ATOM   414 C  CG1 . VAL A 1 53  ? -2.438  -5.468  6.683   1.00 18.00 ? 105 VAL A CG1 1 
ATOM   415 C  CG2 . VAL A 1 53  ? -3.888  -5.682  8.701   1.00 16.82 ? 105 VAL A CG2 1 
ATOM   416 N  N   . GLN A 1 54  ? -4.229  -7.026  4.165   1.00 15.56 ? 106 GLN A N   1 
ATOM   417 C  CA  . GLN A 1 54  ? -3.795  -7.625  2.956   1.00 15.65 ? 106 GLN A CA  1 
ATOM   418 C  C   . GLN A 1 54  ? -2.497  -6.920  2.561   1.00 15.52 ? 106 GLN A C   1 
ATOM   419 O  O   . GLN A 1 54  ? -2.340  -5.682  2.691   1.00 17.85 ? 106 GLN A O   1 
ATOM   420 C  CB  . GLN A 1 54  ? -4.828  -7.393  1.827   1.00 15.93 ? 106 GLN A CB  1 
ATOM   421 C  CG  . GLN A 1 54  ? -6.144  -8.112  2.097   1.00 17.53 ? 106 GLN A CG  1 
ATOM   422 C  CD  . GLN A 1 54  ? -7.192  -8.014  1.028   1.00 20.78 ? 106 GLN A CD  1 
ATOM   423 O  OE1 . GLN A 1 54  ? -8.349  -8.496  1.232   1.00 23.82 ? 106 GLN A OE1 1 
ATOM   424 N  NE2 . GLN A 1 54  ? -6.836  -7.479  -0.122  1.00 18.04 ? 106 GLN A NE2 1 
ATOM   425 N  N   . HIS A 1 55  ? -1.588  -7.705  1.996   1.00 15.00 ? 107 HIS A N   1 
ATOM   426 C  CA  . HIS A 1 55  ? -0.314  -7.178  1.485   1.00 14.44 ? 107 HIS A CA  1 
ATOM   427 C  C   . HIS A 1 55  ? -0.135  -7.317  -0.006  1.00 16.03 ? 107 HIS A C   1 
ATOM   428 O  O   . HIS A 1 55  ? -0.437  -8.385  -0.545  1.00 18.57 ? 107 HIS A O   1 
ATOM   429 C  CB  . HIS A 1 55  ? 0.844   -7.870  2.191   1.00 16.23 ? 107 HIS A CB  1 
ATOM   430 C  CG  . HIS A 1 55  ? 0.744   -7.759  3.693   1.00 15.85 ? 107 HIS A CG  1 
ATOM   431 N  ND1 . HIS A 1 55  ? 1.281   -6.722  4.363   1.00 16.17 ? 107 HIS A ND1 1 
ATOM   432 C  CD2 . HIS A 1 55  ? 0.156   -8.577  4.648   1.00 17.18 ? 107 HIS A CD2 1 
ATOM   433 C  CE1 . HIS A 1 55  ? 1.071   -6.848  5.667   1.00 16.73 ? 107 HIS A CE1 1 
ATOM   434 N  NE2 . HIS A 1 55  ? 0.353   -7.995  5.853   1.00 18.92 ? 107 HIS A NE2 1 
ATOM   435 N  N   . PHE A 1 56  ? 0.290   -6.258  -0.711  1.00 16.38 ? 108 PHE A N   1 
ATOM   436 C  CA  . PHE A 1 56  ? 0.563   -6.357  -2.136  1.00 15.09 ? 108 PHE A CA  1 
ATOM   437 C  C   . PHE A 1 56  ? 2.000   -5.966  -2.424  1.00 15.21 ? 108 PHE A C   1 
ATOM   438 O  O   . PHE A 1 56  ? 2.561   -5.043  -1.803  1.00 16.54 ? 108 PHE A O   1 
ATOM   439 C  CB  . PHE A 1 56  ? -0.286  -5.312  -2.868  1.00 17.27 ? 108 PHE A CB  1 
ATOM   440 C  CG  . PHE A 1 56  ? -1.793  -5.451  -2.641  1.00 18.39 ? 108 PHE A CG  1 
ATOM   441 C  CD1 . PHE A 1 56  ? -2.387  -5.034  -1.457  1.00 19.10 ? 108 PHE A CD1 1 
ATOM   442 C  CD2 . PHE A 1 56  ? -2.566  -6.046  -3.627  1.00 17.73 ? 108 PHE A CD2 1 
ATOM   443 C  CE1 . PHE A 1 56  ? -3.752  -5.220  -1.214  1.00 19.48 ? 108 PHE A CE1 1 
ATOM   444 C  CE2 . PHE A 1 56  ? -3.918  -6.249  -3.396  1.00 18.52 ? 108 PHE A CE2 1 
ATOM   445 C  CZ  . PHE A 1 56  ? -4.495  -5.839  -2.216  1.00 17.96 ? 108 PHE A CZ  1 
ATOM   446 N  N   . LYS A 1 57  ? 2.619   -6.638  -3.391  1.00 15.36 ? 109 LYS A N   1 
ATOM   447 C  CA  . LYS A 1 57  ? 3.939   -6.221  -3.878  1.00 15.62 ? 109 LYS A CA  1 
ATOM   448 C  C   . LYS A 1 57  ? 3.731   -4.991  -4.753  1.00 16.98 ? 109 LYS A C   1 
ATOM   449 O  O   . LYS A 1 57  ? 2.851   -5.001  -5.588  1.00 17.89 ? 109 LYS A O   1 
ATOM   450 C  CB  . LYS A 1 57  ? 4.450   -7.275  -4.804  1.00 17.98 ? 109 LYS A CB  1 
ATOM   451 C  CG  . LYS A 1 57  ? 4.703   -8.564  -4.111  1.00 18.26 ? 109 LYS A CG  1 
ATOM   452 C  CD  . LYS A 1 57  ? 5.369   -9.496  -5.154  1.00 18.97 ? 109 LYS A CD  1 
ATOM   453 C  CE  . LYS A 1 57  ? 4.383   -10.091 -6.176  1.00 19.87 ? 109 LYS A CE  1 
ATOM   454 N  NZ  . LYS A 1 57  ? 5.071   -11.194 -6.975  1.00 23.26 ? 109 LYS A NZ  1 
ATOM   455 N  N   . VAL A 1 58  ? 4.566   -3.965  -4.594  1.00 15.51 ? 110 VAL A N   1 
ATOM   456 C  CA  . VAL A 1 58  ? 4.670   -2.940  -5.607  1.00 15.30 ? 110 VAL A CA  1 
ATOM   457 C  C   . VAL A 1 58  ? 5.654   -3.396  -6.664  1.00 16.28 ? 110 VAL A C   1 
ATOM   458 O  O   . VAL A 1 58  ? 6.850   -3.514  -6.403  1.00 20.00 ? 110 VAL A O   1 
ATOM   459 C  CB  . VAL A 1 58  ? 5.093   -1.563  -5.043  1.00 14.39 ? 110 VAL A CB  1 
ATOM   460 C  CG1 . VAL A 1 58  ? 5.171   -0.548  -6.204  1.00 14.73 ? 110 VAL A CG1 1 
ATOM   461 C  CG2 . VAL A 1 58  ? 4.085   -1.133  -4.011  1.00 14.60 ? 110 VAL A CG2 1 
ATOM   462 N  N   . LEU A 1 59  ? 5.134   -3.682  -7.831  1.00 15.86 ? 111 LEU A N   1 
ATOM   463 C  CA  . LEU A 1 59  ? 5.940   -4.169  -8.917  1.00 16.93 ? 111 LEU A CA  1 
ATOM   464 C  C   . LEU A 1 59  ? 6.496   -3.053  -9.777  1.00 19.09 ? 111 LEU A C   1 
ATOM   465 O  O   . LEU A 1 59  ? 5.989   -1.962  -9.814  1.00 18.78 ? 111 LEU A O   1 
ATOM   466 C  CB  . LEU A 1 59  ? 5.075   -5.091  -9.795  1.00 18.31 ? 111 LEU A CB  1 
ATOM   467 C  CG  . LEU A 1 59  ? 4.434   -6.257  -9.000  1.00 21.58 ? 111 LEU A CG  1 
ATOM   468 C  CD1 . LEU A 1 59  ? 3.341   -6.998  -9.758  1.00 24.10 ? 111 LEU A CD1 1 
ATOM   469 C  CD2 . LEU A 1 59  ? 5.557   -7.186  -8.588  1.00 21.03 ? 111 LEU A CD2 1 
ATOM   470 N  N   . ARG A 1 60  ? 7.552   -3.365  -10.537 1.00 19.11 ? 112 ARG A N   1 
ATOM   471 C  CA  . ARG A 1 60  ? 8.173   -2.384  -11.418 1.00 19.65 ? 112 ARG A CA  1 
ATOM   472 C  C   . ARG A 1 60  ? 8.280   -2.957  -12.818 1.00 20.69 ? 112 ARG A C   1 
ATOM   473 O  O   . ARG A 1 60  ? 8.525   -4.141  -12.976 1.00 23.22 ? 112 ARG A O   1 
ATOM   474 C  CB  . ARG A 1 60  ? 9.611   -2.043  -10.981 1.00 24.11 ? 112 ARG A CB  1 
ATOM   475 C  CG  . ARG A 1 60  ? 9.798   -1.640  -9.523  1.00 29.00 ? 112 ARG A CG  1 
ATOM   476 C  CD  . ARG A 1 60  ? 9.040   -0.362  -9.255  1.00 29.47 ? 112 ARG A CD  1 
ATOM   477 N  NE  . ARG A 1 60  ? 9.744   0.852   -9.708  1.00 34.11 ? 112 ARG A NE  1 
ATOM   478 C  CZ  . ARG A 1 60  ? 10.911  1.269   -9.220  1.00 35.50 ? 112 ARG A CZ  1 
ATOM   479 N  NH1 . ARG A 1 60  ? 11.524  0.499   -8.281  1.00 33.24 ? 112 ARG A NH1 1 
ATOM   480 N  NH2 . ARG A 1 60  ? 11.465  2.415   -9.710  1.00 25.62 ? 112 ARG A NH2 1 
ATOM   481 N  N   . ASP A 1 61  ? 8.100   -2.102  -13.824 1.00 21.87 ? 113 ASP A N   1 
ATOM   482 C  CA  . ASP A 1 61  ? 8.381   -2.522  -15.199 1.00 24.46 ? 113 ASP A CA  1 
ATOM   483 C  C   . ASP A 1 61  ? 9.889   -2.345  -15.496 1.00 27.48 ? 113 ASP A C   1 
ATOM   484 O  O   . ASP A 1 61  ? 10.674  -2.034  -14.605 1.00 27.00 ? 113 ASP A O   1 
ATOM   485 C  CB  . ASP A 1 61  ? 7.454   -1.774  -16.191 1.00 22.75 ? 113 ASP A CB  1 
ATOM   486 C  CG  . ASP A 1 61  ? 7.833   -0.347  -16.384 1.00 23.59 ? 113 ASP A CG  1 
ATOM   487 O  OD1 . ASP A 1 61  ? 8.769   0.175   -15.745 1.00 22.12 ? 113 ASP A OD1 1 
ATOM   488 O  OD2 . ASP A 1 61  ? 7.164   0.363   -17.220 1.00 25.49 ? 113 ASP A OD2 1 
ATOM   489 N  N   . GLY A 1 62  ? 10.278  -2.509  -16.767 1.00 29.26 ? 114 GLY A N   1 
ATOM   490 C  CA  . GLY A 1 62  ? 11.662  -2.244  -17.197 1.00 33.20 ? 114 GLY A CA  1 
ATOM   491 C  C   . GLY A 1 62  ? 12.274  -0.868  -16.974 1.00 30.43 ? 114 GLY A C   1 
ATOM   492 O  O   . GLY A 1 62  ? 13.498  -0.741  -16.748 1.00 36.56 ? 114 GLY A O   1 
ATOM   493 N  N   . ALA A 1 63  ? 11.416  0.154   -17.013 1.00 25.95 ? 115 ALA A N   1 
ATOM   494 C  CA  . ALA A 1 63  ? 11.755  1.555   -16.925 1.00 26.63 ? 115 ALA A CA  1 
ATOM   495 C  C   . ALA A 1 63  ? 11.707  2.062   -15.495 1.00 25.66 ? 115 ALA A C   1 
ATOM   496 O  O   . ALA A 1 63  ? 11.965  3.242   -15.246 1.00 29.23 ? 115 ALA A O   1 
ATOM   497 C  CB  . ALA A 1 63  ? 10.793  2.370   -17.806 1.00 30.28 ? 115 ALA A CB  1 
ATOM   498 N  N   . GLY A 1 64  ? 11.283  1.192   -14.581 1.00 24.60 ? 116 GLY A N   1 
ATOM   499 C  CA  . GLY A 1 64  ? 11.133  1.573   -13.148 1.00 25.68 ? 116 GLY A CA  1 
ATOM   500 C  C   . GLY A 1 64  ? 9.775   2.172   -12.783 1.00 23.48 ? 116 GLY A C   1 
ATOM   501 O  O   . GLY A 1 64  ? 9.591   2.689   -11.664 1.00 25.36 ? 116 GLY A O   1 
ATOM   502 N  N   . LYS A 1 65  ? 8.787   2.090   -13.688 1.00 20.23 ? 117 LYS A N   1 
ATOM   503 C  CA  . LYS A 1 65  ? 7.397   2.503   -13.319 1.00 20.31 ? 117 LYS A CA  1 
ATOM   504 C  C   . LYS A 1 65  ? 6.814   1.509   -12.335 1.00 21.47 ? 117 LYS A C   1 
ATOM   505 O  O   . LYS A 1 65  ? 7.216   0.357   -12.327 1.00 22.35 ? 117 LYS A O   1 
ATOM   506 C  CB  . LYS A 1 65  ? 6.520   2.583   -14.565 1.00 22.67 ? 117 LYS A CB  1 
ATOM   507 C  CG  . LYS A 1 65  ? 6.991   3.730   -15.469 1.00 28.47 ? 117 LYS A CG  1 
ATOM   508 C  CD  . LYS A 1 65  ? 5.851   4.180   -16.352 1.00 29.67 ? 117 LYS A CD  1 
ATOM   509 C  CE  . LYS A 1 65  ? 6.242   5.288   -17.301 1.00 34.12 ? 117 LYS A CE  1 
ATOM   510 N  NZ  . LYS A 1 65  ? 4.985   6.100   -17.456 1.00 40.54 ? 117 LYS A NZ  1 
ATOM   511 N  N   . TYR A 1 66  ? 5.873   1.953   -11.496 1.00 15.98 ? 118 TYR A N   1 
ATOM   512 C  CA  . TYR A 1 66  ? 5.338   1.135   -10.384 1.00 17.03 ? 118 TYR A CA  1 
ATOM   513 C  C   . TYR A 1 66  ? 3.915   0.678   -10.656 1.00 16.56 ? 118 TYR A C   1 
ATOM   514 O  O   . TYR A 1 66  ? 3.116   1.472   -11.204 1.00 17.63 ? 118 TYR A O   1 
ATOM   515 C  CB  . TYR A 1 66  ? 5.206   2.043   -9.190  1.00 17.19 ? 118 TYR A CB  1 
ATOM   516 C  CG  . TYR A 1 66  ? 6.559   2.631   -8.734  1.00 15.12 ? 118 TYR A CG  1 
ATOM   517 C  CD1 . TYR A 1 66  ? 7.405   1.873   -7.886  1.00 18.56 ? 118 TYR A CD1 1 
ATOM   518 C  CD2 . TYR A 1 66  ? 6.916   3.944   -9.043  1.00 16.92 ? 118 TYR A CD2 1 
ATOM   519 C  CE1 . TYR A 1 66  ? 8.585   2.463   -7.376  1.00 17.63 ? 118 TYR A CE1 1 
ATOM   520 C  CE2 . TYR A 1 66  ? 8.115   4.548   -8.569  1.00 18.44 ? 118 TYR A CE2 1 
ATOM   521 C  CZ  . TYR A 1 66  ? 8.920   3.769   -7.713  1.00 17.59 ? 118 TYR A CZ  1 
ATOM   522 O  OH  . TYR A 1 66  ? 10.133  4.255   -7.274  1.00 20.59 ? 118 TYR A OH  1 
ATOM   523 N  N   . PHE A 1 67  ? 3.590   -0.558  -10.313 1.00 15.33 ? 119 PHE A N   1 
ATOM   524 C  CA  . PHE A 1 67  ? 2.186   -1.023  -10.491 1.00 15.96 ? 119 PHE A CA  1 
ATOM   525 C  C   . PHE A 1 67  ? 1.831   -2.116  -9.533  1.00 17.37 ? 119 PHE A C   1 
ATOM   526 O  O   . PHE A 1 67  ? 2.719   -2.762  -8.956  1.00 18.10 ? 119 PHE A O   1 
ATOM   527 C  CB  . PHE A 1 67  ? 1.928   -1.496  -11.984 1.00 17.27 ? 119 PHE A CB  1 
ATOM   528 C  CG  . PHE A 1 67  ? 2.733   -2.686  -12.407 1.00 17.93 ? 119 PHE A CG  1 
ATOM   529 C  CD1 . PHE A 1 67  ? 4.054   -2.536  -12.866 1.00 18.95 ? 119 PHE A CD1 1 
ATOM   530 C  CD2 . PHE A 1 67  ? 2.144   -4.005  -12.375 1.00 17.62 ? 119 PHE A CD2 1 
ATOM   531 C  CE1 . PHE A 1 67  ? 4.791   -3.647  -13.272 1.00 17.48 ? 119 PHE A CE1 1 
ATOM   532 C  CE2 . PHE A 1 67  ? 2.883   -5.118  -12.743 1.00 17.30 ? 119 PHE A CE2 1 
ATOM   533 C  CZ  . PHE A 1 67  ? 4.188   -4.941  -13.203 1.00 19.67 ? 119 PHE A CZ  1 
ATOM   534 N  N   . LEU A 1 68  ? 0.528   -2.339  -9.348  1.00 17.30 ? 120 LEU A N   1 
ATOM   535 C  CA  . LEU A 1 68  ? 0.091   -3.533  -8.599  1.00 16.43 ? 120 LEU A CA  1 
ATOM   536 C  C   . LEU A 1 68  ? -0.362  -4.645  -9.531  1.00 17.54 ? 120 LEU A C   1 
ATOM   537 O  O   . LEU A 1 68  ? -0.068  -5.809  -9.278  1.00 16.87 ? 120 LEU A O   1 
ATOM   538 C  CB  . LEU A 1 68  ? -1.052  -3.188  -7.673  1.00 16.65 ? 120 LEU A CB  1 
ATOM   539 C  CG  . LEU A 1 68  ? -0.805  -2.099  -6.626  1.00 15.17 ? 120 LEU A CG  1 
ATOM   540 C  CD1 . LEU A 1 68  ? -2.098  -1.813  -5.858  1.00 17.91 ? 120 LEU A CD1 1 
ATOM   541 C  CD2 . LEU A 1 68  ? 0.448   -2.464  -5.795  1.00 16.62 ? 120 LEU A CD2 1 
ATOM   542 N  N   . TRP A 1 69  ? -1.131  -4.250  -10.576 1.00 16.09 ? 121 TRP A N   1 
ATOM   543 C  CA  . TRP A 1 69  ? -1.719  -5.246  -11.481 1.00 19.24 ? 121 TRP A CA  1 
ATOM   544 C  C   . TRP A 1 69  ? -1.403  -4.953  -12.910 1.00 17.04 ? 121 TRP A C   1 
ATOM   545 O  O   . TRP A 1 69  ? -0.632  -5.720  -13.476 1.00 19.83 ? 121 TRP A O   1 
ATOM   546 C  CB  . TRP A 1 69  ? -3.225  -5.364  -11.336 1.00 15.97 ? 121 TRP A CB  1 
ATOM   547 C  CG  . TRP A 1 69  ? -3.667  -5.808  -9.952  1.00 17.85 ? 121 TRP A CG  1 
ATOM   548 C  CD1 . TRP A 1 69  ? -4.202  -5.029  -8.983  1.00 18.74 ? 121 TRP A CD1 1 
ATOM   549 C  CD2 . TRP A 1 69  ? -3.625  -7.164  -9.385  1.00 17.98 ? 121 TRP A CD2 1 
ATOM   550 N  NE1 . TRP A 1 69  ? -4.520  -5.767  -7.877  1.00 18.84 ? 121 TRP A NE1 1 
ATOM   551 C  CE2 . TRP A 1 69  ? -4.217  -7.057  -8.051  1.00 19.44 ? 121 TRP A CE2 1 
ATOM   552 C  CE3 . TRP A 1 69  ? -3.208  -8.395  -9.830  1.00 18.95 ? 121 TRP A CE3 1 
ATOM   553 C  CZ2 . TRP A 1 69  ? -4.360  -8.168  -7.213  1.00 19.18 ? 121 TRP A CZ2 1 
ATOM   554 C  CZ3 . TRP A 1 69  ? -3.356  -9.529  -8.977  1.00 18.09 ? 121 TRP A CZ3 1 
ATOM   555 C  CH2 . TRP A 1 69  ? -3.959  -9.390  -7.685  1.00 18.52 ? 121 TRP A CH2 1 
ATOM   556 N  N   . VAL A 1 70  ? -1.948  -3.852  -13.428 1.00 18.54 ? 122 VAL A N   1 
ATOM   557 C  CA  . VAL A 1 70  ? -1.808  -3.514  -14.850 1.00 18.95 ? 122 VAL A CA  1 
ATOM   558 C  C   . VAL A 1 70  ? -1.477  -2.066  -15.128 1.00 16.78 ? 122 VAL A C   1 
ATOM   559 O  O   . VAL A 1 70  ? -0.564  -1.783  -15.923 1.00 17.20 ? 122 VAL A O   1 
ATOM   560 C  CB  . VAL A 1 70  ? -3.091  -3.887  -15.621 1.00 22.06 ? 122 VAL A CB  1 
ATOM   561 C  CG1 . VAL A 1 70  ? -3.009  -3.398  -17.081 1.00 23.43 ? 122 VAL A CG1 1 
ATOM   562 C  CG2 . VAL A 1 70  ? -3.235  -5.389  -15.659 1.00 23.26 ? 122 VAL A CG2 1 
ATOM   563 N  N   . VAL A 1 71  ? -2.175  -1.160  -14.450 1.00 18.65 ? 123 VAL A N   1 
ATOM   564 C  CA  . VAL A 1 71  ? -1.966  0.282   -14.696 1.00 17.97 ? 123 VAL A CA  1 
ATOM   565 C  C   . VAL A 1 71  ? -0.707  0.724   -13.899 1.00 19.17 ? 123 VAL A C   1 
ATOM   566 O  O   . VAL A 1 71  ? -0.569  0.430   -12.717 1.00 20.20 ? 123 VAL A O   1 
ATOM   567 C  CB  . VAL A 1 71  ? -3.203  1.128   -14.360 1.00 20.23 ? 123 VAL A CB  1 
ATOM   568 C  CG1 . VAL A 1 71  ? -2.954  2.553   -14.765 1.00 19.50 ? 123 VAL A CG1 1 
ATOM   569 C  CG2 . VAL A 1 71  ? -4.422  0.612   -15.135 1.00 21.17 ? 123 VAL A CG2 1 
ATOM   570 N  N   . LYS A 1 72  ? 0.194   1.393   -14.581 1.00 16.78 ? 124 LYS A N   1 
ATOM   571 C  CA  . LYS A 1 72  ? 1.516   1.760   -13.979 1.00 17.63 ? 124 LYS A CA  1 
ATOM   572 C  C   . LYS A 1 72  ? 1.808   3.259   -13.983 1.00 17.82 ? 124 LYS A C   1 
ATOM   573 O  O   . LYS A 1 72  ? 1.257   4.044   -14.819 1.00 18.89 ? 124 LYS A O   1 
ATOM   574 C  CB  . LYS A 1 72  ? 2.654   0.971   -14.653 1.00 19.51 ? 124 LYS A CB  1 
ATOM   575 C  CG  . LYS A 1 72  ? 2.916   1.442   -16.064 1.00 19.76 ? 124 LYS A CG  1 
ATOM   576 C  CD  . LYS A 1 72  ? 3.744   0.343   -16.733 1.00 17.86 ? 124 LYS A CD  1 
ATOM   577 C  CE  . LYS A 1 72  ? 4.049   0.699   -18.172 1.00 18.49 ? 124 LYS A CE  1 
ATOM   578 N  NZ  . LYS A 1 72  ? 5.072   -0.244  -18.792 1.00 19.65 ? 124 LYS A NZ  1 
ATOM   579 N  N   . PHE A 1 73  ? 2.717   3.700   -13.092 1.00 17.66 ? 125 PHE A N   1 
ATOM   580 C  CA  . PHE A 1 73  ? 2.852   5.116   -12.801 1.00 17.89 ? 125 PHE A CA  1 
ATOM   581 C  C   . PHE A 1 73  ? 4.282   5.465   -12.582 1.00 16.48 ? 125 PHE A C   1 
ATOM   582 O  O   . PHE A 1 73  ? 5.070   4.618   -12.199 1.00 17.86 ? 125 PHE A O   1 
ATOM   583 C  CB  . PHE A 1 73  ? 2.003   5.568   -11.564 1.00 19.81 ? 125 PHE A CB  1 
ATOM   584 C  CG  . PHE A 1 73  ? 0.489   5.467   -11.820 1.00 21.47 ? 125 PHE A CG  1 
ATOM   585 C  CD1 . PHE A 1 73  ? -0.188  6.523   -12.544 1.00 25.49 ? 125 PHE A CD1 1 
ATOM   586 C  CD2 . PHE A 1 73  ? -0.181  4.345   -11.457 1.00 25.69 ? 125 PHE A CD2 1 
ATOM   587 C  CE1 . PHE A 1 73  ? -1.543  6.398   -12.862 1.00 26.31 ? 125 PHE A CE1 1 
ATOM   588 C  CE2 . PHE A 1 73  ? -1.574  4.182   -11.762 1.00 22.80 ? 125 PHE A CE2 1 
ATOM   589 C  CZ  . PHE A 1 73  ? -2.219  5.226   -12.466 1.00 27.23 ? 125 PHE A CZ  1 
ATOM   590 N  N   . ASN A 1 74  ? 4.556   6.739   -12.797 1.00 18.75 ? 126 ASN A N   1 
ATOM   591 C  CA  . ASN A 1 74  ? 5.911   7.216   -12.666 1.00 19.05 ? 126 ASN A CA  1 
ATOM   592 C  C   . ASN A 1 74  ? 6.321   7.360   -11.191 1.00 18.09 ? 126 ASN A C   1 
ATOM   593 O  O   . ASN A 1 74  ? 7.443   7.641   -10.957 1.00 21.34 ? 126 ASN A O   1 
ATOM   594 C  CB  . ASN A 1 74  ? 6.037   8.599   -13.304 1.00 22.10 ? 126 ASN A CB  1 
ATOM   595 C  CG  . ASN A 1 74  ? 5.981   8.499   -14.809 1.00 23.44 ? 126 ASN A CG  1 
ATOM   596 O  OD1 . ASN A 1 74  ? 6.377   7.494   -15.341 1.00 27.54 ? 126 ASN A OD1 1 
ATOM   597 N  ND2 . ASN A 1 74  ? 5.414   9.509   -15.483 1.00 36.16 ? 126 ASN A ND2 1 
ATOM   598 N  N   . SER A 1 75  ? 5.408   7.197   -10.221 1.00 17.02 ? 127 SER A N   1 
ATOM   599 C  CA  . SER A 1 75  ? 5.779   7.397   -8.813  1.00 15.52 ? 127 SER A CA  1 
ATOM   600 C  C   . SER A 1 75  ? 4.887   6.542   -7.985  1.00 15.38 ? 127 SER A C   1 
ATOM   601 O  O   . SER A 1 75  ? 3.734   6.214   -8.376  1.00 15.12 ? 127 SER A O   1 
ATOM   602 C  CB  . SER A 1 75  ? 5.570   8.859   -8.385  1.00 14.46 ? 127 SER A CB  1 
ATOM   603 O  OG  . SER A 1 75  ? 4.171   9.287   -8.609  1.00 17.67 ? 127 SER A OG  1 
ATOM   604 N  N   . LEU A 1 76  ? 5.380   6.178   -6.795  1.00 13.98 ? 128 LEU A N   1 
ATOM   605 C  CA  . LEU A 1 76  ? 4.520   5.572   -5.774  1.00 15.20 ? 128 LEU A CA  1 
ATOM   606 C  C   . LEU A 1 76  ? 3.287   6.463   -5.482  1.00 14.64 ? 128 LEU A C   1 
ATOM   607 O  O   . LEU A 1 76  ? 2.183   5.963   -5.286  1.00 15.51 ? 128 LEU A O   1 
ATOM   608 C  CB  . LEU A 1 76  ? 5.335   5.364   -4.471  1.00 15.76 ? 128 LEU A CB  1 
ATOM   609 C  CG  . LEU A 1 76  ? 6.450   4.343   -4.502  1.00 16.95 ? 128 LEU A CG  1 
ATOM   610 C  CD1 . LEU A 1 76  ? 7.261   4.519   -3.211  1.00 17.68 ? 128 LEU A CD1 1 
ATOM   611 C  CD2 . LEU A 1 76  ? 5.907   2.944   -4.626  1.00 15.68 ? 128 LEU A CD2 1 
ATOM   612 N  N   . ASN A 1 77  ? 3.487   7.776   -5.383  1.00 15.19 ? 129 ASN A N   1 
ATOM   613 C  CA  . ASN A 1 77  ? 2.439   8.711   -5.061  1.00 14.74 ? 129 ASN A CA  1 
ATOM   614 C  C   . ASN A 1 77  ? 1.299   8.604   -6.072  1.00 14.96 ? 129 ASN A C   1 
ATOM   615 O  O   . ASN A 1 77  ? 0.146   8.564   -5.646  1.00 14.96 ? 129 ASN A O   1 
ATOM   616 C  CB  . ASN A 1 77  ? 3.079   10.099  -5.168  1.00 16.57 ? 129 ASN A CB  1 
ATOM   617 C  CG  . ASN A 1 77  ? 2.248   11.202  -4.534  1.00 16.80 ? 129 ASN A CG  1 
ATOM   618 O  OD1 . ASN A 1 77  ? 0.965   11.067  -4.228  1.00 19.63 ? 129 ASN A OD1 1 
ATOM   619 N  ND2 . ASN A 1 77  ? 2.873   12.319  -4.343  1.00 14.53 ? 129 ASN A ND2 1 
ATOM   620 N  N   . GLU A 1 78  ? 1.635   8.533   -7.358  1.00 15.37 ? 130 GLU A N   1 
ATOM   621 C  CA  . GLU A 1 78  ? 0.580   8.435   -8.398  1.00 17.03 ? 130 GLU A CA  1 
ATOM   622 C  C   . GLU A 1 78  ? -0.088  7.069   -8.325  1.00 17.02 ? 130 GLU A C   1 
ATOM   623 O  O   . GLU A 1 78  ? -1.345  6.991   -8.488  1.00 17.57 ? 130 GLU A O   1 
ATOM   624 C  CB  . GLU A 1 78  ? 1.158   8.651   -9.795  1.00 16.77 ? 130 GLU A CB  1 
ATOM   625 C  CG  . GLU A 1 78  ? 1.495   10.082  -10.029 1.00 19.14 ? 130 GLU A CG  1 
ATOM   626 C  CD  . GLU A 1 78  ? 2.430   10.224  -11.194 1.00 23.68 ? 130 GLU A CD  1 
ATOM   627 O  OE1 . GLU A 1 78  ? 1.941   10.627  -12.245 1.00 27.07 ? 130 GLU A OE1 1 
ATOM   628 O  OE2 . GLU A 1 78  ? 3.619   9.875   -11.122 1.00 21.92 ? 130 GLU A OE2 1 
ATOM   629 N  N   . LEU A 1 79  ? 0.646   5.969   -8.057  1.00 15.33 ? 131 LEU A N   1 
ATOM   630 C  CA  . LEU A 1 79  ? -0.012  4.662   -7.922  1.00 15.47 ? 131 LEU A CA  1 
ATOM   631 C  C   . LEU A 1 79  ? -1.001  4.652   -6.721  1.00 15.58 ? 131 LEU A C   1 
ATOM   632 O  O   . LEU A 1 79  ? -2.096  4.108   -6.798  1.00 15.38 ? 131 LEU A O   1 
ATOM   633 C  CB  . LEU A 1 79  ? 1.102   3.610   -7.694  1.00 17.47 ? 131 LEU A CB  1 
ATOM   634 C  CG  . LEU A 1 79  ? 0.659   2.175   -7.399  1.00 17.98 ? 131 LEU A CG  1 
ATOM   635 C  CD1 . LEU A 1 79  ? 1.842   1.221   -7.380  1.00 18.55 ? 131 LEU A CD1 1 
ATOM   636 C  CD2 . LEU A 1 79  ? 0.004   1.954   -6.014  1.00 25.22 ? 131 LEU A CD2 1 
ATOM   637 N  N   . VAL A 1 80  ? -0.561  5.167   -5.554  1.00 15.28 ? 132 VAL A N   1 
ATOM   638 C  CA  . VAL A 1 80  ? -1.410  5.281   -4.357  1.00 14.51 ? 132 VAL A CA  1 
ATOM   639 C  C   . VAL A 1 80  ? -2.674  6.052   -4.745  1.00 15.14 ? 132 VAL A C   1 
ATOM   640 O  O   . VAL A 1 80  ? -3.798  5.561   -4.458  1.00 15.00 ? 132 VAL A O   1 
ATOM   641 C  CB  . VAL A 1 80  ? -0.645  5.953   -3.169  1.00 15.01 ? 132 VAL A CB  1 
ATOM   642 C  CG1 . VAL A 1 80  ? -1.605  6.474   -2.094  1.00 17.50 ? 132 VAL A CG1 1 
ATOM   643 C  CG2 . VAL A 1 80  ? 0.351   4.934   -2.621  1.00 15.28 ? 132 VAL A CG2 1 
ATOM   644 N  N   . ASP A 1 81  ? -2.471  7.223   -5.385  1.00 15.11 ? 133 ASP A N   1 
ATOM   645 C  CA  . ASP A 1 81  ? -3.662  8.022   -5.690  1.00 17.40 ? 133 ASP A CA  1 
ATOM   646 C  C   . ASP A 1 81  ? -4.632  7.358   -6.651  1.00 15.86 ? 133 ASP A C   1 
ATOM   647 O  O   . ASP A 1 81  ? -5.871  7.475   -6.458  1.00 17.83 ? 133 ASP A O   1 
ATOM   648 C  CB  . ASP A 1 81  ? -3.305  9.447   -6.089  1.00 17.68 ? 133 ASP A CB  1 
ATOM   649 C  CG  . ASP A 1 81  ? -2.739  10.261  -4.943  1.00 19.58 ? 133 ASP A CG  1 
ATOM   650 O  OD1 . ASP A 1 81  ? -2.806  9.855   -3.752  1.00 20.72 ? 133 ASP A OD1 1 
ATOM   651 O  OD2 . ASP A 1 81  ? -2.125  11.361  -5.267  1.00 22.38 ? 133 ASP A OD2 1 
ATOM   652 N  N   . TYR A 1 82  ? -4.114  6.651   -7.639  1.00 15.74 ? 134 TYR A N   1 
ATOM   653 C  CA  . TYR A 1 82  ? -4.960  5.903   -8.555  1.00 15.10 ? 134 TYR A CA  1 
ATOM   654 C  C   . TYR A 1 82  ? -5.839  4.922   -7.770  1.00 15.16 ? 134 TYR A C   1 
ATOM   655 O  O   . TYR A 1 82  ? -7.077  4.771   -8.005  1.00 17.02 ? 134 TYR A O   1 
ATOM   656 C  CB  . TYR A 1 82  ? -4.072  5.188   -9.567  1.00 16.83 ? 134 TYR A CB  1 
ATOM   657 C  CG  . TYR A 1 82  ? -4.873  4.326   -10.518 1.00 18.94 ? 134 TYR A CG  1 
ATOM   658 C  CD1 . TYR A 1 82  ? -5.577  4.920   -11.530 1.00 21.74 ? 134 TYR A CD1 1 
ATOM   659 C  CD2 . TYR A 1 82  ? -4.917  2.963   -10.357 1.00 20.30 ? 134 TYR A CD2 1 
ATOM   660 C  CE1 . TYR A 1 82  ? -6.258  4.136   -12.443 1.00 24.43 ? 134 TYR A CE1 1 
ATOM   661 C  CE2 . TYR A 1 82  ? -5.583  2.144   -11.256 1.00 21.61 ? 134 TYR A CE2 1 
ATOM   662 C  CZ  . TYR A 1 82  ? -6.255  2.765   -12.285 1.00 21.35 ? 134 TYR A CZ  1 
ATOM   663 O  OH  . TYR A 1 82  ? -6.989  1.985   -13.173 1.00 26.02 ? 134 TYR A OH  1 
ATOM   664 N  N   . HIS A 1 83  ? -5.214  4.246   -6.771  1.00 15.87 ? 135 HIS A N   1 
ATOM   665 C  CA  . HIS A 1 83  ? -5.906  3.235   -6.082  1.00 15.91 ? 135 HIS A CA  1 
ATOM   666 C  C   . HIS A 1 83  ? -6.776  3.683   -4.923  1.00 13.68 ? 135 HIS A C   1 
ATOM   667 O  O   . HIS A 1 83  ? -7.423  2.855   -4.271  1.00 14.60 ? 135 HIS A O   1 
ATOM   668 C  CB  . HIS A 1 83  ? -4.896  2.114   -5.697  1.00 14.36 ? 135 HIS A CB  1 
ATOM   669 C  CG  . HIS A 1 83  ? -4.594  1.206   -6.849  1.00 15.73 ? 135 HIS A CG  1 
ATOM   670 N  ND1 . HIS A 1 83  ? -3.407  1.189   -7.498  1.00 20.40 ? 135 HIS A ND1 1 
ATOM   671 C  CD2 . HIS A 1 83  ? -5.396  0.291   -7.503  1.00 14.36 ? 135 HIS A CD2 1 
ATOM   672 C  CE1 . HIS A 1 83  ? -3.470  0.286   -8.495  1.00 17.03 ? 135 HIS A CE1 1 
ATOM   673 N  NE2 . HIS A 1 83  ? -4.674  -0.229  -8.507  1.00 21.60 ? 135 HIS A NE2 1 
ATOM   674 N  N   . ARG A 1 84  ? -6.911  4.995   -4.759  1.00 14.86 ? 136 ARG A N   1 
ATOM   675 C  CA  . ARG A 1 84  ? -7.996  5.540   -3.956  1.00 15.82 ? 136 ARG A CA  1 
ATOM   676 C  C   . ARG A 1 84  ? -9.357  5.410   -4.645  1.00 16.33 ? 136 ARG A C   1 
ATOM   677 O  O   . ARG A 1 84  ? -10.359 5.429   -3.945  1.00 16.51 ? 136 ARG A O   1 
ATOM   678 C  CB  . ARG A 1 84  ? -7.728  7.028   -3.654  1.00 14.51 ? 136 ARG A CB  1 
ATOM   679 C  CG  . ARG A 1 84  ? -6.403  7.210   -2.868  1.00 14.98 ? 136 ARG A CG  1 
ATOM   680 C  CD  . ARG A 1 84  ? -6.173  8.691   -2.721  1.00 15.61 ? 136 ARG A CD  1 
ATOM   681 N  NE  . ARG A 1 84  ? -4.903  8.970   -1.990  1.00 16.92 ? 136 ARG A NE  1 
ATOM   682 C  CZ  . ARG A 1 84  ? -4.785  8.937   -0.666  1.00 17.87 ? 136 ARG A CZ  1 
ATOM   683 N  NH1 . ARG A 1 84  ? -5.823  8.620   0.122   1.00 18.79 ? 136 ARG A NH1 1 
ATOM   684 N  NH2 . ARG A 1 84  ? -3.606  9.247   -0.140  1.00 18.83 ? 136 ARG A NH2 1 
ATOM   685 N  N   . SER A 1 85  ? -9.377  5.342   -5.971  1.00 16.35 ? 137 SER A N   1 
ATOM   686 C  CA  . SER A 1 85  ? -10.685 5.209   -6.700  1.00 18.74 ? 137 SER A CA  1 
ATOM   687 C  C   . SER A 1 85  ? -10.793 4.019   -7.632  1.00 19.22 ? 137 SER A C   1 
ATOM   688 O  O   . SER A 1 85  ? -11.854 3.843   -8.275  1.00 20.76 ? 137 SER A O   1 
ATOM   689 C  CB  . SER A 1 85  ? -11.043 6.476   -7.431  1.00 18.91 ? 137 SER A CB  1 
ATOM   690 O  OG  . SER A 1 85  ? -10.013 6.898   -8.247  1.00 20.29 ? 137 SER A OG  1 
ATOM   691 N  N   . THR A 1 86  ? -9.785  3.166   -7.671  1.00 16.66 ? 138 THR A N   1 
ATOM   692 C  CA  . THR A 1 86  ? -9.877  1.880   -8.392  1.00 16.20 ? 138 THR A CA  1 
ATOM   693 C  C   . THR A 1 86  ? -9.378  0.822   -7.415  1.00 17.50 ? 138 THR A C   1 
ATOM   694 O  O   . THR A 1 86  ? -8.292  1.017   -6.809  1.00 15.79 ? 138 THR A O   1 
ATOM   695 C  CB  . THR A 1 86  ? -8.975  1.896   -9.654  1.00 19.19 ? 138 THR A CB  1 
ATOM   696 O  OG1 . THR A 1 86  ? -9.583  2.765   -10.651 1.00 19.95 ? 138 THR A OG1 1 
ATOM   697 C  CG2 . THR A 1 86  ? -8.948  0.482   -10.268 1.00 20.06 ? 138 THR A CG2 1 
ATOM   698 N  N   . SER A 1 87  ? -10.176 -0.224  -7.215  1.00 16.57 ? 139 SER A N   1 
ATOM   699 C  CA  . SER A 1 87  ? -9.842  -1.181  -6.154  1.00 16.04 ? 139 SER A CA  1 
ATOM   700 C  C   . SER A 1 87  ? -8.405  -1.737  -6.238  1.00 17.27 ? 139 SER A C   1 
ATOM   701 O  O   . SER A 1 87  ? -7.862  -2.014  -7.332  1.00 16.97 ? 139 SER A O   1 
ATOM   702 C  CB  . SER A 1 87  ? -10.817 -2.378  -6.163  1.00 17.27 ? 139 SER A CB  1 
ATOM   703 O  OG  . SER A 1 87  ? -10.491 -3.222  -5.061  1.00 15.52 ? 139 SER A OG  1 
ATOM   704 N  N   . VAL A 1 88  ? -7.748  -1.872  -5.077  1.00 16.87 ? 140 VAL A N   1 
ATOM   705 C  CA  . VAL A 1 88  ? -6.483  -2.594  -5.031  1.00 17.18 ? 140 VAL A CA  1 
ATOM   706 C  C   . VAL A 1 88  ? -6.607  -4.082  -5.193  1.00 17.03 ? 140 VAL A C   1 
ATOM   707 O  O   . VAL A 1 88  ? -5.630  -4.771  -5.537  1.00 17.48 ? 140 VAL A O   1 
ATOM   708 C  CB  . VAL A 1 88  ? -5.628  -2.343  -3.718  1.00 17.09 ? 140 VAL A CB  1 
ATOM   709 C  CG1 . VAL A 1 88  ? -5.254  -0.876  -3.677  1.00 19.79 ? 140 VAL A CG1 1 
ATOM   710 C  CG2 . VAL A 1 88  ? -6.412  -2.728  -2.459  1.00 17.67 ? 140 VAL A CG2 1 
ATOM   711 N  N   . SER A 1 89  ? -7.841  -4.616  -4.992  1.00 16.49 ? 141 SER A N   1 
ATOM   712 C  CA  . SER A 1 89  ? -8.041  -6.051  -4.926  1.00 16.26 ? 141 SER A CA  1 
ATOM   713 C  C   . SER A 1 89  ? -8.883  -6.525  -6.106  1.00 18.32 ? 141 SER A C   1 
ATOM   714 O  O   . SER A 1 89  ? -9.798  -5.742  -6.579  1.00 18.68 ? 141 SER A O   1 
ATOM   715 C  CB  . SER A 1 89  ? -8.747  -6.362  -3.600  1.00 17.65 ? 141 SER A CB  1 
ATOM   716 O  OG  . SER A 1 89  ? -9.293  -7.675  -3.496  1.00 17.57 ? 141 SER A OG  1 
ATOM   717 N  N   . ARG A 1 90  ? -8.613  -7.782  -6.492  1.00 19.05 ? 142 ARG A N   1 
ATOM   718 C  CA  . ARG A 1 90  ? -9.408  -8.454  -7.502  1.00 19.96 ? 142 ARG A CA  1 
ATOM   719 C  C   . ARG A 1 90  ? -10.495 -9.300  -6.846  1.00 19.41 ? 142 ARG A C   1 
ATOM   720 O  O   . ARG A 1 90  ? -11.278 -9.889  -7.573  1.00 20.31 ? 142 ARG A O   1 
ATOM   721 C  CB  . ARG A 1 90  ? -8.552  -9.325  -8.406  1.00 21.39 ? 142 ARG A CB  1 
ATOM   722 C  CG  . ARG A 1 90  ? -7.662  -8.468  -9.292  1.00 21.32 ? 142 ARG A CG  1 
ATOM   723 C  CD  . ARG A 1 90  ? -6.892  -9.280  -10.321 1.00 24.92 ? 142 ARG A CD  1 
ATOM   724 N  NE  . ARG A 1 90  ? -6.321  -8.406  -11.343 1.00 31.31 ? 142 ARG A NE  1 
ATOM   725 C  CZ  . ARG A 1 90  ? -5.563  -8.830  -12.353 1.00 33.62 ? 142 ARG A CZ  1 
ATOM   726 N  NH1 . ARG A 1 90  ? -5.235  -10.124 -12.441 1.00 37.65 ? 142 ARG A NH1 1 
ATOM   727 N  NH2 . ARG A 1 90  ? -5.104  -7.962  -13.251 1.00 28.72 ? 142 ARG A NH2 1 
ATOM   728 N  N   . ASN A 1 91  ? -10.555 -9.378  -5.511  1.00 18.93 ? 143 ASN A N   1 
ATOM   729 C  CA  . ASN A 1 91  ? -11.588 -10.160 -4.882  1.00 18.40 ? 143 ASN A CA  1 
ATOM   730 C  C   . ASN A 1 91  ? -12.600 -9.351  -4.103  1.00 17.45 ? 143 ASN A C   1 
ATOM   731 O  O   . ASN A 1 91  ? -13.693 -9.883  -3.749  1.00 16.74 ? 143 ASN A O   1 
ATOM   732 C  CB  . ASN A 1 91  ? -10.993 -11.162 -3.908  1.00 21.74 ? 143 ASN A CB  1 
ATOM   733 C  CG  . ASN A 1 91  ? -10.095 -12.136 -4.586  1.00 26.69 ? 143 ASN A CG  1 
ATOM   734 O  OD1 . ASN A 1 91  ? -10.305 -12.486 -5.742  1.00 32.47 ? 143 ASN A OD1 1 
ATOM   735 N  ND2 . ASN A 1 91  ? -9.077  -12.606 -3.836  1.00 29.39 ? 143 ASN A ND2 1 
ATOM   736 N  N   . GLN A 1 92  ? -12.236 -8.104  -3.809  1.00 17.55 ? 144 GLN A N   1 
ATOM   737 C  CA  . GLN A 1 92  ? -13.117 -7.211  -3.043  1.00 17.64 ? 144 GLN A CA  1 
ATOM   738 C  C   . GLN A 1 92  ? -12.901 -5.816  -3.557  1.00 17.03 ? 144 GLN A C   1 
ATOM   739 O  O   . GLN A 1 92  ? -11.857 -5.513  -4.176  1.00 17.64 ? 144 GLN A O   1 
ATOM   740 C  CB  . GLN A 1 92  ? -12.756 -7.184  -1.538  1.00 19.06 ? 144 GLN A CB  1 
ATOM   741 C  CG  . GLN A 1 92  ? -12.873 -8.509  -0.811  1.00 19.24 ? 144 GLN A CG  1 
ATOM   742 C  CD  . GLN A 1 92  ? -11.559 -9.289  -0.711  1.00 24.56 ? 144 GLN A CD  1 
ATOM   743 O  OE1 . GLN A 1 92  ? -10.471 -8.768  -0.871  1.00 27.59 ? 144 GLN A OE1 1 
ATOM   744 N  NE2 . GLN A 1 92  ? -11.681 -10.581 -0.397  1.00 30.85 ? 144 GLN A NE2 1 
ATOM   745 N  N   . GLN A 1 93  ? -13.901 -4.967  -3.359  1.00 15.99 ? 145 GLN A N   1 
ATOM   746 C  CA  . GLN A 1 93  ? -13.737 -3.545  -3.608  1.00 16.67 ? 145 GLN A CA  1 
ATOM   747 C  C   . GLN A 1 93  ? -13.101 -2.920  -2.336  1.00 16.85 ? 145 GLN A C   1 
ATOM   748 O  O   . GLN A 1 93  ? -13.781 -2.613  -1.323  1.00 18.11 ? 145 GLN A O   1 
ATOM   749 C  CB  . GLN A 1 93  ? -15.129 -2.886  -3.917  1.00 17.14 ? 145 GLN A CB  1 
ATOM   750 C  CG  . GLN A 1 93  ? -15.747 -3.357  -5.217  1.00 19.18 ? 145 GLN A CG  1 
ATOM   751 C  CD  . GLN A 1 93  ? -14.895 -2.961  -6.400  1.00 17.73 ? 145 GLN A CD  1 
ATOM   752 O  OE1 . GLN A 1 93  ? -13.868 -3.588  -6.659  1.00 19.45 ? 145 GLN A OE1 1 
ATOM   753 N  NE2 . GLN A 1 93  ? -15.265 -1.872  -7.072  1.00 19.68 ? 145 GLN A NE2 1 
ATOM   754 N  N   . ILE A 1 94  ? -11.817 -2.586  -2.514  1.00 15.13 ? 146 ILE A N   1 
ATOM   755 C  CA  . ILE A 1 94  ? -11.026 -2.037  -1.421  1.00 15.77 ? 146 ILE A CA  1 
ATOM   756 C  C   . ILE A 1 94  ? -10.316 -0.816  -2.012  1.00 16.59 ? 146 ILE A C   1 
ATOM   757 O  O   . ILE A 1 94  ? -9.445  -0.918  -2.879  1.00 17.29 ? 146 ILE A O   1 
ATOM   758 C  CB  . ILE A 1 94  ? -10.009 -3.045  -0.837  1.00 17.50 ? 146 ILE A CB  1 
ATOM   759 C  CG1 . ILE A 1 94  ? -10.700 -4.328  -0.347  1.00 18.25 ? 146 ILE A CG1 1 
ATOM   760 C  CG2 . ILE A 1 94  ? -9.261  -2.293  0.306   1.00 18.99 ? 146 ILE A CG2 1 
ATOM   761 C  CD1 . ILE A 1 94  ? -9.701  -5.409  0.087   1.00 21.97 ? 146 ILE A CD1 1 
ATOM   762 N  N   . PHE A 1 95  ? -10.705 0.348   -1.541  1.00 16.23 ? 147 PHE A N   1 
ATOM   763 C  CA  . PHE A 1 95  ? -10.141 1.619   -2.033  1.00 15.39 ? 147 PHE A CA  1 
ATOM   764 C  C   . PHE A 1 95  ? -9.267  2.260   -0.955  1.00 14.14 ? 147 PHE A C   1 
ATOM   765 O  O   . PHE A 1 95  ? -9.653  2.403   0.224   1.00 16.30 ? 147 PHE A O   1 
ATOM   766 C  CB  . PHE A 1 95  ? -11.261 2.590   -2.398  1.00 17.03 ? 147 PHE A CB  1 
ATOM   767 C  CG  . PHE A 1 95  ? -12.177 2.056   -3.440  1.00 16.89 ? 147 PHE A CG  1 
ATOM   768 C  CD1 . PHE A 1 95  ? -11.795 2.129   -4.779  1.00 21.54 ? 147 PHE A CD1 1 
ATOM   769 C  CD2 . PHE A 1 95  ? -13.360 1.404   -3.104  1.00 17.01 ? 147 PHE A CD2 1 
ATOM   770 C  CE1 . PHE A 1 95  ? -12.627 1.632   -5.783  1.00 21.83 ? 147 PHE A CE1 1 
ATOM   771 C  CE2 . PHE A 1 95  ? -14.203 0.892   -4.117  1.00 17.68 ? 147 PHE A CE2 1 
ATOM   772 C  CZ  . PHE A 1 95  ? -13.810 0.992   -5.424  1.00 18.79 ? 147 PHE A CZ  1 
ATOM   773 N  N   . LEU A 1 96  ? -8.056  2.627   -1.372  1.00 15.26 ? 148 LEU A N   1 
ATOM   774 C  CA  . LEU A 1 96  ? -7.111  3.247   -0.444  1.00 14.26 ? 148 LEU A CA  1 
ATOM   775 C  C   . LEU A 1 96  ? -7.666  4.547   0.160   1.00 15.00 ? 148 LEU A C   1 
ATOM   776 O  O   . LEU A 1 96  ? -8.219  5.445   -0.545  1.00 17.93 ? 148 LEU A O   1 
ATOM   777 C  CB  . LEU A 1 96  ? -5.779  3.566   -1.144  1.00 12.98 ? 148 LEU A CB  1 
ATOM   778 C  CG  . LEU A 1 96  ? -5.088  2.301   -1.639  1.00 13.94 ? 148 LEU A CG  1 
ATOM   779 C  CD1 . LEU A 1 96  ? -3.733  2.714   -2.173  1.00 14.26 ? 148 LEU A CD1 1 
ATOM   780 C  CD2 . LEU A 1 96  ? -4.909  1.145   -0.640  1.00 14.51 ? 148 LEU A CD2 1 
ATOM   781 N  N   . ARG A 1 97  ? -7.523  4.653   1.487   1.00 14.93 ? 149 ARG A N   1 
ATOM   782 C  CA  . ARG A 1 97  ? -7.908  5.859   2.233   1.00 15.41 ? 149 ARG A CA  1 
ATOM   783 C  C   . ARG A 1 97  ? -6.847  6.117   3.284   1.00 16.32 ? 149 ARG A C   1 
ATOM   784 O  O   . ARG A 1 97  ? -6.295  5.158   3.764   1.00 17.32 ? 149 ARG A O   1 
ATOM   785 C  CB  . ARG A 1 97  ? -9.300  5.723   2.831   1.00 18.30 ? 149 ARG A CB  1 
ATOM   786 C  CG  . ARG A 1 97  ? -9.394  4.526   3.778   1.00 18.68 ? 149 ARG A CG  1 
ATOM   787 C  CD  . ARG A 1 97  ? -10.766 4.478   4.465   1.00 22.21 ? 149 ARG A CD  1 
ATOM   788 N  NE  . ARG A 1 97  ? -10.966 5.676   5.297   1.00 23.37 ? 149 ARG A NE  1 
ATOM   789 C  CZ  . ARG A 1 97  ? -12.165 6.269   5.455   1.00 28.49 ? 149 ARG A CZ  1 
ATOM   790 N  NH1 . ARG A 1 97  ? -13.245 5.760   4.838   1.00 26.26 ? 149 ARG A NH1 1 
ATOM   791 N  NH2 . ARG A 1 97  ? -12.302 7.347   6.207   1.00 31.12 ? 149 ARG A NH2 1 
ATOM   792 N  N   . ASP A 1 98  ? -6.489  7.373   3.540   1.00 18.42 ? 150 ASP A N   1 
ATOM   793 C  CA  . ASP A 1 98  ? -5.458  7.646   4.559   1.00 17.65 ? 150 ASP A CA  1 
ATOM   794 C  C   . ASP A 1 98  ? -5.794  7.095   5.943   1.00 18.27 ? 150 ASP A C   1 
ATOM   795 O  O   . ASP A 1 98  ? -6.978  7.085   6.375   1.00 19.86 ? 150 ASP A O   1 
ATOM   796 C  CB  . ASP A 1 98  ? -5.325  9.144   4.741   1.00 22.35 ? 150 ASP A CB  1 
ATOM   797 C  CG  . ASP A 1 98  ? -4.714  9.823   3.526   1.00 24.09 ? 150 ASP A CG  1 
ATOM   798 O  OD1 . ASP A 1 98  ? -4.101  9.139   2.688   1.00 24.05 ? 150 ASP A OD1 1 
ATOM   799 O  OD2 . ASP A 1 98  ? -4.814  11.058  3.476   1.00 26.60 ? 150 ASP A OD2 1 
ATOM   800 N  N   . ILE A 1 99  ? -4.753  6.654   6.642   1.00 18.61 ? 151 ILE A N   1 
ATOM   801 C  CA  . ILE A 1 99  ? -4.922  6.279   8.036   1.00 18.37 ? 151 ILE A CA  1 
ATOM   802 C  C   . ILE A 1 99  ? -5.496  7.460   8.828   1.00 19.77 ? 151 ILE A C   1 
ATOM   803 O  O   . ILE A 1 99  ? -5.346  8.640   8.409   1.00 19.23 ? 151 ILE A O   1 
ATOM   804 C  CB  . ILE A 1 99  ? -3.623  5.848   8.670   1.00 19.54 ? 151 ILE A CB  1 
ATOM   805 C  CG1 . ILE A 1 99  ? -2.529  6.815   8.334   1.00 22.95 ? 151 ILE A CG1 1 
ATOM   806 C  CG2 . ILE A 1 99  ? -3.220  4.442   8.181   1.00 20.76 ? 151 ILE A CG2 1 
ATOM   807 C  CD1 . ILE A 1 99  ? -1.361  6.657   9.292   1.00 26.14 ? 151 ILE A CD1 1 
ATOM   808 N  N   . GLU A 1 100 ? -6.190  7.133   9.892   0.75 16.72 ? 152 GLU A N   1 
ATOM   809 C  CA  . GLU A 1 100 ? -6.883  8.153   10.678  0.75 21.87 ? 152 GLU A CA  1 
ATOM   810 C  C   . GLU A 1 100 ? -5.923  9.233   11.161  0.75 26.20 ? 152 GLU A C   1 
ATOM   811 O  O   . GLU A 1 100 ? -6.217  10.457  11.060  0.75 31.46 ? 152 GLU A O   1 
ATOM   812 C  CB  . GLU A 1 100 ? -7.567  7.487   11.879  0.75 23.11 ? 152 GLU A CB  1 
ATOM   813 C  CG  . GLU A 1 100 ? -8.806  6.648   11.653  0.75 23.18 ? 152 GLU A CG  1 
ATOM   814 C  CD  . GLU A 1 100 ? -8.927  5.516   12.691  0.75 25.18 ? 152 GLU A CD  1 
ATOM   815 O  OE1 . GLU A 1 100 ? -8.238  5.549   13.734  0.75 28.98 ? 152 GLU A OE1 1 
ATOM   816 O  OE2 . GLU A 1 100 ? -9.612  4.556   12.467  0.75 16.52 ? 152 GLU A OE2 1 
ATOM   817 N  N   . GLN A 1 101 ? -4.769  8.788   11.640  1.00 28.88 ? 153 GLN A N   1 
ATOM   818 C  CA  . GLN A 1 101 ? -3.869  9.565   12.526  1.00 43.51 ? 153 GLN A CA  1 
ATOM   819 C  C   . GLN A 1 101 ? -4.585  10.167  13.769  1.00 44.84 ? 153 GLN A C   1 
ATOM   820 O  O   . GLN A 1 101 ? -4.964  11.354  13.798  1.00 49.31 ? 153 GLN A O   1 
ATOM   821 C  CB  . GLN A 1 101 ? -3.037  10.609  11.755  1.00 43.30 ? 153 GLN A CB  1 
ATOM   822 C  CG  . GLN A 1 101 ? -1.883  10.020  10.952  1.00 43.01 ? 153 GLN A CG  1 
HETATM 823 C  C1  . PHQ B 2 1   ? 1.527   -12.761 0.441   1.00 23.15 ? 1   PHQ B C1  1 
HETATM 824 O  O1  . PHQ B 2 1   ? 1.219   -11.934 1.354   1.00 21.97 ? 1   PHQ B O1  1 
HETATM 825 O  O2  . PHQ B 2 1   ? 1.920   -14.019 0.722   1.00 26.62 ? 1   PHQ B O2  1 
HETATM 826 C  C2  . PHQ B 2 1   ? 2.082   -14.410 2.109   1.00 30.54 ? 1   PHQ B C2  1 
HETATM 827 C  C3  . PHQ B 2 1   ? 3.273   -13.957 2.718   1.00 34.67 ? 1   PHQ B C3  1 
HETATM 828 C  C4  . PHQ B 2 1   ? 3.403   -14.083 4.131   1.00 37.94 ? 1   PHQ B C4  1 
HETATM 829 C  C5  . PHQ B 2 1   ? 4.572   -13.636 4.797   1.00 36.46 ? 1   PHQ B C5  1 
HETATM 830 C  C6  . PHQ B 2 1   ? 5.630   -13.044 4.089   1.00 34.18 ? 1   PHQ B C6  1 
HETATM 831 C  C7  . PHQ B 2 1   ? 5.525   -12.918 2.691   1.00 36.23 ? 1   PHQ B C7  1 
HETATM 832 C  C8  . PHQ B 2 1   ? 4.356   -13.372 2.019   1.00 37.29 ? 1   PHQ B C8  1 
HETATM 833 N  N   . PTR B 2 2   ? 1.472   -12.517 -0.882  1.00 19.26 ? 2   PTR B N   1 
HETATM 834 C  CA  . PTR B 2 2   ? 0.974   -11.236 -1.432  1.00 17.52 ? 2   PTR B CA  1 
HETATM 835 C  C   . PTR B 2 2   ? -0.261  -11.519 -2.303  1.00 17.71 ? 2   PTR B C   1 
HETATM 836 O  O   . PTR B 2 2   ? -0.278  -12.418 -3.134  1.00 18.82 ? 2   PTR B O   1 
HETATM 837 C  CB  . PTR B 2 2   ? 2.094   -10.482 -2.237  1.00 18.11 ? 2   PTR B CB  1 
HETATM 838 C  CG  . PTR B 2 2   ? 3.239   -10.228 -1.388  1.00 18.69 ? 2   PTR B CG  1 
HETATM 839 C  CD1 . PTR B 2 2   ? 3.358   -9.048  -0.652  1.00 17.39 ? 2   PTR B CD1 1 
HETATM 840 C  CD2 . PTR B 2 2   ? 4.268   -11.167 -1.309  1.00 19.49 ? 2   PTR B CD2 1 
HETATM 841 C  CE1 . PTR B 2 2   ? 4.455   -8.893  0.186   1.00 17.13 ? 2   PTR B CE1 1 
HETATM 842 C  CE2 . PTR B 2 2   ? 5.393   -11.017 -0.496  1.00 18.26 ? 2   PTR B CE2 1 
HETATM 843 C  CZ  . PTR B 2 2   ? 5.472   -9.869  0.252   1.00 17.29 ? 2   PTR B CZ  1 
HETATM 844 O  OH  . PTR B 2 2   ? 6.537   -9.746  1.074   1.00 17.68 ? 2   PTR B OH  1 
HETATM 845 P  P   . PTR B 2 2   ? 6.775   -8.678  2.294   1.00 17.58 ? 2   PTR B P   1 
HETATM 846 O  O1P . PTR B 2 2   ? 7.966   -9.322  3.080   1.00 16.31 ? 2   PTR B O1P 1 
HETATM 847 O  O2P . PTR B 2 2   ? 5.518   -8.539  3.085   1.00 18.11 ? 2   PTR B O2P 1 
HETATM 848 O  O3P . PTR B 2 2   ? 7.249   -7.378  1.653   1.00 17.77 ? 2   PTR B O3P 1 
HETATM 849 O  O   . 02K B 2 3   ? -2.877  -11.575 -5.228  1.00 18.52 ? 3   02K B O   1 
HETATM 850 C  CD  . 02K B 2 3   ? -4.525  -10.649 -0.885  1.00 18.92 ? 3   02K B CD  1 
HETATM 851 C  CG  . 02K B 2 3   ? -3.644  -11.887 -1.024  1.00 18.28 ? 3   02K B CG  1 
HETATM 852 C  CE  . 02K B 2 3   ? -3.860  -9.345  -1.378  1.00 18.44 ? 3   02K B CE  1 
HETATM 853 C  CB  . 02K B 2 3   ? -3.244  -12.016 -2.543  1.00 17.27 ? 3   02K B CB  1 
HETATM 854 C  CH  . 02K B 2 3   ? -3.270  -9.397  -2.824  1.00 17.20 ? 3   02K B CH  1 
HETATM 855 N  N   . 02K B 2 3   ? -1.246  -10.615 -2.207  1.00 17.48 ? 3   02K B N   1 
HETATM 856 C  C   . 02K B 2 3   ? -2.235  -10.862 -4.400  1.00 18.54 ? 3   02K B C   1 
HETATM 857 C  CA  . 02K B 2 3   ? -2.525  -10.794 -2.852  1.00 17.82 ? 3   02K B CA  1 
ATOM   858 N  N   . ASN B 2 4   ? -1.248  -10.050 -4.940  1.00 15.63 ? 4   ASN B N   1 
ATOM   859 C  CA  . ASN B 2 4   ? -0.888  -9.904  -6.390  1.00 18.00 ? 4   ASN B CA  1 
ATOM   860 C  C   . ASN B 2 4   ? 0.430   -10.688 -6.637  1.00 19.51 ? 4   ASN B C   1 
ATOM   861 O  O   . ASN B 2 4   ? 1.055   -10.496 -7.651  1.00 22.05 ? 4   ASN B O   1 
ATOM   862 C  CB  . ASN B 2 4   ? -0.758  -8.433  -6.791  1.00 17.67 ? 4   ASN B CB  1 
ATOM   863 C  CG  . ASN B 2 4   ? 0.388   -7.720  -6.051  1.00 16.31 ? 4   ASN B CG  1 
ATOM   864 O  OD1 . ASN B 2 4   ? 0.806   -8.199  -4.969  1.00 17.24 ? 4   ASN B OD1 1 
ATOM   865 N  ND2 . ASN B 2 4   ? 0.915   -6.647  -6.639  1.00 16.63 ? 4   ASN B ND2 1 
HETATM 866 N  N   . NH2 B 2 5   ? 0.699   -11.667 -5.820  1.00 21.45 ? 5   NH2 B N   1 
HETATM 867 CL CL  . CL  C 3 .   ? -12.843 -0.489  -9.020  1.00 27.74 ? 201 CL  A CL  1 
HETATM 868 O  O   . HOH D 4 .   ? -6.714  6.976   15.079  1.00 27.62 ? 301 HOH A O   1 
HETATM 869 O  O   . HOH D 4 .   ? -10.391 6.673   -0.713  1.00 26.74 ? 302 HOH A O   1 
HETATM 870 O  O   . HOH D 4 .   ? -14.376 3.298   -8.444  1.00 32.15 ? 303 HOH A O   1 
HETATM 871 O  O   . HOH D 4 .   ? -11.797 3.007   1.587   1.00 26.29 ? 304 HOH A O   1 
HETATM 872 O  O   . HOH D 4 .   ? -4.345  6.516   12.884  1.00 31.65 ? 305 HOH A O   1 
HETATM 873 O  O   . HOH D 4 .   ? -3.044  -4.782  16.158  1.00 30.11 ? 306 HOH A O   1 
HETATM 874 O  O   . HOH D 4 .   ? 3.288   -11.936 -8.829  1.00 29.41 ? 307 HOH A O   1 
HETATM 875 O  O   . HOH D 4 .   ? -15.886 -0.936  -1.031  0.50 21.47 ? 308 HOH A O   1 
HETATM 876 O  O   . HOH D 4 .   ? 12.652  0.267   -0.695  1.00 18.85 ? 309 HOH A O   1 
HETATM 877 O  O   . HOH D 4 .   ? 8.900   -1.942  -5.542  1.00 19.27 ? 310 HOH A O   1 
HETATM 878 O  O   . HOH D 4 .   ? 13.990  1.959   -10.630 1.00 42.13 ? 311 HOH A O   1 
HETATM 879 O  O   . HOH D 4 .   ? 2.512   8.108   -14.053 1.00 29.30 ? 312 HOH A O   1 
HETATM 880 O  O   . HOH D 4 .   ? -8.700  5.358   -10.169 1.00 24.19 ? 313 HOH A O   1 
HETATM 881 O  O   . HOH D 4 .   ? 14.721  -3.347  3.236   1.00 27.06 ? 314 HOH A O   1 
HETATM 882 O  O   . HOH D 4 .   ? 4.315   -6.236  15.273  1.00 20.54 ? 315 HOH A O   1 
HETATM 883 O  O   . HOH D 4 .   ? 7.548   2.299   -19.179 1.00 27.80 ? 316 HOH A O   1 
HETATM 884 O  O   . HOH D 4 .   ? -12.834 1.075   17.455  1.00 22.63 ? 317 HOH A O   1 
HETATM 885 O  O   . HOH D 4 .   ? 9.081   -10.944 -0.892  1.00 21.50 ? 318 HOH A O   1 
HETATM 886 O  O   . HOH D 4 .   ? -15.645 2.896   6.709   1.00 38.62 ? 319 HOH A O   1 
HETATM 887 O  O   . HOH D 4 .   ? 0.767   -6.984  -15.630 1.00 32.22 ? 320 HOH A O   1 
HETATM 888 O  O   . HOH D 4 .   ? -3.410  2.464   14.007  1.00 24.42 ? 321 HOH A O   1 
HETATM 889 O  O   . HOH D 4 .   ? -2.030  0.879   20.664  1.00 36.22 ? 322 HOH A O   1 
HETATM 890 O  O   . HOH D 4 .   ? 13.014  -2.281  0.573   1.00 23.00 ? 323 HOH A O   1 
HETATM 891 O  O   . HOH D 4 .   ? -17.175 -0.074  -5.738  1.00 23.19 ? 324 HOH A O   1 
HETATM 892 O  O   . HOH D 4 .   ? -12.648 0.477   0.715   1.00 20.74 ? 325 HOH A O   1 
HETATM 893 O  O   . HOH D 4 .   ? 7.589   -9.140  9.881   1.00 27.05 ? 326 HOH A O   1 
HETATM 894 O  O   . HOH D 4 .   ? 8.898   -2.253  -19.573 1.00 35.42 ? 327 HOH A O   1 
HETATM 895 O  O   . HOH D 4 .   ? -12.098 8.017   11.784  1.00 32.93 ? 328 HOH A O   1 
HETATM 896 O  O   . HOH D 4 .   ? 9.100   -7.800  7.335   1.00 21.80 ? 329 HOH A O   1 
HETATM 897 O  O   . HOH D 4 .   ? 8.597   -4.035  5.329   1.00 17.94 ? 330 HOH A O   1 
HETATM 898 O  O   . HOH D 4 .   ? -1.749  -10.711 2.058   1.00 22.38 ? 331 HOH A O   1 
HETATM 899 O  O   . HOH D 4 .   ? -2.262  6.238   5.143   1.00 26.23 ? 332 HOH A O   1 
HETATM 900 O  O   . HOH D 4 .   ? -8.270  9.494   2.460   1.00 24.15 ? 333 HOH A O   1 
HETATM 901 O  O   . HOH D 4 .   ? -8.289  -11.693 -1.211  1.00 26.35 ? 334 HOH A O   1 
HETATM 902 O  O   . HOH D 4 .   ? -1.043  13.278  1.249   1.00 32.81 ? 335 HOH A O   1 
HETATM 903 O  O   . HOH D 4 .   ? -1.495  10.603  -1.485  1.00 20.43 ? 336 HOH A O   1 
HETATM 904 O  O   . HOH D 4 .   ? -9.161  3.852   9.597   1.00 20.10 ? 337 HOH A O   1 
HETATM 905 O  O   . HOH D 4 .   ? -14.894 -0.116  6.878   1.00 28.54 ? 338 HOH A O   1 
HETATM 906 O  O   . HOH D 4 .   ? -15.341 -2.544  3.210   1.00 27.10 ? 339 HOH A O   1 
HETATM 907 O  O   . HOH D 4 .   ? -13.562 2.686   4.215   1.00 28.30 ? 340 HOH A O   1 
HETATM 908 O  O   . HOH D 4 .   ? -8.503  -10.524 3.301   1.00 26.74 ? 341 HOH A O   1 
HETATM 909 O  O   . HOH D 4 .   ? -1.715  -1.002  -10.594 1.00 21.88 ? 342 HOH A O   1 
HETATM 910 O  O   . HOH D 4 .   ? -3.886  -2.041  -12.276 1.00 26.33 ? 343 HOH A O   1 
HETATM 911 O  O   . HOH D 4 .   ? -0.914  13.085  -3.427  1.00 27.83 ? 344 HOH A O   1 
HETATM 912 O  O   . HOH D 4 .   ? -7.107  -1.021  -13.067 1.00 33.91 ? 345 HOH A O   1 
HETATM 913 O  O   . HOH D 4 .   ? -7.457  -9.001  -2.224  1.00 22.56 ? 346 HOH A O   1 
HETATM 914 O  O   . HOH D 4 .   ? -6.753  -9.255  -4.970  1.00 18.84 ? 347 HOH A O   1 
HETATM 915 O  O   . HOH D 4 .   ? -6.445  -14.100 -3.947  1.00 35.84 ? 348 HOH A O   1 
HETATM 916 O  O   . HOH D 4 .   ? -9.165  5.909   7.581   1.00 22.78 ? 349 HOH A O   1 
HETATM 917 O  O   . HOH D 4 .   ? -10.377 8.292   8.645   1.00 33.36 ? 350 HOH A O   1 
HETATM 918 O  O   . HOH D 4 .   ? -2.605  8.888   -10.237 1.00 28.74 ? 351 HOH A O   1 
HETATM 919 O  O   . HOH D 4 .   ? -0.614  11.775  -7.660  0.50 22.04 ? 352 HOH A O   1 
HETATM 920 O  O   . HOH D 4 .   ? -13.455 -2.088  1.236   0.50 15.57 ? 353 HOH A O   1 
HETATM 921 O  O   . HOH E 4 .   ? 2.549   -14.507 -2.552  1.00 29.76 ? 101 HOH B O   1 
HETATM 922 O  O   . HOH E 4 .   ? 9.048   -7.388  4.583   1.00 21.18 ? 102 HOH B O   1 
HETATM 923 O  O   . HOH E 4 .   ? -5.684  -11.806 -5.558  1.00 21.71 ? 103 HOH B O   1 
# 
